data_4M25
#
_entry.id   4M25
#
_cell.length_a   68.205
_cell.length_b   117.262
_cell.length_c   96.556
_cell.angle_alpha   90.00
_cell.angle_beta   91.86
_cell.angle_gamma   90.00
#
_symmetry.space_group_name_H-M   'P 1 21 1'
#
loop_
_entity.id
_entity.type
_entity.pdbx_description
1 polymer 'L-arginine beta-hydroxylase'
2 non-polymer 'FE (III) ION'
3 non-polymer '2-OXOGLUTARIC ACID'
4 water water
#
_entity_poly.entity_id   1
_entity_poly.type   'polypeptide(L)'
_entity_poly.pdbx_seq_one_letter_code
;MGSSHHHHHHSSGLVPRGSHMSNLTDQSTPSYSLTPAEASAVAELTLELAAAYGSFGDPVLLRDLPRLAARLPEGVQDFL
REFKLADRHGHTVIRGHDFDQRRIGPTPDHWRGRVRPGPEFPEELLLMLYSALLGEPFGWATQQDGHLVHDIFPIRSHEN
DQLGMGSKQLLTWHTEDAFHPYRSDYLILGALRNPDHVPTTVGELDLSSLSAEDIDVLFEPRYHIAPDESHLPKNNTIAT
EEEAARFATIQRMIDERPLGPLLYGSRLDPYMRLDPYFTSVPQDDTDARRAYDALFKVVDSGMREVVADQGDVLFIDNHR
AVHGRLPFQARYDGTDRWLKRVCVTSDLRRSREMRATSATRLLG
;
_entity_poly.pdbx_strand_id   A,B,C,D
#
loop_
_chem_comp.id
_chem_comp.type
_chem_comp.name
_chem_comp.formula
AKG non-polymer '2-OXOGLUTARIC ACID' 'C5 H6 O5'
FE non-polymer 'FE (III) ION' 'Fe 3'
#
# COMPACT_ATOMS: atom_id res chain seq x y z
N THR A 29 19.48 -4.84 -39.25
CA THR A 29 18.74 -5.09 -37.97
C THR A 29 18.67 -3.82 -37.10
N PRO A 30 17.45 -3.28 -36.86
CA PRO A 30 17.25 -2.13 -35.99
C PRO A 30 17.82 -2.37 -34.59
N SER A 31 18.42 -1.32 -34.03
CA SER A 31 18.89 -1.37 -32.66
C SER A 31 18.60 -0.01 -32.02
N TYR A 32 18.72 0.07 -30.71
CA TYR A 32 18.49 1.32 -30.00
C TYR A 32 19.74 1.66 -29.23
N SER A 33 20.23 2.90 -29.42
CA SER A 33 21.38 3.33 -28.67
C SER A 33 20.98 4.38 -27.64
N LEU A 34 21.18 4.07 -26.36
CA LEU A 34 20.82 4.98 -25.26
C LEU A 34 21.70 6.23 -25.28
N THR A 35 21.10 7.39 -25.08
CA THR A 35 21.86 8.58 -24.77
C THR A 35 22.40 8.44 -23.37
N PRO A 36 23.46 9.22 -23.02
CA PRO A 36 23.91 9.19 -21.66
C PRO A 36 22.77 9.49 -20.63
N ALA A 37 21.84 10.38 -21.00
CA ALA A 37 20.70 10.72 -20.16
C ALA A 37 19.81 9.52 -19.92
N GLU A 38 19.49 8.78 -20.99
CA GLU A 38 18.66 7.59 -20.86
C GLU A 38 19.37 6.50 -20.01
N ALA A 39 20.68 6.31 -20.24
CA ALA A 39 21.48 5.31 -19.47
C ALA A 39 21.49 5.64 -17.97
N SER A 40 21.63 6.91 -17.68
CA SER A 40 21.62 7.35 -16.32
C SER A 40 20.25 7.10 -15.68
N ALA A 41 19.20 7.44 -16.40
CA ALA A 41 17.82 7.20 -15.91
C ALA A 41 17.59 5.69 -15.65
N VAL A 42 18.04 4.86 -16.60
CA VAL A 42 17.88 3.38 -16.45
C VAL A 42 18.67 2.90 -15.27
N ALA A 43 19.92 3.33 -15.14
CA ALA A 43 20.73 2.93 -14.00
C ALA A 43 20.11 3.33 -12.63
N GLU A 44 19.67 4.58 -12.51
CA GLU A 44 19.10 5.08 -11.28
C GLU A 44 17.81 4.29 -10.88
N LEU A 45 16.95 4.02 -11.88
CA LEU A 45 15.75 3.20 -11.69
C LEU A 45 16.12 1.80 -11.16
N THR A 46 17.12 1.14 -11.76
CA THR A 46 17.44 -0.23 -11.34
C THR A 46 18.04 -0.22 -9.94
N LEU A 47 18.82 0.81 -9.59
CA LEU A 47 19.34 0.88 -8.24
C LEU A 47 18.25 1.15 -7.23
N GLU A 48 17.28 1.98 -7.59
CA GLU A 48 16.13 2.29 -6.71
C GLU A 48 15.30 1.00 -6.45
N LEU A 49 14.98 0.29 -7.51
CA LEU A 49 14.23 -0.97 -7.37
C LEU A 49 15.03 -2.05 -6.60
N ALA A 50 16.32 -2.17 -6.87
CA ALA A 50 17.16 -3.12 -6.10
C ALA A 50 17.08 -2.82 -4.59
N ALA A 51 16.99 -1.53 -4.26
CA ALA A 51 16.97 -1.14 -2.86
C ALA A 51 15.59 -1.39 -2.25
N ALA A 52 14.53 -1.18 -3.04
CA ALA A 52 13.15 -1.27 -2.55
C ALA A 52 12.65 -2.69 -2.41
N TYR A 53 13.18 -3.61 -3.21
CA TYR A 53 12.73 -5.00 -3.20
C TYR A 53 13.80 -5.95 -2.63
N GLY A 54 13.35 -7.04 -2.03
CA GLY A 54 14.30 -7.99 -1.40
C GLY A 54 15.20 -8.70 -2.41
N SER A 55 14.55 -9.48 -3.26
CA SER A 55 15.16 -10.43 -4.15
C SER A 55 14.01 -10.74 -5.08
N PHE A 56 14.23 -11.66 -6.02
CA PHE A 56 13.13 -12.18 -6.82
C PHE A 56 12.24 -13.16 -6.08
N GLY A 57 12.68 -13.53 -4.87
CA GLY A 57 11.91 -14.35 -3.94
C GLY A 57 10.68 -13.60 -3.43
N ASP A 58 10.67 -12.27 -3.60
CA ASP A 58 9.47 -11.47 -3.37
C ASP A 58 8.46 -11.65 -4.55
N PRO A 59 7.31 -12.31 -4.27
CA PRO A 59 6.28 -12.39 -5.31
C PRO A 59 5.68 -11.03 -5.67
N VAL A 60 5.79 -10.05 -4.76
CA VAL A 60 5.33 -8.69 -5.05
C VAL A 60 6.17 -8.08 -6.19
N LEU A 61 7.48 -8.31 -6.19
CA LEU A 61 8.28 -7.79 -7.33
C LEU A 61 7.77 -8.32 -8.64
N LEU A 62 7.55 -9.63 -8.71
CA LEU A 62 7.04 -10.26 -9.91
C LEU A 62 5.68 -9.70 -10.34
N ARG A 63 4.77 -9.43 -9.41
CA ARG A 63 3.51 -8.80 -9.74
C ARG A 63 3.73 -7.39 -10.33
N ASP A 64 4.67 -6.64 -9.73
CA ASP A 64 4.85 -5.22 -10.06
C ASP A 64 5.62 -5.02 -11.35
N LEU A 65 6.26 -6.06 -11.89
CA LEU A 65 7.20 -5.85 -13.01
C LEU A 65 6.66 -5.02 -14.17
N PRO A 66 5.45 -5.33 -14.70
CA PRO A 66 5.09 -4.54 -15.87
C PRO A 66 4.85 -3.05 -15.54
N ARG A 67 4.29 -2.78 -14.36
CA ARG A 67 4.12 -1.40 -13.96
C ARG A 67 5.48 -0.73 -13.72
N LEU A 68 6.42 -1.46 -13.13
CA LEU A 68 7.79 -0.89 -12.95
C LEU A 68 8.47 -0.61 -14.29
N ALA A 69 8.26 -1.49 -15.27
CA ALA A 69 8.87 -1.33 -16.60
C ALA A 69 8.37 -0.08 -17.31
N ALA A 70 7.15 0.34 -16.97
CA ALA A 70 6.58 1.62 -17.50
C ALA A 70 7.32 2.85 -16.99
N ARG A 71 8.22 2.66 -16.05
CA ARG A 71 9.09 3.75 -15.57
C ARG A 71 10.37 3.89 -16.37
N LEU A 72 10.63 2.97 -17.32
CA LEU A 72 11.80 3.02 -18.21
C LEU A 72 11.61 4.19 -19.17
N PRO A 73 12.72 4.71 -19.72
CA PRO A 73 12.60 5.79 -20.68
C PRO A 73 11.59 5.46 -21.73
N GLU A 74 10.78 6.44 -22.11
CA GLU A 74 9.70 6.19 -23.08
C GLU A 74 10.21 5.69 -24.42
N GLY A 75 11.35 6.20 -24.86
CA GLY A 75 11.87 5.83 -26.16
C GLY A 75 12.22 4.33 -26.19
N VAL A 76 12.67 3.81 -25.05
CA VAL A 76 13.04 2.40 -24.91
C VAL A 76 11.78 1.55 -24.96
N GLN A 77 10.78 1.92 -24.17
CA GLN A 77 9.47 1.23 -24.21
C GLN A 77 8.88 1.21 -25.62
N ASP A 78 8.85 2.35 -26.32
CA ASP A 78 8.33 2.45 -27.70
C ASP A 78 9.11 1.54 -28.66
N PHE A 79 10.41 1.49 -28.47
CA PHE A 79 11.25 0.68 -29.36
C PHE A 79 10.96 -0.83 -29.22
N LEU A 80 10.86 -1.30 -27.99
CA LEU A 80 10.66 -2.72 -27.76
C LEU A 80 9.26 -3.12 -28.13
N ARG A 81 8.33 -2.19 -27.92
CA ARG A 81 6.95 -2.47 -28.29
C ARG A 81 6.81 -2.60 -29.81
N GLU A 82 7.53 -1.76 -30.54
CA GLU A 82 7.58 -1.86 -32.00
C GLU A 82 8.23 -3.16 -32.47
N PHE A 83 9.35 -3.52 -31.85
CA PHE A 83 9.99 -4.79 -32.15
C PHE A 83 9.02 -5.97 -31.96
N LYS A 84 8.34 -6.00 -30.81
CA LYS A 84 7.38 -7.05 -30.46
C LYS A 84 6.26 -7.09 -31.49
N LEU A 85 5.62 -5.97 -31.74
CA LEU A 85 4.46 -5.91 -32.65
C LEU A 85 4.82 -6.09 -34.12
N ALA A 86 6.00 -5.62 -34.52
CA ALA A 86 6.42 -5.72 -35.93
C ALA A 86 6.50 -7.19 -36.34
N ASP A 87 6.87 -8.05 -35.38
CA ASP A 87 6.99 -9.49 -35.68
C ASP A 87 7.71 -9.72 -37.01
N ARG A 88 8.88 -9.10 -37.17
CA ARG A 88 9.57 -9.06 -38.46
C ARG A 88 11.05 -9.44 -38.27
N HIS A 89 11.79 -8.70 -37.46
CA HIS A 89 13.20 -9.00 -37.19
C HIS A 89 13.35 -10.02 -36.09
N GLY A 90 14.35 -10.90 -36.21
CA GLY A 90 14.58 -12.03 -35.28
C GLY A 90 15.43 -11.68 -34.05
N HIS A 91 16.08 -10.51 -34.09
CA HIS A 91 16.74 -9.96 -32.90
C HIS A 91 16.79 -8.45 -32.93
N THR A 92 17.14 -7.89 -31.78
CA THR A 92 17.46 -6.46 -31.69
C THR A 92 18.34 -6.26 -30.47
N VAL A 93 18.98 -5.09 -30.35
CA VAL A 93 19.90 -4.84 -29.24
C VAL A 93 19.65 -3.41 -28.72
N ILE A 94 19.69 -3.27 -27.39
CA ILE A 94 19.66 -1.96 -26.77
C ILE A 94 21.05 -1.81 -26.22
N ARG A 95 21.75 -0.81 -26.73
CA ARG A 95 23.15 -0.56 -26.45
C ARG A 95 23.35 0.66 -25.57
N GLY A 96 24.42 0.62 -24.77
CA GLY A 96 24.90 1.79 -24.00
C GLY A 96 24.37 1.94 -22.59
N HIS A 97 23.95 0.82 -21.97
CA HIS A 97 23.58 0.90 -20.55
C HIS A 97 24.82 1.15 -19.76
N ASP A 98 24.64 1.78 -18.61
CA ASP A 98 25.70 1.97 -17.64
C ASP A 98 25.67 0.83 -16.61
N PHE A 99 26.59 -0.10 -16.78
CA PHE A 99 26.71 -1.22 -15.86
C PHE A 99 27.98 -1.00 -15.05
N ASP A 100 27.82 -0.47 -13.83
CA ASP A 100 28.92 0.01 -12.95
C ASP A 100 29.84 -1.17 -12.61
N GLN A 101 31.02 -1.27 -13.25
CA GLN A 101 31.91 -2.41 -12.97
C GLN A 101 32.40 -2.56 -11.51
N ARG A 102 32.68 -1.45 -10.85
CA ARG A 102 33.16 -1.52 -9.47
C ARG A 102 32.09 -2.06 -8.55
N ARG A 103 30.84 -1.69 -8.83
CA ARG A 103 29.69 -2.20 -8.05
C ARG A 103 29.43 -3.69 -8.37
N ILE A 104 29.42 -4.03 -9.65
CA ILE A 104 29.06 -5.40 -10.07
C ILE A 104 30.06 -6.43 -9.53
N GLY A 105 31.35 -6.07 -9.53
CA GLY A 105 32.36 -6.94 -8.97
C GLY A 105 32.79 -8.08 -9.89
N PRO A 106 33.65 -8.99 -9.36
CA PRO A 106 34.30 -10.04 -10.17
C PRO A 106 33.30 -11.10 -10.64
N THR A 107 33.53 -11.60 -11.84
CA THR A 107 32.81 -12.72 -12.41
C THR A 107 32.99 -13.91 -11.47
N PRO A 108 31.88 -14.56 -11.10
CA PRO A 108 32.01 -15.63 -10.12
C PRO A 108 32.68 -16.89 -10.68
N ASP A 109 33.17 -17.74 -9.78
CA ASP A 109 33.73 -19.03 -10.15
C ASP A 109 32.68 -20.08 -10.39
N HIS A 110 31.51 -19.91 -9.77
CA HIS A 110 30.39 -20.82 -10.01
C HIS A 110 29.07 -20.14 -9.74
N TRP A 111 27.99 -20.63 -10.34
CA TRP A 111 26.69 -20.06 -10.02
C TRP A 111 26.21 -20.62 -8.72
N ARG A 112 26.66 -21.83 -8.36
CA ARG A 112 26.24 -22.42 -7.10
C ARG A 112 26.86 -21.75 -5.89
N GLY A 113 26.06 -21.64 -4.84
CA GLY A 113 26.48 -21.14 -3.53
C GLY A 113 26.61 -19.63 -3.36
N ARG A 114 26.22 -18.85 -4.34
CA ARG A 114 26.42 -17.37 -4.25
C ARG A 114 25.42 -16.74 -3.30
N VAL A 115 25.82 -15.64 -2.65
CA VAL A 115 24.89 -14.90 -1.80
C VAL A 115 23.89 -14.21 -2.75
N ARG A 116 22.61 -14.33 -2.41
CA ARG A 116 21.55 -13.67 -3.18
C ARG A 116 20.85 -12.63 -2.32
N PRO A 117 20.49 -11.48 -2.91
CA PRO A 117 20.82 -11.06 -4.26
C PRO A 117 22.30 -10.74 -4.32
N GLY A 118 22.87 -10.78 -5.51
CA GLY A 118 24.26 -10.41 -5.65
C GLY A 118 24.38 -8.90 -5.85
N PRO A 119 25.62 -8.40 -5.96
CA PRO A 119 25.79 -6.95 -6.15
C PRO A 119 25.31 -6.50 -7.52
N GLU A 120 25.20 -7.44 -8.46
CA GLU A 120 24.64 -7.21 -9.80
C GLU A 120 23.10 -7.32 -9.87
N PHE A 121 22.43 -7.33 -8.73
CA PHE A 121 20.95 -7.38 -8.68
C PHE A 121 20.27 -6.27 -9.55
N PRO A 122 20.79 -5.01 -9.52
CA PRO A 122 20.18 -4.06 -10.45
C PRO A 122 20.15 -4.50 -11.91
N GLU A 123 21.18 -5.19 -12.40
CA GLU A 123 21.17 -5.59 -13.83
C GLU A 123 20.20 -6.73 -14.05
N GLU A 124 20.06 -7.57 -13.03
CA GLU A 124 19.08 -8.67 -13.09
C GLU A 124 17.67 -8.11 -13.15
N LEU A 125 17.39 -7.14 -12.27
CA LEU A 125 16.09 -6.43 -12.27
C LEU A 125 15.81 -5.78 -13.61
N LEU A 126 16.84 -5.14 -14.19
CA LEU A 126 16.70 -4.58 -15.54
C LEU A 126 16.19 -5.59 -16.60
N LEU A 127 16.81 -6.76 -16.66
CA LEU A 127 16.36 -7.77 -17.59
C LEU A 127 14.95 -8.23 -17.29
N MET A 128 14.63 -8.30 -16.01
CA MET A 128 13.29 -8.68 -15.60
C MET A 128 12.28 -7.65 -16.07
N LEU A 129 12.59 -6.35 -15.93
CA LEU A 129 11.69 -5.32 -16.45
C LEU A 129 11.52 -5.46 -17.93
N TYR A 130 12.64 -5.62 -18.67
CA TYR A 130 12.52 -5.85 -20.12
C TYR A 130 11.66 -7.07 -20.44
N SER A 131 11.80 -8.10 -19.63
CA SER A 131 11.06 -9.33 -19.94
C SER A 131 9.56 -9.04 -19.81
N ALA A 132 9.19 -8.20 -18.84
CA ALA A 132 7.75 -7.86 -18.62
C ALA A 132 7.16 -7.02 -19.74
N LEU A 133 7.97 -6.22 -20.41
CA LEU A 133 7.53 -5.58 -21.65
C LEU A 133 7.31 -6.57 -22.80
N LEU A 134 7.96 -7.72 -22.76
CA LEU A 134 7.74 -8.68 -23.88
C LEU A 134 6.73 -9.77 -23.58
N GLY A 135 6.57 -10.14 -22.31
CA GLY A 135 5.63 -11.17 -21.91
C GLY A 135 5.84 -11.45 -20.43
N GLU A 136 6.20 -12.70 -20.10
CA GLU A 136 6.38 -13.11 -18.69
C GLU A 136 7.70 -13.84 -18.54
N PRO A 137 8.52 -13.46 -17.56
CA PRO A 137 9.69 -14.31 -17.30
C PRO A 137 9.31 -15.69 -16.75
N PHE A 138 10.00 -16.72 -17.19
CA PHE A 138 9.75 -18.08 -16.66
C PHE A 138 11.09 -18.82 -16.62
N GLY A 139 11.13 -19.96 -15.94
CA GLY A 139 12.38 -20.75 -15.93
C GLY A 139 12.07 -22.24 -15.87
N TRP A 140 13.06 -22.99 -15.40
CA TRP A 140 12.99 -24.46 -15.40
C TRP A 140 13.45 -24.91 -14.06
N ALA A 141 12.64 -25.75 -13.43
CA ALA A 141 12.85 -26.16 -12.03
C ALA A 141 14.23 -26.80 -11.77
N THR A 142 14.80 -27.43 -12.80
CA THR A 142 16.05 -28.17 -12.58
C THR A 142 17.27 -27.41 -13.09
N GLN A 143 17.06 -26.18 -13.54
CA GLN A 143 18.14 -25.38 -14.09
C GLN A 143 18.51 -24.20 -13.18
N GLN A 144 19.78 -24.11 -12.81
CA GLN A 144 20.30 -23.06 -11.93
C GLN A 144 19.43 -22.75 -10.72
N ASP A 145 19.12 -23.81 -9.97
CA ASP A 145 18.37 -23.68 -8.73
C ASP A 145 16.97 -23.09 -8.98
N GLY A 146 16.46 -23.17 -10.22
CA GLY A 146 15.18 -22.55 -10.51
C GLY A 146 15.21 -21.03 -10.62
N HIS A 147 16.39 -20.44 -10.80
CA HIS A 147 16.48 -18.97 -10.89
C HIS A 147 15.82 -18.50 -12.14
N LEU A 148 15.16 -17.35 -12.08
CA LEU A 148 14.54 -16.75 -13.28
C LEU A 148 15.55 -16.06 -14.14
N VAL A 149 16.60 -15.57 -13.49
CA VAL A 149 17.70 -14.99 -14.26
C VAL A 149 18.89 -15.92 -14.19
N HIS A 150 19.32 -16.43 -15.35
CA HIS A 150 20.46 -17.36 -15.46
C HIS A 150 21.75 -16.61 -15.58
N ASP A 151 22.82 -17.24 -15.09
CA ASP A 151 24.16 -16.76 -15.32
C ASP A 151 24.77 -17.44 -16.53
N ILE A 152 25.58 -16.70 -17.27
CA ILE A 152 26.34 -17.26 -18.35
C ILE A 152 27.79 -16.76 -18.10
N PHE A 153 28.63 -17.65 -17.57
CA PHE A 153 30.06 -17.33 -17.43
C PHE A 153 30.86 -18.65 -17.38
N PRO A 154 32.18 -18.57 -17.60
CA PRO A 154 32.86 -19.88 -17.72
C PRO A 154 33.17 -20.52 -16.37
N ILE A 155 32.87 -21.79 -16.25
CA ILE A 155 33.21 -22.51 -15.03
C ILE A 155 34.29 -23.54 -15.39
N ARG A 156 35.39 -23.55 -14.62
CA ARG A 156 36.57 -24.33 -15.03
C ARG A 156 36.13 -25.75 -15.29
N SER A 157 35.42 -26.33 -14.31
CA SER A 157 34.98 -27.73 -14.40
C SER A 157 34.10 -28.05 -15.61
N HIS A 158 33.52 -27.02 -16.23
CA HIS A 158 32.67 -27.14 -17.43
C HIS A 158 33.40 -26.84 -18.71
N GLU A 159 34.70 -26.61 -18.60
CA GLU A 159 35.53 -26.17 -19.73
C GLU A 159 35.39 -27.05 -20.97
N ASN A 160 35.16 -28.34 -20.76
CA ASN A 160 35.06 -29.30 -21.87
C ASN A 160 33.63 -29.63 -22.35
N ASP A 161 32.65 -28.91 -21.83
CA ASP A 161 31.24 -29.18 -22.16
C ASP A 161 30.72 -28.22 -23.24
N GLN A 162 29.69 -28.66 -23.96
CA GLN A 162 29.04 -27.80 -24.96
C GLN A 162 27.80 -27.18 -24.32
N LEU A 163 28.03 -26.24 -23.41
CA LEU A 163 26.95 -25.62 -22.69
C LEU A 163 27.28 -24.19 -22.30
N GLY A 164 26.27 -23.51 -21.76
CA GLY A 164 26.37 -22.10 -21.38
C GLY A 164 27.54 -21.72 -20.50
N MET A 165 27.90 -22.57 -19.53
CA MET A 165 29.01 -22.23 -18.63
C MET A 165 30.34 -22.77 -19.18
N GLY A 166 30.33 -23.14 -20.46
CA GLY A 166 31.54 -23.59 -21.14
C GLY A 166 32.31 -22.42 -21.69
N SER A 167 33.24 -22.72 -22.61
CA SER A 167 34.15 -21.72 -23.23
C SER A 167 34.89 -22.27 -24.44
N LYS A 168 35.81 -23.20 -24.19
CA LYS A 168 36.66 -23.79 -25.26
C LYS A 168 35.90 -24.37 -26.45
N GLN A 169 34.78 -25.05 -26.15
CA GLN A 169 33.93 -25.74 -27.13
C GLN A 169 32.93 -24.80 -27.79
N LEU A 170 32.70 -24.98 -29.09
CA LEU A 170 31.68 -24.23 -29.80
C LEU A 170 30.30 -24.64 -29.30
N LEU A 171 29.41 -23.66 -29.13
CA LEU A 171 28.01 -23.94 -28.87
C LEU A 171 27.35 -23.71 -30.21
N THR A 172 26.97 -24.80 -30.86
N THR A 172 27.00 -24.80 -30.90
CA THR A 172 26.43 -24.75 -32.19
CA THR A 172 26.46 -24.68 -32.23
C THR A 172 25.03 -24.15 -32.15
C THR A 172 25.06 -24.13 -32.15
N TRP A 173 24.65 -23.43 -33.21
CA TRP A 173 23.40 -22.69 -33.21
C TRP A 173 22.15 -23.54 -33.12
N HIS A 174 21.10 -22.91 -32.57
CA HIS A 174 19.88 -23.60 -32.19
C HIS A 174 18.79 -22.61 -31.91
N THR A 175 17.57 -23.06 -32.16
CA THR A 175 16.39 -22.53 -31.53
C THR A 175 16.46 -23.07 -30.10
N GLU A 176 16.15 -22.23 -29.10
CA GLU A 176 16.04 -22.75 -27.73
C GLU A 176 14.87 -23.70 -27.56
N ASP A 177 15.17 -24.95 -27.21
CA ASP A 177 14.15 -25.96 -26.90
C ASP A 177 13.14 -26.16 -28.02
N ALA A 178 13.67 -26.35 -29.24
CA ALA A 178 12.87 -26.49 -30.46
C ALA A 178 11.78 -27.54 -30.34
N PHE A 179 12.08 -28.60 -29.60
CA PHE A 179 11.14 -29.69 -29.44
C PHE A 179 9.93 -29.32 -28.57
N HIS A 180 10.04 -28.27 -27.76
CA HIS A 180 9.17 -28.11 -26.59
C HIS A 180 8.03 -27.22 -26.96
N PRO A 181 6.77 -27.64 -26.70
CA PRO A 181 5.64 -26.79 -27.08
C PRO A 181 5.60 -25.47 -26.29
N TYR A 182 6.21 -25.44 -25.10
CA TYR A 182 6.23 -24.25 -24.25
C TYR A 182 7.65 -23.67 -24.20
N ARG A 183 8.38 -23.84 -25.30
CA ARG A 183 9.70 -23.23 -25.44
C ARG A 183 9.56 -21.69 -25.31
N SER A 184 10.66 -21.03 -24.94
CA SER A 184 10.73 -19.57 -24.90
C SER A 184 10.19 -18.95 -26.16
N ASP A 185 9.45 -17.86 -26.00
CA ASP A 185 9.09 -17.01 -27.16
C ASP A 185 10.18 -15.98 -27.46
N TYR A 186 10.82 -15.46 -26.42
CA TYR A 186 12.00 -14.59 -26.59
C TYR A 186 13.06 -14.97 -25.58
N LEU A 187 14.30 -14.62 -25.89
CA LEU A 187 15.41 -14.66 -24.94
C LEU A 187 16.00 -13.30 -24.80
N ILE A 188 16.36 -12.96 -23.59
CA ILE A 188 17.00 -11.65 -23.32
C ILE A 188 18.40 -11.89 -22.72
N LEU A 189 19.42 -11.37 -23.38
CA LEU A 189 20.81 -11.57 -22.95
C LEU A 189 21.44 -10.24 -22.63
N GLY A 190 21.81 -10.05 -21.38
CA GLY A 190 22.48 -8.82 -20.99
C GLY A 190 23.94 -9.04 -20.63
N ALA A 191 24.83 -8.27 -21.25
CA ALA A 191 26.28 -8.46 -21.05
C ALA A 191 26.79 -7.57 -19.95
N LEU A 192 26.99 -8.14 -18.76
CA LEU A 192 27.64 -7.42 -17.67
C LEU A 192 29.07 -7.09 -18.03
N ARG A 193 29.73 -8.04 -18.69
CA ARG A 193 31.08 -7.79 -19.23
C ARG A 193 31.39 -8.80 -20.34
N ASN A 194 32.23 -8.37 -21.28
CA ASN A 194 32.67 -9.18 -22.41
C ASN A 194 34.01 -8.61 -22.95
N PRO A 195 35.08 -8.68 -22.13
CA PRO A 195 36.33 -7.92 -22.43
C PRO A 195 36.96 -8.31 -23.77
N ASP A 196 36.88 -9.60 -24.13
CA ASP A 196 37.41 -10.04 -25.40
C ASP A 196 36.38 -10.09 -26.52
N HIS A 197 35.19 -9.55 -26.27
CA HIS A 197 34.22 -9.36 -27.35
C HIS A 197 33.78 -10.67 -28.01
N VAL A 198 33.59 -11.71 -27.21
CA VAL A 198 33.07 -13.01 -27.71
C VAL A 198 31.66 -12.88 -28.31
N PRO A 199 31.50 -13.27 -29.60
CA PRO A 199 30.20 -13.12 -30.26
C PRO A 199 29.16 -14.14 -29.85
N THR A 200 27.91 -13.67 -29.77
CA THR A 200 26.77 -14.54 -29.77
C THR A 200 26.44 -14.69 -31.26
N THR A 201 26.38 -15.91 -31.78
CA THR A 201 25.93 -16.08 -33.17
C THR A 201 24.41 -16.01 -33.21
N VAL A 202 23.90 -15.33 -34.22
CA VAL A 202 22.47 -15.18 -34.39
C VAL A 202 22.16 -15.36 -35.87
N GLY A 203 21.15 -16.16 -36.18
CA GLY A 203 20.80 -16.32 -37.57
C GLY A 203 19.31 -16.34 -37.79
N GLU A 204 18.92 -15.66 -38.86
CA GLU A 204 17.55 -15.55 -39.30
C GLU A 204 17.36 -16.32 -40.60
N LEU A 205 16.12 -16.31 -41.11
CA LEU A 205 15.76 -17.08 -42.29
C LEU A 205 15.51 -16.12 -43.45
N ASP A 206 16.39 -16.14 -44.44
CA ASP A 206 16.12 -15.41 -45.68
C ASP A 206 15.22 -16.30 -46.53
N LEU A 207 13.93 -15.97 -46.59
CA LEU A 207 12.98 -16.84 -47.30
C LEU A 207 13.22 -16.89 -48.81
N SER A 208 13.73 -15.80 -49.36
CA SER A 208 13.93 -15.65 -50.80
C SER A 208 14.93 -16.64 -51.42
N SER A 209 15.77 -17.27 -50.58
CA SER A 209 16.74 -18.26 -51.07
C SER A 209 16.19 -19.69 -51.10
N LEU A 210 14.91 -19.86 -50.75
CA LEU A 210 14.28 -21.18 -50.72
C LEU A 210 13.19 -21.29 -51.76
N SER A 211 13.13 -22.44 -52.43
CA SER A 211 12.10 -22.68 -53.44
C SER A 211 10.75 -22.86 -52.78
N ALA A 212 9.71 -22.43 -53.48
CA ALA A 212 8.33 -22.61 -53.02
C ALA A 212 8.00 -24.06 -52.69
N GLU A 213 8.55 -25.00 -53.47
CA GLU A 213 8.35 -26.43 -53.16
C GLU A 213 9.05 -26.83 -51.84
N ASP A 214 10.28 -26.38 -51.64
CA ASP A 214 10.96 -26.64 -50.37
C ASP A 214 10.20 -26.08 -49.17
N ILE A 215 9.76 -24.82 -49.25
CA ILE A 215 8.95 -24.20 -48.20
C ILE A 215 7.70 -25.02 -47.85
N ASP A 216 6.99 -25.49 -48.87
CA ASP A 216 5.79 -26.30 -48.65
C ASP A 216 6.15 -27.54 -47.82
N VAL A 217 7.29 -28.15 -48.10
CA VAL A 217 7.66 -29.39 -47.42
C VAL A 217 7.98 -29.10 -45.95
N LEU A 218 8.67 -28.00 -45.72
CA LEU A 218 9.08 -27.61 -44.36
C LEU A 218 7.90 -27.27 -43.45
N PHE A 219 6.80 -26.86 -44.10
CA PHE A 219 5.56 -26.60 -43.38
C PHE A 219 4.79 -27.81 -43.03
N GLU A 220 5.17 -28.96 -43.57
CA GLU A 220 4.44 -30.21 -43.36
C GLU A 220 4.99 -31.02 -42.19
N PRO A 221 4.14 -31.83 -41.52
CA PRO A 221 4.61 -32.62 -40.37
C PRO A 221 5.48 -33.81 -40.80
N ARG A 222 6.74 -33.54 -41.12
CA ARG A 222 7.60 -34.58 -41.71
C ARG A 222 8.91 -34.83 -40.96
N TYR A 223 9.10 -34.11 -39.87
CA TYR A 223 10.41 -34.11 -39.20
C TYR A 223 10.26 -34.49 -37.77
N HIS A 224 11.29 -35.16 -37.26
CA HIS A 224 11.31 -35.52 -35.85
C HIS A 224 12.28 -34.67 -35.07
N ILE A 225 11.76 -33.91 -34.10
CA ILE A 225 12.63 -33.12 -33.23
C ILE A 225 12.66 -33.73 -31.84
N ALA A 226 13.80 -34.32 -31.49
CA ALA A 226 13.85 -35.13 -30.27
C ALA A 226 13.96 -34.20 -29.07
N PRO A 227 13.18 -34.49 -28.03
CA PRO A 227 13.29 -33.86 -26.72
C PRO A 227 14.68 -34.07 -26.12
N ASP A 228 15.20 -33.03 -25.49
CA ASP A 228 16.47 -33.13 -24.81
C ASP A 228 16.16 -33.82 -23.49
N GLU A 229 16.80 -34.95 -23.23
CA GLU A 229 16.47 -35.78 -22.06
C GLU A 229 16.81 -35.15 -20.70
N SER A 230 17.68 -34.15 -20.72
CA SER A 230 17.93 -33.30 -19.53
C SER A 230 16.66 -32.59 -19.02
N HIS A 231 15.65 -32.42 -19.87
CA HIS A 231 14.37 -31.82 -19.45
C HIS A 231 13.51 -32.78 -18.68
N LEU A 232 13.76 -34.08 -18.85
CA LEU A 232 12.89 -35.11 -18.31
C LEU A 232 13.53 -35.97 -17.23
N PRO A 233 12.73 -36.45 -16.26
CA PRO A 233 13.21 -37.59 -15.47
C PRO A 233 13.35 -38.77 -16.43
N LYS A 234 14.59 -39.03 -16.84
CA LYS A 234 14.89 -40.08 -17.81
C LYS A 234 14.31 -41.39 -17.28
N ASN A 235 14.29 -41.45 -15.95
CA ASN A 235 13.63 -42.51 -15.20
C ASN A 235 12.17 -42.76 -15.60
N ASN A 236 11.90 -44.00 -16.01
CA ASN A 236 10.53 -44.50 -16.17
C ASN A 236 10.05 -44.98 -14.80
N THR A 237 10.42 -44.22 -13.77
CA THR A 237 10.25 -44.60 -12.37
C THR A 237 9.20 -43.71 -11.67
N ILE A 238 8.09 -44.33 -11.28
CA ILE A 238 6.91 -43.61 -10.77
C ILE A 238 7.15 -42.94 -9.39
N ALA A 239 7.78 -41.77 -9.43
CA ALA A 239 7.88 -40.90 -8.27
C ALA A 239 6.64 -40.01 -8.27
N THR A 240 5.59 -40.50 -7.60
CA THR A 240 4.26 -39.86 -7.51
C THR A 240 3.46 -39.70 -8.83
N GLU A 241 2.14 -39.70 -8.68
CA GLU A 241 1.19 -39.54 -9.77
C GLU A 241 1.21 -38.11 -10.28
N GLU A 242 1.42 -37.17 -9.35
CA GLU A 242 1.52 -35.74 -9.65
C GLU A 242 2.68 -35.43 -10.62
N GLU A 243 3.87 -35.94 -10.29
CA GLU A 243 5.05 -35.68 -11.09
C GLU A 243 4.93 -36.26 -12.51
N ALA A 244 4.41 -37.49 -12.62
CA ALA A 244 4.29 -38.15 -13.94
C ALA A 244 3.45 -37.33 -14.91
N ALA A 245 2.32 -36.82 -14.43
CA ALA A 245 1.43 -35.96 -15.20
C ALA A 245 2.13 -34.67 -15.71
N ARG A 246 3.05 -34.11 -14.91
CA ARG A 246 3.86 -32.95 -15.32
C ARG A 246 4.78 -33.22 -16.53
N PHE A 247 5.11 -34.48 -16.77
CA PHE A 247 6.00 -34.81 -17.88
C PHE A 247 5.36 -35.68 -18.97
N ALA A 248 4.06 -35.94 -18.83
CA ALA A 248 3.37 -36.91 -19.69
C ALA A 248 3.37 -36.48 -21.13
N THR A 249 3.08 -35.21 -21.38
CA THR A 249 3.11 -34.67 -22.74
C THR A 249 4.47 -34.80 -23.46
N ILE A 250 5.57 -34.49 -22.76
CA ILE A 250 6.90 -34.70 -23.34
C ILE A 250 7.19 -36.21 -23.47
N GLN A 251 6.80 -36.99 -22.46
CA GLN A 251 7.00 -38.45 -22.53
C GLN A 251 6.26 -39.03 -23.74
N ARG A 252 5.10 -38.48 -24.05
CA ARG A 252 4.35 -38.93 -25.21
C ARG A 252 5.11 -38.67 -26.50
N MET A 253 5.84 -37.55 -26.56
CA MET A 253 6.64 -37.21 -27.73
C MET A 253 7.73 -38.20 -27.92
N ILE A 254 8.35 -38.63 -26.82
CA ILE A 254 9.42 -39.61 -26.88
C ILE A 254 8.86 -40.95 -27.30
N ASP A 255 7.75 -41.36 -26.67
CA ASP A 255 7.11 -42.65 -26.97
C ASP A 255 6.54 -42.77 -28.38
N GLU A 256 5.94 -41.70 -28.89
CA GLU A 256 5.24 -41.78 -30.15
C GLU A 256 5.99 -41.24 -31.35
N ARG A 257 7.00 -40.38 -31.12
CA ARG A 257 7.83 -39.81 -32.18
C ARG A 257 7.00 -39.12 -33.26
N PRO A 258 6.09 -38.22 -32.83
CA PRO A 258 5.29 -37.51 -33.82
C PRO A 258 6.24 -36.76 -34.76
N LEU A 259 5.81 -36.60 -36.00
CA LEU A 259 6.57 -35.81 -36.95
C LEU A 259 5.93 -34.44 -36.92
N GLY A 260 6.73 -33.41 -37.13
CA GLY A 260 6.25 -32.03 -37.06
C GLY A 260 6.94 -31.19 -38.07
N PRO A 261 6.44 -29.95 -38.26
CA PRO A 261 7.03 -29.03 -39.24
C PRO A 261 8.23 -28.31 -38.64
N LEU A 262 9.07 -27.77 -39.50
CA LEU A 262 10.15 -26.89 -39.08
C LEU A 262 9.81 -25.41 -39.30
N LEU A 263 8.92 -25.16 -40.23
CA LEU A 263 8.41 -23.80 -40.51
C LEU A 263 6.92 -23.74 -40.18
N TYR A 264 6.42 -22.60 -39.71
CA TYR A 264 4.99 -22.50 -39.30
C TYR A 264 4.61 -20.99 -39.30
N GLY A 265 3.38 -20.65 -38.91
CA GLY A 265 2.92 -19.25 -38.99
C GLY A 265 2.52 -18.93 -40.42
N SER A 266 3.02 -17.81 -40.94
CA SER A 266 2.70 -17.35 -42.30
C SER A 266 3.66 -17.88 -43.34
N ARG A 267 3.12 -18.41 -44.42
CA ARG A 267 3.95 -18.94 -45.51
C ARG A 267 4.88 -17.93 -46.13
N LEU A 268 4.49 -16.66 -46.08
CA LEU A 268 5.26 -15.57 -46.67
C LEU A 268 6.40 -15.07 -45.78
N ASP A 269 6.24 -15.20 -44.46
CA ASP A 269 7.24 -14.77 -43.49
C ASP A 269 7.19 -15.76 -42.31
N PRO A 270 7.71 -16.98 -42.52
CA PRO A 270 7.43 -17.99 -41.52
C PRO A 270 8.27 -17.93 -40.25
N TYR A 271 7.69 -18.44 -39.18
CA TYR A 271 8.47 -18.80 -38.00
C TYR A 271 9.18 -20.10 -38.26
N MET A 272 10.22 -20.36 -37.46
CA MET A 272 10.97 -21.58 -37.65
C MET A 272 11.36 -22.13 -36.30
N ARG A 273 11.56 -23.44 -36.27
CA ARG A 273 12.13 -24.07 -35.08
C ARG A 273 13.16 -25.08 -35.55
N LEU A 274 14.43 -24.81 -35.22
CA LEU A 274 15.49 -25.58 -35.83
C LEU A 274 16.59 -25.88 -34.81
N ASP A 275 16.78 -27.16 -34.49
CA ASP A 275 17.97 -27.56 -33.75
C ASP A 275 18.53 -28.78 -34.45
N PRO A 276 19.55 -28.58 -35.31
CA PRO A 276 20.04 -29.65 -36.19
C PRO A 276 20.43 -30.88 -35.40
N TYR A 277 21.04 -30.70 -34.23
CA TYR A 277 21.48 -31.85 -33.43
C TYR A 277 20.34 -32.81 -33.00
N PHE A 278 19.15 -32.27 -32.75
CA PHE A 278 18.06 -33.05 -32.22
C PHE A 278 17.04 -33.35 -33.32
N THR A 279 17.36 -32.96 -34.55
CA THR A 279 16.39 -33.13 -35.63
C THR A 279 16.69 -34.40 -36.44
N SER A 280 15.65 -35.21 -36.69
CA SER A 280 15.79 -36.42 -37.53
C SER A 280 14.92 -36.28 -38.78
N VAL A 281 15.55 -36.19 -39.95
CA VAL A 281 14.82 -36.25 -41.23
C VAL A 281 14.76 -37.74 -41.67
N PRO A 282 13.56 -38.33 -41.68
CA PRO A 282 13.31 -39.76 -41.96
C PRO A 282 13.99 -40.21 -43.25
N GLN A 283 14.65 -41.38 -43.22
CA GLN A 283 15.57 -41.77 -44.31
C GLN A 283 14.93 -41.79 -45.72
N ASP A 284 13.72 -42.35 -45.78
CA ASP A 284 12.92 -42.54 -47.02
C ASP A 284 12.31 -41.26 -47.57
N ASP A 285 12.15 -40.25 -46.70
CA ASP A 285 11.52 -39.01 -47.14
C ASP A 285 12.52 -38.14 -47.88
N THR A 286 12.65 -38.41 -49.18
CA THR A 286 13.61 -37.76 -50.03
C THR A 286 13.37 -36.27 -50.15
N ASP A 287 12.10 -35.90 -50.18
CA ASP A 287 11.74 -34.52 -50.37
C ASP A 287 12.07 -33.74 -49.10
N ALA A 288 11.84 -34.37 -47.95
CA ALA A 288 12.08 -33.72 -46.65
C ALA A 288 13.56 -33.52 -46.47
N ARG A 289 14.37 -34.43 -47.05
CA ARG A 289 15.80 -34.37 -46.95
C ARG A 289 16.31 -33.25 -47.79
N ARG A 290 15.81 -33.17 -49.02
CA ARG A 290 16.15 -32.07 -49.92
C ARG A 290 15.78 -30.71 -49.28
N ALA A 291 14.57 -30.60 -48.73
CA ALA A 291 14.07 -29.33 -48.13
C ALA A 291 14.95 -28.88 -46.94
N TYR A 292 15.16 -29.83 -46.02
CA TYR A 292 16.01 -29.62 -44.83
C TYR A 292 17.44 -29.13 -45.17
N ASP A 293 18.12 -29.80 -46.11
CA ASP A 293 19.47 -29.38 -46.49
C ASP A 293 19.49 -27.95 -46.98
N ALA A 294 18.50 -27.60 -47.79
CA ALA A 294 18.38 -26.27 -48.32
C ALA A 294 18.14 -25.27 -47.16
N LEU A 295 17.26 -25.63 -46.25
CA LEU A 295 16.98 -24.80 -45.06
C LEU A 295 18.25 -24.66 -44.21
N PHE A 296 18.87 -25.80 -43.90
CA PHE A 296 20.11 -25.79 -43.13
C PHE A 296 21.20 -24.92 -43.75
N LYS A 297 21.40 -25.03 -45.06
CA LYS A 297 22.37 -24.17 -45.75
C LYS A 297 22.02 -22.71 -45.68
N VAL A 298 20.75 -22.38 -45.87
CA VAL A 298 20.32 -20.98 -45.83
C VAL A 298 20.60 -20.41 -44.43
N VAL A 299 20.20 -21.14 -43.40
CA VAL A 299 20.37 -20.64 -42.04
C VAL A 299 21.85 -20.57 -41.66
N ASP A 300 22.58 -21.65 -41.91
CA ASP A 300 24.01 -21.75 -41.59
C ASP A 300 24.78 -20.62 -42.27
N SER A 301 24.50 -20.39 -43.54
CA SER A 301 25.29 -19.39 -44.24
C SER A 301 24.90 -17.97 -43.84
N GLY A 302 23.67 -17.76 -43.37
CA GLY A 302 23.21 -16.43 -42.93
C GLY A 302 23.62 -16.02 -41.52
N MET A 303 24.28 -16.93 -40.78
CA MET A 303 24.65 -16.71 -39.36
C MET A 303 25.50 -15.46 -39.26
N ARG A 304 25.22 -14.65 -38.23
CA ARG A 304 25.98 -13.41 -37.99
C ARG A 304 26.58 -13.45 -36.59
N GLU A 305 27.67 -12.72 -36.42
CA GLU A 305 28.30 -12.57 -35.13
C GLU A 305 27.73 -11.32 -34.47
N VAL A 306 27.06 -11.51 -33.36
CA VAL A 306 26.51 -10.36 -32.64
C VAL A 306 27.26 -10.29 -31.32
N VAL A 307 28.07 -9.26 -31.16
CA VAL A 307 28.86 -9.14 -29.96
C VAL A 307 28.00 -8.38 -28.94
N ALA A 308 27.62 -9.07 -27.87
CA ALA A 308 26.98 -8.37 -26.75
C ALA A 308 28.10 -7.85 -25.87
N ASP A 309 28.44 -6.57 -26.03
CA ASP A 309 29.50 -5.93 -25.22
C ASP A 309 28.91 -5.42 -23.92
N GLN A 310 29.79 -5.02 -23.01
CA GLN A 310 29.41 -4.48 -21.72
C GLN A 310 28.35 -3.41 -21.93
N GLY A 311 27.23 -3.57 -21.24
CA GLY A 311 26.14 -2.61 -21.33
C GLY A 311 25.18 -2.81 -22.50
N ASP A 312 25.38 -3.87 -23.31
CA ASP A 312 24.40 -4.24 -24.31
C ASP A 312 23.36 -5.28 -23.82
N VAL A 313 22.12 -5.13 -24.29
CA VAL A 313 21.10 -6.14 -24.02
C VAL A 313 20.56 -6.60 -25.35
N LEU A 314 20.75 -7.91 -25.59
CA LEU A 314 20.39 -8.55 -26.84
C LEU A 314 19.07 -9.31 -26.69
N PHE A 315 18.17 -9.07 -27.62
CA PHE A 315 16.83 -9.62 -27.54
C PHE A 315 16.72 -10.58 -28.71
N ILE A 316 16.44 -11.85 -28.42
CA ILE A 316 16.30 -12.86 -29.47
C ILE A 316 14.87 -13.33 -29.54
N ASP A 317 14.30 -13.26 -30.75
CA ASP A 317 12.97 -13.81 -31.00
C ASP A 317 13.20 -15.29 -31.29
N ASN A 318 12.78 -16.16 -30.37
CA ASN A 318 13.02 -17.60 -30.49
C ASN A 318 12.16 -18.25 -31.59
N HIS A 319 11.20 -17.51 -32.15
CA HIS A 319 10.51 -17.99 -33.37
C HIS A 319 11.06 -17.51 -34.66
N ARG A 320 12.05 -16.63 -34.64
CA ARG A 320 12.53 -16.07 -35.90
C ARG A 320 14.06 -16.12 -36.07
N ALA A 321 14.74 -16.56 -35.03
CA ALA A 321 16.19 -16.64 -35.09
C ALA A 321 16.69 -17.86 -34.34
N VAL A 322 17.84 -18.37 -34.78
CA VAL A 322 18.62 -19.38 -33.99
C VAL A 322 19.81 -18.66 -33.37
N HIS A 323 20.44 -19.24 -32.36
CA HIS A 323 21.57 -18.55 -31.73
C HIS A 323 22.59 -19.54 -31.20
N GLY A 324 23.80 -19.09 -30.95
CA GLY A 324 24.81 -19.95 -30.36
C GLY A 324 25.94 -19.08 -29.83
N ARG A 325 27.09 -19.70 -29.60
CA ARG A 325 28.24 -18.95 -29.05
C ARG A 325 29.57 -19.59 -29.49
N LEU A 326 30.49 -18.74 -29.91
CA LEU A 326 31.80 -19.21 -30.42
C LEU A 326 32.72 -19.61 -29.31
N PRO A 327 33.63 -20.58 -29.55
CA PRO A 327 34.66 -20.91 -28.54
C PRO A 327 35.45 -19.65 -28.11
N PHE A 328 35.89 -19.67 -26.86
CA PHE A 328 36.77 -18.64 -26.35
C PHE A 328 37.59 -19.23 -25.20
N GLN A 329 38.65 -18.54 -24.82
CA GLN A 329 39.53 -18.96 -23.74
C GLN A 329 39.23 -18.20 -22.46
N ALA A 330 38.84 -18.91 -21.41
CA ALA A 330 38.59 -18.28 -20.10
C ALA A 330 39.88 -18.10 -19.33
N ARG A 331 39.90 -17.12 -18.42
CA ARG A 331 41.00 -16.95 -17.50
C ARG A 331 40.72 -17.52 -16.13
N TYR A 332 39.45 -17.60 -15.77
CA TYR A 332 39.03 -18.07 -14.44
C TYR A 332 39.59 -17.20 -13.28
N ASP A 333 39.74 -15.90 -13.55
CA ASP A 333 40.38 -14.99 -12.60
C ASP A 333 39.43 -13.86 -12.14
N GLY A 334 38.12 -14.01 -12.38
CA GLY A 334 37.16 -12.96 -12.00
C GLY A 334 36.94 -11.90 -13.07
N THR A 335 37.61 -12.02 -14.21
CA THR A 335 37.53 -11.02 -15.28
C THR A 335 36.80 -11.53 -16.54
N ASP A 336 36.33 -12.77 -16.51
CA ASP A 336 35.69 -13.37 -17.68
C ASP A 336 34.32 -12.78 -18.06
N ARG A 337 33.99 -13.00 -19.33
CA ARG A 337 32.65 -12.74 -19.95
C ARG A 337 31.54 -13.17 -19.02
N TRP A 338 30.56 -12.29 -18.81
CA TRP A 338 29.48 -12.59 -17.89
C TRP A 338 28.22 -12.02 -18.46
N LEU A 339 27.32 -12.90 -18.88
CA LEU A 339 25.99 -12.47 -19.34
C LEU A 339 24.94 -12.98 -18.34
N LYS A 340 23.80 -12.29 -18.32
CA LYS A 340 22.61 -12.73 -17.64
C LYS A 340 21.55 -13.06 -18.70
N ARG A 341 20.70 -14.02 -18.37
CA ARG A 341 19.74 -14.48 -19.33
C ARG A 341 18.37 -14.64 -18.68
N VAL A 342 17.34 -14.12 -19.36
CA VAL A 342 15.95 -14.31 -18.93
C VAL A 342 15.19 -14.90 -20.11
N CYS A 343 14.46 -15.98 -19.87
CA CYS A 343 13.60 -16.49 -20.93
C CYS A 343 12.18 -15.94 -20.77
N VAL A 344 11.54 -15.68 -21.92
CA VAL A 344 10.23 -15.01 -21.93
C VAL A 344 9.15 -15.88 -22.59
N THR A 345 7.98 -15.99 -21.94
CA THR A 345 6.85 -16.66 -22.56
C THR A 345 5.73 -15.61 -22.75
N SER A 346 5.10 -15.71 -23.91
CA SER A 346 3.94 -14.87 -24.18
C SER A 346 2.68 -15.39 -23.49
N ASP A 347 2.68 -16.64 -23.03
CA ASP A 347 1.48 -17.19 -22.43
C ASP A 347 1.88 -18.18 -21.35
N LEU A 348 2.02 -17.66 -20.14
CA LEU A 348 2.42 -18.50 -19.01
C LEU A 348 1.39 -19.60 -18.76
N ARG A 349 0.09 -19.27 -18.92
CA ARG A 349 -0.94 -20.28 -18.65
C ARG A 349 -0.93 -21.50 -19.56
N ARG A 350 -0.41 -21.36 -20.77
CA ARG A 350 -0.34 -22.49 -21.70
C ARG A 350 0.47 -23.70 -21.17
N SER A 351 1.49 -23.42 -20.35
CA SER A 351 2.36 -24.46 -19.80
C SER A 351 1.85 -24.98 -18.44
N ARG A 352 0.60 -24.68 -18.07
CA ARG A 352 0.11 -25.09 -16.74
C ARG A 352 0.29 -26.58 -16.41
N GLU A 353 0.05 -27.43 -17.39
CA GLU A 353 0.22 -28.89 -17.25
C GLU A 353 1.64 -29.27 -16.80
N MET A 354 2.63 -28.45 -17.12
CA MET A 354 4.02 -28.72 -16.72
C MET A 354 4.52 -27.95 -15.50
N ARG A 355 3.65 -27.19 -14.84
CA ARG A 355 4.05 -26.45 -13.64
C ARG A 355 3.40 -26.98 -12.38
N ALA A 356 4.18 -27.03 -11.29
CA ALA A 356 3.71 -27.61 -10.02
C ALA A 356 2.46 -26.93 -9.43
N THR A 357 2.36 -25.61 -9.65
CA THR A 357 1.28 -24.77 -9.14
C THR A 357 0.95 -23.72 -10.21
N SER A 358 -0.20 -23.05 -10.06
CA SER A 358 -0.55 -21.89 -10.87
C SER A 358 0.47 -20.76 -10.69
N ALA A 359 0.94 -20.56 -9.45
CA ALA A 359 1.83 -19.43 -9.11
C ALA A 359 3.25 -19.58 -9.63
N THR A 360 3.73 -20.82 -9.76
CA THR A 360 5.16 -21.00 -10.06
C THR A 360 5.43 -20.69 -11.53
N ARG A 361 6.59 -20.10 -11.79
CA ARG A 361 6.97 -19.77 -13.16
C ARG A 361 7.96 -20.81 -13.71
N LEU A 362 8.16 -21.88 -12.97
CA LEU A 362 9.17 -22.89 -13.32
C LEU A 362 8.55 -24.12 -13.92
N LEU A 363 9.00 -24.53 -15.09
CA LEU A 363 8.49 -25.77 -15.66
C LEU A 363 9.26 -26.96 -15.08
N GLY A 364 8.54 -28.04 -14.74
CA GLY A 364 9.15 -29.34 -14.39
C GLY A 364 9.08 -29.74 -12.93
N SER B 28 -16.99 -14.47 -1.74
CA SER B 28 -17.07 -15.58 -2.74
C SER B 28 -16.20 -15.30 -4.00
N THR B 29 -16.37 -14.14 -4.64
CA THR B 29 -15.50 -13.77 -5.78
C THR B 29 -14.93 -12.37 -5.59
N PRO B 30 -13.58 -12.25 -5.52
CA PRO B 30 -12.91 -10.96 -5.27
C PRO B 30 -13.34 -9.89 -6.27
N SER B 31 -13.47 -8.65 -5.80
CA SER B 31 -13.80 -7.57 -6.69
C SER B 31 -13.13 -6.32 -6.12
N TYR B 32 -13.10 -5.27 -6.90
CA TYR B 32 -12.44 -4.04 -6.46
C TYR B 32 -13.43 -2.90 -6.66
N SER B 33 -13.61 -2.05 -5.64
CA SER B 33 -14.57 -0.95 -5.72
C SER B 33 -13.78 0.34 -5.71
N LEU B 34 -13.90 1.13 -6.78
CA LEU B 34 -13.16 2.36 -6.92
C LEU B 34 -13.60 3.37 -5.88
N THR B 35 -12.64 4.08 -5.31
CA THR B 35 -13.00 5.29 -4.56
C THR B 35 -13.44 6.38 -5.54
N PRO B 36 -14.11 7.45 -5.04
CA PRO B 36 -14.45 8.55 -5.95
C PRO B 36 -13.18 9.09 -6.62
N ALA B 37 -12.08 9.17 -5.87
CA ALA B 37 -10.82 9.69 -6.41
C ALA B 37 -10.32 8.85 -7.58
N GLU B 38 -10.34 7.52 -7.43
CA GLU B 38 -9.94 6.64 -8.51
C GLU B 38 -10.90 6.76 -9.68
N ALA B 39 -12.21 6.83 -9.41
CA ALA B 39 -13.19 6.86 -10.49
C ALA B 39 -12.97 8.14 -11.30
N SER B 40 -12.68 9.24 -10.60
CA SER B 40 -12.46 10.53 -11.28
C SER B 40 -11.16 10.47 -12.11
N ALA B 41 -10.10 9.88 -11.54
CA ALA B 41 -8.82 9.72 -12.25
C ALA B 41 -8.98 8.90 -13.54
N VAL B 42 -9.74 7.82 -13.43
CA VAL B 42 -9.97 6.94 -14.60
C VAL B 42 -10.77 7.69 -15.63
N ALA B 43 -11.85 8.35 -15.21
CA ALA B 43 -12.66 9.08 -16.17
C ALA B 43 -11.87 10.16 -16.90
N GLU B 44 -11.12 10.96 -16.14
CA GLU B 44 -10.23 11.99 -16.70
C GLU B 44 -9.22 11.42 -17.69
N LEU B 45 -8.59 10.31 -17.30
CA LEU B 45 -7.63 9.66 -18.21
C LEU B 45 -8.27 9.27 -19.55
N THR B 46 -9.42 8.59 -19.49
CA THR B 46 -10.12 8.16 -20.72
C THR B 46 -10.55 9.35 -21.59
N LEU B 47 -10.98 10.44 -20.94
CA LEU B 47 -11.30 11.64 -21.72
C LEU B 47 -10.09 12.23 -22.40
N GLU B 48 -8.97 12.33 -21.68
CA GLU B 48 -7.71 12.82 -22.24
C GLU B 48 -7.27 11.98 -23.45
N LEU B 49 -7.33 10.67 -23.27
CA LEU B 49 -6.93 9.72 -24.31
C LEU B 49 -7.81 9.80 -25.55
N ALA B 50 -9.12 9.85 -25.34
CA ALA B 50 -10.07 10.01 -26.41
C ALA B 50 -9.80 11.25 -27.25
N ALA B 51 -9.48 12.36 -26.60
CA ALA B 51 -9.20 13.59 -27.34
C ALA B 51 -7.84 13.50 -28.07
N ALA B 52 -6.90 12.74 -27.51
CA ALA B 52 -5.55 12.66 -28.08
C ALA B 52 -5.41 11.74 -29.32
N TYR B 53 -6.13 10.63 -29.33
CA TYR B 53 -6.06 9.62 -30.41
C TYR B 53 -7.34 9.59 -31.26
N GLY B 54 -7.20 9.32 -32.55
CA GLY B 54 -8.35 9.40 -33.49
C GLY B 54 -9.47 8.44 -33.16
N SER B 55 -9.25 7.17 -33.50
CA SER B 55 -10.06 6.08 -33.04
C SER B 55 -9.06 4.98 -32.74
N PHE B 56 -9.53 3.75 -32.60
CA PHE B 56 -8.63 2.60 -32.58
C PHE B 56 -7.95 2.33 -33.92
N GLY B 57 -8.41 3.05 -34.96
CA GLY B 57 -7.84 2.98 -36.30
C GLY B 57 -6.46 3.59 -36.31
N ASP B 58 -6.15 4.29 -35.22
CA ASP B 58 -4.82 4.80 -34.96
C ASP B 58 -3.92 3.66 -34.48
N PRO B 59 -3.02 3.19 -35.37
CA PRO B 59 -2.09 2.16 -34.93
C PRO B 59 -1.23 2.66 -33.75
N VAL B 60 -1.10 3.97 -33.60
CA VAL B 60 -0.23 4.49 -32.53
C VAL B 60 -0.90 4.25 -31.17
N LEU B 61 -2.23 4.30 -31.13
CA LEU B 61 -2.95 4.01 -29.90
C LEU B 61 -2.74 2.57 -29.49
N LEU B 62 -2.83 1.67 -30.46
CA LEU B 62 -2.66 0.25 -30.15
C LEU B 62 -1.25 -0.01 -29.70
N ARG B 63 -0.26 0.64 -30.33
CA ARG B 63 1.10 0.53 -29.83
C ARG B 63 1.21 0.95 -28.36
N ASP B 64 0.61 2.11 -28.03
CA ASP B 64 0.84 2.76 -26.74
C ASP B 64 0.04 2.16 -25.57
N LEU B 65 -0.94 1.34 -25.90
CA LEU B 65 -1.88 0.79 -24.95
C LEU B 65 -1.26 0.34 -23.61
N PRO B 66 -0.25 -0.56 -23.62
CA PRO B 66 0.25 -0.98 -22.29
C PRO B 66 0.87 0.20 -21.49
N ARG B 67 1.62 1.04 -22.16
CA ARG B 67 2.17 2.21 -21.49
C ARG B 67 1.08 3.14 -20.95
N LEU B 68 0.08 3.49 -21.77
CA LEU B 68 -1.08 4.23 -21.32
C LEU B 68 -1.83 3.56 -20.13
N ALA B 69 -1.97 2.24 -20.17
CA ALA B 69 -2.64 1.52 -19.07
C ALA B 69 -1.90 1.64 -17.75
N ALA B 70 -0.59 1.87 -17.82
CA ALA B 70 0.19 2.13 -16.60
C ALA B 70 -0.10 3.50 -15.99
N ARG B 71 -0.90 4.32 -16.66
CA ARG B 71 -1.39 5.56 -16.05
C ARG B 71 -2.70 5.37 -15.28
N LEU B 72 -3.30 4.17 -15.31
CA LEU B 72 -4.44 3.90 -14.40
C LEU B 72 -3.99 3.95 -12.93
N PRO B 73 -4.95 4.13 -11.98
CA PRO B 73 -4.60 4.14 -10.57
C PRO B 73 -3.84 2.85 -10.23
N GLU B 74 -2.77 2.95 -9.46
CA GLU B 74 -1.98 1.76 -9.14
C GLU B 74 -2.72 0.62 -8.48
N GLY B 75 -3.69 0.92 -7.65
CA GLY B 75 -4.46 -0.12 -6.98
C GLY B 75 -5.23 -0.96 -7.99
N VAL B 76 -5.67 -0.32 -9.08
CA VAL B 76 -6.46 -1.00 -10.11
C VAL B 76 -5.52 -1.92 -10.89
N GLN B 77 -4.37 -1.38 -11.27
CA GLN B 77 -3.36 -2.20 -11.95
C GLN B 77 -2.97 -3.39 -11.10
N ASP B 78 -2.70 -3.16 -9.81
CA ASP B 78 -2.26 -4.24 -8.96
C ASP B 78 -3.34 -5.33 -8.77
N PHE B 79 -4.58 -4.89 -8.63
CA PHE B 79 -5.72 -5.84 -8.50
C PHE B 79 -5.87 -6.77 -9.72
N LEU B 80 -5.80 -6.19 -10.91
CA LEU B 80 -5.96 -6.98 -12.12
C LEU B 80 -4.77 -7.87 -12.36
N ARG B 81 -3.57 -7.40 -12.01
CA ARG B 81 -2.41 -8.22 -12.16
C ARG B 81 -2.49 -9.43 -11.21
N GLU B 82 -3.00 -9.20 -10.01
CA GLU B 82 -3.21 -10.27 -9.06
C GLU B 82 -4.21 -11.30 -9.55
N PHE B 83 -5.33 -10.84 -10.08
CA PHE B 83 -6.31 -11.75 -10.73
C PHE B 83 -5.65 -12.59 -11.85
N LYS B 84 -4.95 -11.92 -12.75
CA LYS B 84 -4.28 -12.61 -13.86
C LYS B 84 -3.31 -13.68 -13.36
N LEU B 85 -2.47 -13.32 -12.39
CA LEU B 85 -1.42 -14.23 -11.99
C LEU B 85 -1.94 -15.29 -11.05
N ALA B 86 -2.97 -14.97 -10.28
CA ALA B 86 -3.48 -15.91 -9.28
C ALA B 86 -4.05 -17.13 -10.00
N ASP B 87 -4.58 -16.92 -11.22
CA ASP B 87 -5.16 -18.00 -12.04
C ASP B 87 -6.09 -18.84 -11.15
N ARG B 88 -7.05 -18.18 -10.50
CA ARG B 88 -7.79 -18.82 -9.40
C ARG B 88 -9.30 -18.73 -9.55
N HIS B 89 -9.82 -17.58 -9.97
CA HIS B 89 -11.28 -17.38 -10.06
C HIS B 89 -11.69 -17.22 -11.49
N GLY B 90 -12.95 -17.56 -11.80
CA GLY B 90 -13.46 -17.53 -13.17
C GLY B 90 -13.80 -16.14 -13.69
N HIS B 91 -13.94 -15.21 -12.74
CA HIS B 91 -14.23 -13.81 -13.06
C HIS B 91 -13.85 -12.88 -11.95
N THR B 92 -13.81 -11.60 -12.30
CA THR B 92 -13.70 -10.57 -11.27
C THR B 92 -14.34 -9.31 -11.80
N VAL B 93 -14.57 -8.33 -10.92
CA VAL B 93 -15.32 -7.13 -11.29
C VAL B 93 -14.60 -5.90 -10.71
N ILE B 94 -14.47 -4.87 -11.52
CA ILE B 94 -14.05 -3.55 -11.00
C ILE B 94 -15.26 -2.64 -11.10
N ARG B 95 -15.68 -2.15 -9.93
CA ARG B 95 -16.97 -1.48 -9.70
C ARG B 95 -16.78 0.00 -9.38
N GLY B 96 -17.82 0.78 -9.64
CA GLY B 96 -17.81 2.20 -9.30
C GLY B 96 -17.16 3.12 -10.32
N HIS B 97 -17.03 2.71 -11.57
CA HIS B 97 -16.52 3.64 -12.60
C HIS B 97 -17.54 4.73 -12.80
N ASP B 98 -17.08 5.91 -13.21
CA ASP B 98 -17.97 7.02 -13.57
C ASP B 98 -18.20 7.03 -15.10
N PHE B 99 -19.33 6.44 -15.55
CA PHE B 99 -19.70 6.43 -16.96
C PHE B 99 -20.79 7.49 -17.19
N ASP B 100 -20.38 8.64 -17.68
CA ASP B 100 -21.23 9.84 -17.81
C ASP B 100 -22.40 9.59 -18.78
N GLN B 101 -23.58 9.37 -18.22
CA GLN B 101 -24.74 8.93 -19.02
C GLN B 101 -25.15 9.96 -20.10
N ARG B 102 -25.14 11.26 -19.77
CA ARG B 102 -25.46 12.31 -20.75
C ARG B 102 -24.48 12.31 -21.92
N ARG B 103 -23.18 12.25 -21.64
CA ARG B 103 -22.17 12.17 -22.71
C ARG B 103 -22.36 10.92 -23.55
N ILE B 104 -22.55 9.78 -22.89
CA ILE B 104 -22.66 8.49 -23.58
C ILE B 104 -23.87 8.52 -24.53
N GLY B 105 -24.96 9.12 -24.05
CA GLY B 105 -26.15 9.32 -24.85
C GLY B 105 -27.04 8.09 -24.87
N PRO B 106 -28.08 8.11 -25.72
CA PRO B 106 -29.05 7.02 -25.81
C PRO B 106 -28.42 5.72 -26.38
N THR B 107 -28.85 4.58 -25.84
CA THR B 107 -28.47 3.26 -26.36
C THR B 107 -28.92 3.18 -27.82
N PRO B 108 -28.00 2.85 -28.75
CA PRO B 108 -28.30 2.82 -30.19
C PRO B 108 -29.31 1.73 -30.64
N ASP B 109 -29.86 1.92 -31.84
CA ASP B 109 -30.82 0.99 -32.45
C ASP B 109 -30.13 -0.22 -33.05
N HIS B 110 -28.96 0.04 -33.64
CA HIS B 110 -28.12 -0.98 -34.29
C HIS B 110 -26.67 -0.56 -34.29
N TRP B 111 -25.75 -1.51 -34.44
CA TRP B 111 -24.32 -1.19 -34.56
C TRP B 111 -23.86 -0.89 -35.96
N ARG B 112 -24.54 -1.42 -36.98
CA ARG B 112 -24.17 -1.12 -38.38
C ARG B 112 -24.60 0.29 -38.77
N GLY B 113 -23.85 0.91 -39.67
CA GLY B 113 -24.16 2.27 -40.14
C GLY B 113 -23.97 3.35 -39.10
N ARG B 114 -23.61 2.94 -37.89
CA ARG B 114 -23.31 3.86 -36.79
C ARG B 114 -21.85 4.33 -36.95
N VAL B 115 -21.59 5.61 -36.68
CA VAL B 115 -20.24 6.16 -36.84
C VAL B 115 -19.35 5.81 -35.64
N ARG B 116 -18.18 5.24 -35.92
CA ARG B 116 -17.14 5.00 -34.92
C ARG B 116 -15.98 5.98 -35.15
N PRO B 117 -15.54 6.71 -34.10
CA PRO B 117 -15.90 6.64 -32.68
C PRO B 117 -17.17 7.44 -32.32
N GLY B 118 -17.99 6.88 -31.43
CA GLY B 118 -19.14 7.61 -30.86
C GLY B 118 -18.77 8.36 -29.59
N PRO B 119 -19.75 9.00 -28.94
CA PRO B 119 -19.50 9.76 -27.70
C PRO B 119 -19.01 8.88 -26.53
N GLU B 120 -19.28 7.58 -26.60
CA GLU B 120 -18.84 6.61 -25.57
C GLU B 120 -17.42 6.04 -25.82
N PHE B 121 -16.68 6.66 -26.73
CA PHE B 121 -15.30 6.31 -27.02
C PHE B 121 -14.38 6.23 -25.75
N PRO B 122 -14.55 7.16 -24.78
CA PRO B 122 -13.72 7.05 -23.59
C PRO B 122 -13.86 5.68 -22.92
N GLU B 123 -15.07 5.13 -22.93
CA GLU B 123 -15.36 3.88 -22.24
C GLU B 123 -14.82 2.67 -23.01
N GLU B 124 -14.84 2.78 -24.34
CA GLU B 124 -14.21 1.77 -25.20
C GLU B 124 -12.71 1.77 -24.97
N LEU B 125 -12.14 2.97 -24.90
CA LEU B 125 -10.74 3.13 -24.59
C LEU B 125 -10.40 2.56 -23.21
N LEU B 126 -11.28 2.77 -22.22
CA LEU B 126 -11.03 2.20 -20.92
C LEU B 126 -10.84 0.64 -21.07
N LEU B 127 -11.76 0.01 -21.82
CA LEU B 127 -11.71 -1.44 -21.88
C LEU B 127 -10.49 -1.89 -22.63
N MET B 128 -10.04 -1.08 -23.59
CA MET B 128 -8.83 -1.41 -24.32
C MET B 128 -7.59 -1.30 -23.44
N LEU B 129 -7.56 -0.31 -22.54
CA LEU B 129 -6.46 -0.18 -21.58
C LEU B 129 -6.45 -1.40 -20.70
N TYR B 130 -7.62 -1.78 -20.20
CA TYR B 130 -7.71 -3.01 -19.39
C TYR B 130 -7.24 -4.26 -20.16
N SER B 131 -7.55 -4.32 -21.46
CA SER B 131 -7.18 -5.53 -22.26
C SER B 131 -5.64 -5.60 -22.39
N ALA B 132 -4.98 -4.44 -22.43
CA ALA B 132 -3.51 -4.43 -22.46
C ALA B 132 -2.86 -4.88 -21.14
N LEU B 133 -3.50 -4.63 -20.02
CA LEU B 133 -3.03 -5.19 -18.75
C LEU B 133 -3.15 -6.72 -18.73
N LEU B 134 -4.13 -7.26 -19.43
CA LEU B 134 -4.32 -8.71 -19.42
C LEU B 134 -3.59 -9.44 -20.54
N GLY B 135 -3.43 -8.80 -21.69
CA GLY B 135 -2.80 -9.46 -22.83
C GLY B 135 -2.82 -8.52 -24.00
N GLU B 136 -3.49 -8.94 -25.08
CA GLU B 136 -3.60 -8.10 -26.28
C GLU B 136 -5.05 -8.12 -26.72
N PRO B 137 -5.65 -6.94 -27.03
CA PRO B 137 -6.95 -7.00 -27.64
C PRO B 137 -6.92 -7.60 -29.06
N PHE B 138 -7.94 -8.38 -29.40
CA PHE B 138 -8.03 -8.88 -30.77
C PHE B 138 -9.52 -9.05 -31.10
N GLY B 139 -9.79 -9.30 -32.38
CA GLY B 139 -11.17 -9.39 -32.81
C GLY B 139 -11.29 -10.37 -33.94
N TRP B 140 -12.49 -10.41 -34.51
CA TRP B 140 -12.81 -11.26 -35.63
C TRP B 140 -13.23 -10.39 -36.77
N ALA B 141 -12.58 -10.56 -37.90
CA ALA B 141 -12.74 -9.67 -39.06
C ALA B 141 -14.16 -9.64 -39.63
N THR B 142 -14.94 -10.68 -39.39
CA THR B 142 -16.29 -10.75 -39.97
C THR B 142 -17.34 -10.37 -38.95
N GLN B 143 -16.91 -10.06 -37.71
CA GLN B 143 -17.82 -9.71 -36.64
C GLN B 143 -17.84 -8.20 -36.39
N GLN B 144 -19.06 -7.65 -36.26
CA GLN B 144 -19.32 -6.22 -36.07
C GLN B 144 -18.36 -5.31 -36.82
N ASP B 145 -18.28 -5.57 -38.14
CA ASP B 145 -17.34 -4.89 -39.05
C ASP B 145 -15.88 -4.91 -38.61
N GLY B 146 -15.49 -5.92 -37.85
CA GLY B 146 -14.10 -6.04 -37.41
C GLY B 146 -13.71 -5.03 -36.35
N HIS B 147 -14.70 -4.43 -35.68
CA HIS B 147 -14.38 -3.54 -34.54
C HIS B 147 -13.73 -4.31 -33.41
N LEU B 148 -12.67 -3.73 -32.83
CA LEU B 148 -12.04 -4.38 -31.66
C LEU B 148 -12.86 -4.29 -30.41
N VAL B 149 -13.69 -3.25 -30.30
CA VAL B 149 -14.66 -3.18 -29.21
C VAL B 149 -16.07 -3.47 -29.76
N HIS B 150 -16.72 -4.50 -29.23
CA HIS B 150 -18.04 -4.88 -29.71
C HIS B 150 -19.11 -4.19 -28.91
N ASP B 151 -20.28 -4.02 -29.52
CA ASP B 151 -21.45 -3.62 -28.78
C ASP B 151 -22.28 -4.81 -28.35
N ILE B 152 -22.88 -4.70 -27.18
CA ILE B 152 -23.91 -5.64 -26.75
C ILE B 152 -25.13 -4.80 -26.37
N PHE B 153 -26.15 -4.81 -27.21
CA PHE B 153 -27.44 -4.17 -26.83
C PHE B 153 -28.62 -4.79 -27.61
N PRO B 154 -29.85 -4.69 -27.08
CA PRO B 154 -31.00 -5.35 -27.73
C PRO B 154 -31.28 -4.75 -29.10
N ILE B 155 -31.36 -5.59 -30.12
CA ILE B 155 -31.67 -5.11 -31.48
C ILE B 155 -33.04 -5.68 -31.84
N ARG B 156 -33.87 -4.85 -32.49
CA ARG B 156 -35.27 -5.21 -32.74
C ARG B 156 -35.39 -6.40 -33.69
N SER B 157 -34.67 -6.34 -34.81
CA SER B 157 -34.69 -7.40 -35.81
C SER B 157 -34.05 -8.69 -35.31
N HIS B 158 -32.89 -8.57 -34.67
CA HIS B 158 -32.16 -9.73 -34.14
C HIS B 158 -32.75 -10.24 -32.86
N GLU B 159 -33.97 -9.79 -32.54
CA GLU B 159 -34.63 -10.07 -31.26
C GLU B 159 -34.68 -11.56 -30.86
N ASN B 160 -35.57 -12.33 -31.50
CA ASN B 160 -35.73 -13.76 -31.21
C ASN B 160 -34.67 -14.68 -31.84
N ASP B 161 -33.41 -14.20 -31.90
CA ASP B 161 -32.24 -15.05 -32.17
C ASP B 161 -31.40 -15.10 -30.91
N GLN B 162 -30.85 -16.27 -30.58
CA GLN B 162 -29.98 -16.34 -29.42
C GLN B 162 -28.52 -15.97 -29.75
N LEU B 163 -28.30 -14.67 -30.01
CA LEU B 163 -26.98 -14.08 -30.27
C LEU B 163 -26.76 -12.82 -29.40
N GLY B 164 -25.61 -12.16 -29.51
CA GLY B 164 -25.25 -11.05 -28.59
C GLY B 164 -26.24 -9.89 -28.60
N MET B 165 -26.70 -9.55 -29.80
CA MET B 165 -27.60 -8.42 -30.00
C MET B 165 -29.08 -8.79 -29.78
N GLY B 166 -29.31 -9.92 -29.10
CA GLY B 166 -30.67 -10.41 -28.83
C GLY B 166 -31.25 -9.93 -27.51
N SER B 167 -32.49 -10.32 -27.24
CA SER B 167 -33.14 -9.92 -25.99
C SER B 167 -33.96 -11.05 -25.38
N LYS B 168 -35.00 -11.46 -26.11
CA LYS B 168 -35.99 -12.44 -25.64
C LYS B 168 -35.48 -13.84 -25.31
N GLN B 169 -34.34 -14.25 -25.87
CA GLN B 169 -33.76 -15.58 -25.49
C GLN B 169 -32.29 -15.67 -25.03
N LEU B 170 -31.99 -16.71 -24.24
CA LEU B 170 -30.72 -17.51 -24.28
C LEU B 170 -31.05 -18.70 -23.39
N LEU B 171 -30.24 -18.94 -22.35
CA LEU B 171 -30.30 -20.14 -21.49
C LEU B 171 -29.11 -21.10 -21.67
N THR B 172 -28.14 -20.72 -22.50
CA THR B 172 -27.05 -21.64 -22.85
C THR B 172 -25.62 -21.06 -22.63
N TRP B 173 -25.06 -21.50 -21.51
CA TRP B 173 -23.72 -21.05 -21.15
C TRP B 173 -22.67 -21.71 -22.01
N HIS B 174 -21.53 -21.02 -22.17
CA HIS B 174 -20.48 -21.45 -23.09
C HIS B 174 -19.14 -20.93 -22.69
N THR B 175 -18.11 -21.69 -23.05
CA THR B 175 -16.77 -21.13 -23.28
C THR B 175 -16.87 -20.34 -24.58
N GLU B 176 -16.28 -19.14 -24.64
CA GLU B 176 -16.28 -18.41 -25.90
C GLU B 176 -15.41 -19.15 -26.96
N ASP B 177 -15.99 -19.46 -28.10
CA ASP B 177 -15.30 -20.14 -29.22
C ASP B 177 -14.56 -21.36 -28.80
N ALA B 178 -15.25 -22.21 -28.05
CA ALA B 178 -14.64 -23.42 -27.50
C ALA B 178 -13.95 -24.26 -28.57
N PHE B 179 -14.49 -24.22 -29.79
CA PHE B 179 -13.95 -25.00 -30.92
C PHE B 179 -12.59 -24.51 -31.38
N HIS B 180 -12.34 -23.22 -31.15
CA HIS B 180 -11.27 -22.50 -31.81
C HIS B 180 -9.94 -22.55 -31.09
N PRO B 181 -8.85 -22.94 -31.78
CA PRO B 181 -7.55 -23.03 -31.16
C PRO B 181 -7.05 -21.68 -30.59
N TYR B 182 -7.46 -20.58 -31.20
CA TYR B 182 -7.02 -19.23 -30.78
C TYR B 182 -8.18 -18.44 -30.13
N ARG B 183 -9.08 -19.16 -29.47
CA ARG B 183 -10.22 -18.50 -28.77
C ARG B 183 -9.68 -17.53 -27.73
N SER B 184 -10.51 -16.57 -27.32
CA SER B 184 -10.17 -15.62 -26.24
C SER B 184 -9.63 -16.31 -25.00
N ASP B 185 -8.58 -15.72 -24.39
CA ASP B 185 -8.15 -16.15 -23.08
C ASP B 185 -8.96 -15.46 -21.95
N TYR B 186 -9.36 -14.20 -22.19
CA TYR B 186 -10.28 -13.46 -21.30
C TYR B 186 -11.26 -12.64 -22.16
N LEU B 187 -12.39 -12.34 -21.53
CA LEU B 187 -13.38 -11.40 -22.07
C LEU B 187 -13.57 -10.28 -21.04
N ILE B 188 -13.63 -9.07 -21.54
CA ILE B 188 -13.89 -7.87 -20.72
C ILE B 188 -15.25 -7.27 -21.13
N LEU B 189 -16.18 -7.20 -20.18
CA LEU B 189 -17.50 -6.64 -20.43
C LEU B 189 -17.69 -5.40 -19.55
N GLY B 190 -17.83 -4.25 -20.17
CA GLY B 190 -18.07 -2.99 -19.46
C GLY B 190 -19.53 -2.56 -19.64
N ALA B 191 -20.23 -2.40 -18.53
CA ALA B 191 -21.67 -2.11 -18.53
C ALA B 191 -21.86 -0.60 -18.54
N LEU B 192 -22.10 -0.06 -19.72
CA LEU B 192 -22.46 1.37 -19.86
C LEU B 192 -23.77 1.70 -19.16
N ARG B 193 -24.73 0.78 -19.26
CA ARG B 193 -25.96 0.82 -18.46
C ARG B 193 -26.63 -0.54 -18.37
N ASN B 194 -27.34 -0.75 -17.28
CA ASN B 194 -28.07 -1.99 -17.07
C ASN B 194 -29.26 -1.76 -16.16
N PRO B 195 -30.25 -0.97 -16.63
CA PRO B 195 -31.25 -0.45 -15.66
C PRO B 195 -32.15 -1.50 -15.04
N ASP B 196 -32.32 -2.64 -15.73
CA ASP B 196 -33.13 -3.71 -15.20
C ASP B 196 -32.34 -4.86 -14.57
N HIS B 197 -31.03 -4.64 -14.39
CA HIS B 197 -30.19 -5.58 -13.66
C HIS B 197 -30.22 -6.96 -14.24
N VAL B 198 -30.16 -7.03 -15.56
CA VAL B 198 -30.12 -8.30 -16.30
C VAL B 198 -28.78 -9.00 -16.05
N PRO B 199 -28.81 -10.23 -15.47
CA PRO B 199 -27.58 -10.92 -15.13
C PRO B 199 -26.86 -11.53 -16.31
N THR B 200 -25.54 -11.68 -16.15
CA THR B 200 -24.70 -12.50 -17.01
C THR B 200 -24.55 -13.76 -16.23
N THR B 201 -24.73 -14.91 -16.87
CA THR B 201 -24.49 -16.10 -16.12
C THR B 201 -23.02 -16.42 -16.21
N VAL B 202 -22.45 -16.85 -15.11
CA VAL B 202 -21.07 -17.35 -15.13
C VAL B 202 -20.88 -18.53 -14.18
N GLY B 203 -20.18 -19.55 -14.66
CA GLY B 203 -20.04 -20.78 -13.91
C GLY B 203 -18.61 -21.27 -13.99
N GLU B 204 -18.15 -21.78 -12.85
CA GLU B 204 -16.82 -22.38 -12.72
C GLU B 204 -16.95 -23.90 -12.60
N LEU B 205 -15.79 -24.56 -12.49
CA LEU B 205 -15.73 -26.02 -12.32
C LEU B 205 -15.47 -26.43 -10.85
N ASP B 206 -16.48 -27.02 -10.21
CA ASP B 206 -16.27 -27.60 -8.89
C ASP B 206 -15.83 -29.03 -9.12
N LEU B 207 -14.56 -29.31 -8.86
CA LEU B 207 -13.98 -30.61 -9.13
C LEU B 207 -14.41 -31.72 -8.14
N SER B 208 -14.88 -31.35 -6.95
CA SER B 208 -15.13 -32.34 -5.90
C SER B 208 -16.33 -33.27 -6.14
N SER B 209 -17.23 -32.88 -7.06
CA SER B 209 -18.38 -33.71 -7.41
C SER B 209 -18.04 -34.63 -8.56
N LEU B 210 -16.78 -34.58 -8.99
CA LEU B 210 -16.32 -35.25 -10.21
C LEU B 210 -15.25 -36.28 -9.87
N SER B 211 -15.42 -37.52 -10.35
CA SER B 211 -14.50 -38.61 -10.01
C SER B 211 -13.15 -38.48 -10.73
N ALA B 212 -12.12 -39.05 -10.11
CA ALA B 212 -10.76 -39.04 -10.65
C ALA B 212 -10.70 -39.72 -12.03
N GLU B 213 -11.52 -40.76 -12.18
CA GLU B 213 -11.62 -41.45 -13.46
C GLU B 213 -12.27 -40.58 -14.55
N ASP B 214 -13.36 -39.89 -14.22
CA ASP B 214 -14.06 -39.07 -15.23
C ASP B 214 -13.17 -37.90 -15.73
N ILE B 215 -12.45 -37.30 -14.79
CA ILE B 215 -11.53 -36.22 -15.10
C ILE B 215 -10.49 -36.71 -16.11
N ASP B 216 -9.89 -37.89 -15.87
CA ASP B 216 -8.89 -38.42 -16.80
C ASP B 216 -9.42 -38.64 -18.21
N VAL B 217 -10.69 -39.05 -18.30
CA VAL B 217 -11.29 -39.24 -19.62
C VAL B 217 -11.47 -37.91 -20.35
N LEU B 218 -11.91 -36.89 -19.59
CA LEU B 218 -12.24 -35.57 -20.15
C LEU B 218 -10.98 -34.85 -20.63
N PHE B 219 -9.84 -35.24 -20.04
CA PHE B 219 -8.52 -34.76 -20.46
C PHE B 219 -8.01 -35.35 -21.78
N GLU B 220 -8.64 -36.42 -22.26
CA GLU B 220 -8.19 -37.11 -23.47
C GLU B 220 -8.90 -36.53 -24.70
N PRO B 221 -8.30 -36.62 -25.91
CA PRO B 221 -8.98 -36.04 -27.06
C PRO B 221 -10.06 -37.00 -27.54
N ARG B 222 -11.23 -36.92 -26.94
CA ARG B 222 -12.29 -37.91 -27.25
C ARG B 222 -13.61 -37.27 -27.66
N TYR B 223 -13.58 -35.95 -27.90
CA TYR B 223 -14.78 -35.11 -28.10
C TYR B 223 -14.65 -34.25 -29.35
N HIS B 224 -15.79 -34.01 -30.01
CA HIS B 224 -15.81 -33.10 -31.16
C HIS B 224 -16.48 -31.83 -30.71
N ILE B 225 -15.80 -30.70 -30.88
CA ILE B 225 -16.49 -29.43 -30.71
C ILE B 225 -16.60 -28.78 -32.06
N ALA B 226 -17.84 -28.62 -32.51
CA ALA B 226 -18.14 -28.08 -33.82
C ALA B 226 -18.06 -26.55 -33.83
N PRO B 227 -17.70 -25.96 -34.99
CA PRO B 227 -17.64 -24.51 -35.13
C PRO B 227 -19.02 -23.86 -35.19
N ASP B 228 -19.10 -22.60 -34.80
CA ASP B 228 -20.33 -21.82 -34.93
C ASP B 228 -20.56 -21.41 -36.39
N GLU B 229 -21.76 -20.93 -36.70
CA GLU B 229 -22.10 -20.43 -38.04
C GLU B 229 -21.61 -19.01 -38.33
N SER B 230 -21.18 -18.30 -37.28
CA SER B 230 -20.32 -17.13 -37.44
C SER B 230 -18.99 -17.69 -37.97
N HIS B 231 -18.02 -16.82 -38.24
CA HIS B 231 -16.68 -17.26 -38.69
C HIS B 231 -16.66 -17.74 -40.12
N ARG B 252 -9.89 -19.00 -47.26
CA ARG B 252 -8.81 -19.97 -47.43
C ARG B 252 -8.85 -21.09 -46.38
N MET B 253 -7.86 -21.15 -45.49
CA MET B 253 -7.68 -22.30 -44.57
C MET B 253 -8.72 -22.49 -43.46
N ILE B 254 -9.35 -23.67 -43.47
CA ILE B 254 -10.22 -24.19 -42.40
C ILE B 254 -10.41 -25.69 -42.67
N ASP B 255 -9.91 -26.60 -41.83
CA ASP B 255 -9.08 -26.40 -40.63
C ASP B 255 -9.76 -25.82 -39.38
N GLU B 256 -10.67 -26.53 -38.69
CA GLU B 256 -11.53 -27.66 -39.13
C GLU B 256 -11.02 -29.09 -39.40
N ARG B 257 -10.96 -29.89 -38.33
CA ARG B 257 -10.78 -31.37 -38.41
C ARG B 257 -10.91 -32.22 -37.09
N PRO B 258 -9.86 -32.25 -36.23
CA PRO B 258 -9.69 -33.34 -35.23
C PRO B 258 -10.76 -33.51 -34.13
N LEU B 259 -10.43 -34.36 -33.15
CA LEU B 259 -11.17 -34.48 -31.91
C LEU B 259 -10.27 -34.02 -30.75
N GLY B 260 -10.86 -33.39 -29.73
CA GLY B 260 -10.10 -32.80 -28.62
C GLY B 260 -10.60 -33.08 -27.22
N PRO B 261 -9.86 -32.57 -26.20
CA PRO B 261 -10.30 -32.72 -24.81
C PRO B 261 -11.32 -31.63 -24.43
N LEU B 262 -12.02 -31.85 -23.33
CA LEU B 262 -12.86 -30.80 -22.72
C LEU B 262 -12.14 -30.12 -21.58
N LEU B 263 -11.26 -30.85 -20.90
CA LEU B 263 -10.51 -30.33 -19.76
C LEU B 263 -9.01 -30.35 -20.10
N TYR B 264 -8.26 -29.41 -19.54
CA TYR B 264 -6.81 -29.34 -19.83
C TYR B 264 -6.11 -28.52 -18.73
N GLY B 265 -4.78 -28.35 -18.83
CA GLY B 265 -4.05 -27.70 -17.73
C GLY B 265 -3.73 -28.69 -16.64
N SER B 266 -3.88 -28.29 -15.38
CA SER B 266 -3.70 -29.18 -14.23
C SER B 266 -4.93 -30.10 -13.97
N ARG B 267 -4.70 -31.38 -13.68
CA ARG B 267 -5.82 -32.29 -13.37
C ARG B 267 -6.41 -32.00 -12.01
N LEU B 268 -5.66 -31.28 -11.18
CA LEU B 268 -6.15 -30.93 -9.86
C LEU B 268 -7.00 -29.66 -9.88
N ASP B 269 -6.88 -28.88 -10.96
CA ASP B 269 -7.59 -27.60 -11.06
C ASP B 269 -7.71 -27.22 -12.54
N PRO B 270 -8.62 -27.89 -13.27
CA PRO B 270 -8.51 -27.90 -14.73
C PRO B 270 -9.09 -26.67 -15.40
N TYR B 271 -8.56 -26.34 -16.57
CA TYR B 271 -9.17 -25.37 -17.46
C TYR B 271 -10.19 -26.10 -18.30
N MET B 272 -11.14 -25.39 -18.84
CA MET B 272 -12.16 -26.09 -19.62
C MET B 272 -12.47 -25.41 -20.95
N ARG B 273 -12.88 -26.19 -21.94
CA ARG B 273 -13.46 -25.65 -23.15
C ARG B 273 -14.82 -26.37 -23.33
N LEU B 274 -15.91 -25.67 -23.05
CA LEU B 274 -17.22 -26.33 -22.94
C LEU B 274 -18.24 -25.52 -23.67
N ASP B 275 -18.80 -26.10 -24.73
CA ASP B 275 -19.97 -25.54 -25.39
C ASP B 275 -20.97 -26.66 -25.69
N PRO B 276 -21.90 -26.92 -24.73
CA PRO B 276 -22.79 -28.09 -24.82
C PRO B 276 -23.48 -28.18 -26.17
N TYR B 277 -24.00 -27.06 -26.65
CA TYR B 277 -24.74 -27.07 -27.91
C TYR B 277 -23.97 -27.65 -29.11
N PHE B 278 -22.67 -27.33 -29.18
CA PHE B 278 -21.81 -27.73 -30.30
C PHE B 278 -20.93 -28.96 -30.07
N THR B 279 -21.13 -29.60 -28.92
CA THR B 279 -20.30 -30.71 -28.47
C THR B 279 -21.02 -32.02 -28.65
N SER B 280 -20.31 -33.00 -29.20
CA SER B 280 -20.81 -34.36 -29.35
C SER B 280 -19.72 -35.41 -29.07
N VAL B 281 -20.15 -36.63 -28.80
CA VAL B 281 -19.25 -37.71 -28.40
C VAL B 281 -19.57 -38.86 -29.36
N PRO B 282 -18.56 -39.45 -30.01
CA PRO B 282 -18.85 -40.66 -30.84
C PRO B 282 -19.65 -41.70 -30.04
N GLN B 283 -20.75 -42.20 -30.61
CA GLN B 283 -21.65 -43.13 -29.89
C GLN B 283 -20.98 -44.32 -29.14
N ASP B 284 -19.91 -44.86 -29.72
CA ASP B 284 -19.23 -46.02 -29.15
C ASP B 284 -18.45 -45.72 -27.85
N ASP B 285 -18.08 -44.46 -27.66
CA ASP B 285 -17.27 -44.10 -26.51
C ASP B 285 -18.16 -43.83 -25.31
N THR B 286 -18.55 -44.91 -24.64
CA THR B 286 -19.48 -44.78 -23.54
C THR B 286 -18.81 -44.21 -22.29
N ASP B 287 -17.49 -44.37 -22.16
CA ASP B 287 -16.83 -43.77 -20.99
C ASP B 287 -16.79 -42.25 -21.14
N ALA B 288 -16.45 -41.79 -22.34
CA ALA B 288 -16.38 -40.37 -22.59
C ALA B 288 -17.76 -39.73 -22.41
N ARG B 289 -18.80 -40.46 -22.79
CA ARG B 289 -20.17 -39.92 -22.70
C ARG B 289 -20.60 -39.81 -21.24
N ARG B 290 -20.26 -40.84 -20.47
CA ARG B 290 -20.47 -40.87 -19.03
C ARG B 290 -19.81 -39.68 -18.33
N ALA B 291 -18.52 -39.49 -18.58
CA ALA B 291 -17.74 -38.38 -17.97
C ALA B 291 -18.25 -37.01 -18.45
N TYR B 292 -18.58 -36.90 -19.73
CA TYR B 292 -19.18 -35.68 -20.25
C TYR B 292 -20.49 -35.34 -19.52
N ASP B 293 -21.37 -36.34 -19.36
CA ASP B 293 -22.61 -36.16 -18.59
C ASP B 293 -22.35 -35.67 -17.18
N ALA B 294 -21.37 -36.26 -16.50
CA ALA B 294 -21.03 -35.83 -15.14
C ALA B 294 -20.49 -34.38 -15.14
N LEU B 295 -19.61 -34.05 -16.09
CA LEU B 295 -19.08 -32.69 -16.20
C LEU B 295 -20.22 -31.65 -16.38
N PHE B 296 -21.05 -31.87 -17.41
CA PHE B 296 -22.21 -31.00 -17.64
C PHE B 296 -23.02 -30.77 -16.38
N LYS B 297 -23.27 -31.83 -15.61
CA LYS B 297 -24.20 -31.69 -14.47
C LYS B 297 -23.56 -30.80 -13.41
N VAL B 298 -22.26 -30.95 -13.25
CA VAL B 298 -21.51 -30.19 -12.24
C VAL B 298 -21.47 -28.71 -12.61
N VAL B 299 -21.21 -28.40 -13.89
CA VAL B 299 -21.08 -27.02 -14.34
C VAL B 299 -22.45 -26.35 -14.36
N ASP B 300 -23.43 -27.05 -14.95
CA ASP B 300 -24.79 -26.53 -15.05
C ASP B 300 -25.38 -26.15 -13.69
N SER B 301 -25.26 -27.06 -12.72
CA SER B 301 -25.77 -26.82 -11.39
C SER B 301 -25.04 -25.72 -10.57
N GLY B 302 -23.80 -25.38 -10.95
CA GLY B 302 -23.06 -24.31 -10.27
C GLY B 302 -23.10 -22.93 -10.92
N MET B 303 -23.85 -22.75 -11.99
CA MET B 303 -24.01 -21.45 -12.64
C MET B 303 -24.57 -20.38 -11.69
N ARG B 304 -23.96 -19.20 -11.76
CA ARG B 304 -24.34 -18.06 -10.95
C ARG B 304 -24.77 -16.91 -11.82
N GLU B 305 -25.64 -16.07 -11.28
CA GLU B 305 -26.09 -14.88 -11.96
C GLU B 305 -25.22 -13.72 -11.46
N VAL B 306 -24.55 -13.06 -12.40
CA VAL B 306 -23.63 -11.97 -12.08
C VAL B 306 -24.16 -10.75 -12.81
N VAL B 307 -24.60 -9.74 -12.06
CA VAL B 307 -25.16 -8.54 -12.67
C VAL B 307 -24.04 -7.51 -12.91
N ALA B 308 -23.83 -7.12 -14.15
CA ALA B 308 -22.90 -6.06 -14.47
C ALA B 308 -23.70 -4.78 -14.46
N ASP B 309 -23.60 -4.03 -13.36
CA ASP B 309 -24.33 -2.77 -13.30
C ASP B 309 -23.57 -1.63 -13.93
N GLN B 310 -24.28 -0.53 -14.21
CA GLN B 310 -23.66 0.65 -14.70
C GLN B 310 -22.38 0.94 -13.89
N GLY B 311 -21.32 1.24 -14.63
CA GLY B 311 -20.01 1.48 -14.01
C GLY B 311 -19.22 0.26 -13.63
N ASP B 312 -19.76 -0.95 -13.86
CA ASP B 312 -19.02 -2.21 -13.58
C ASP B 312 -18.23 -2.63 -14.80
N VAL B 313 -17.00 -3.13 -14.60
CA VAL B 313 -16.29 -3.87 -15.67
C VAL B 313 -16.09 -5.30 -15.23
N LEU B 314 -16.71 -6.24 -15.96
CA LEU B 314 -16.67 -7.66 -15.62
C LEU B 314 -15.60 -8.36 -16.47
N PHE B 315 -14.68 -9.07 -15.80
CA PHE B 315 -13.58 -9.76 -16.48
C PHE B 315 -13.87 -11.24 -16.39
N ILE B 316 -14.02 -11.91 -17.52
CA ILE B 316 -14.27 -13.33 -17.50
C ILE B 316 -13.04 -14.05 -18.01
N ASP B 317 -12.57 -15.00 -17.22
CA ASP B 317 -11.45 -15.86 -17.61
C ASP B 317 -12.02 -17.02 -18.45
N ASN B 318 -11.73 -17.02 -19.75
CA ASN B 318 -12.31 -17.98 -20.69
C ASN B 318 -11.80 -19.43 -20.57
N HIS B 319 -10.86 -19.67 -19.66
CA HIS B 319 -10.37 -21.00 -19.37
C HIS B 319 -10.91 -21.53 -18.10
N ARG B 320 -11.37 -20.65 -17.21
CA ARG B 320 -11.85 -21.10 -15.88
C ARG B 320 -13.37 -20.96 -15.72
N ALA B 321 -14.01 -20.28 -16.65
CA ALA B 321 -15.46 -20.07 -16.52
C ALA B 321 -16.14 -20.18 -17.84
N VAL B 322 -17.41 -20.58 -17.79
CA VAL B 322 -18.31 -20.47 -18.92
C VAL B 322 -19.24 -19.30 -18.55
N HIS B 323 -19.90 -18.74 -19.54
CA HIS B 323 -20.80 -17.64 -19.27
C HIS B 323 -21.96 -17.71 -20.20
N GLY B 324 -22.99 -16.92 -19.94
CA GLY B 324 -24.13 -16.83 -20.85
C GLY B 324 -24.88 -15.57 -20.48
N ARG B 325 -26.05 -15.37 -21.06
CA ARG B 325 -26.90 -14.25 -20.69
C ARG B 325 -28.35 -14.72 -20.54
N LEU B 326 -29.14 -14.04 -19.74
CA LEU B 326 -30.50 -14.50 -19.50
C LEU B 326 -31.46 -13.65 -20.31
N PRO B 327 -32.66 -14.19 -20.63
CA PRO B 327 -33.64 -13.42 -21.39
C PRO B 327 -34.12 -12.19 -20.63
N PHE B 328 -34.40 -11.12 -21.36
CA PHE B 328 -34.93 -9.89 -20.76
C PHE B 328 -35.80 -9.15 -21.78
N GLN B 329 -36.85 -8.54 -21.27
CA GLN B 329 -37.72 -7.70 -22.06
C GLN B 329 -37.01 -6.36 -22.30
N ALA B 330 -36.66 -6.07 -23.56
CA ALA B 330 -36.11 -4.76 -23.92
C ALA B 330 -37.23 -3.72 -24.08
N ARG B 331 -36.88 -2.44 -23.92
CA ARG B 331 -37.82 -1.33 -24.17
C ARG B 331 -37.68 -0.74 -25.59
N TYR B 332 -36.48 -0.79 -26.14
CA TYR B 332 -36.14 -0.17 -27.44
C TYR B 332 -36.34 1.37 -27.52
N ASP B 333 -36.34 2.03 -26.36
CA ASP B 333 -36.55 3.49 -26.30
C ASP B 333 -35.25 4.29 -26.29
N GLY B 334 -34.11 3.62 -26.14
CA GLY B 334 -32.80 4.29 -26.13
C GLY B 334 -32.23 4.24 -24.73
N THR B 335 -32.95 3.57 -23.84
CA THR B 335 -32.51 3.42 -22.48
C THR B 335 -32.13 1.95 -22.17
N ASP B 336 -31.97 1.11 -23.19
CA ASP B 336 -31.74 -0.31 -22.86
C ASP B 336 -30.31 -0.61 -22.39
N ARG B 337 -30.18 -1.73 -21.68
CA ARG B 337 -28.87 -2.33 -21.31
C ARG B 337 -27.88 -2.21 -22.47
N TRP B 338 -26.67 -1.72 -22.19
CA TRP B 338 -25.65 -1.52 -23.20
C TRP B 338 -24.35 -1.93 -22.57
N LEU B 339 -23.77 -3.03 -23.07
CA LEU B 339 -22.41 -3.39 -22.66
C LEU B 339 -21.43 -3.19 -23.84
N LYS B 340 -20.16 -3.00 -23.52
CA LYS B 340 -19.09 -3.04 -24.51
C LYS B 340 -18.25 -4.26 -24.23
N ARG B 341 -17.68 -4.84 -25.28
CA ARG B 341 -16.95 -6.09 -25.09
C ARG B 341 -15.62 -6.11 -25.86
N VAL B 342 -14.56 -6.56 -25.20
CA VAL B 342 -13.26 -6.69 -25.83
C VAL B 342 -12.75 -8.11 -25.53
N CYS B 343 -12.24 -8.80 -26.56
CA CYS B 343 -11.68 -10.15 -26.37
C CYS B 343 -10.17 -10.01 -26.19
N VAL B 344 -9.59 -10.79 -25.28
CA VAL B 344 -8.16 -10.67 -24.97
C VAL B 344 -7.44 -11.96 -25.34
N THR B 345 -6.31 -11.83 -26.06
CA THR B 345 -5.42 -12.99 -26.27
C THR B 345 -4.14 -12.81 -25.47
N SER B 346 -3.69 -13.89 -24.83
CA SER B 346 -2.41 -13.91 -24.17
C SER B 346 -1.28 -13.90 -25.19
N ASP B 347 -1.48 -14.51 -26.36
CA ASP B 347 -0.41 -14.71 -27.31
C ASP B 347 -0.90 -14.40 -28.73
N LEU B 348 -0.77 -13.15 -29.12
CA LEU B 348 -1.26 -12.70 -30.43
C LEU B 348 -0.53 -13.47 -31.55
N ARG B 349 0.76 -13.76 -31.34
CA ARG B 349 1.51 -14.40 -32.44
C ARG B 349 1.04 -15.83 -32.75
N ARG B 350 0.46 -16.47 -31.77
CA ARG B 350 0.01 -17.84 -31.99
C ARG B 350 -1.03 -17.97 -33.08
N SER B 351 -1.89 -16.96 -33.23
CA SER B 351 -2.93 -16.97 -34.27
C SER B 351 -2.43 -16.41 -35.64
N ARG B 352 -1.12 -16.21 -35.80
CA ARG B 352 -0.60 -15.63 -37.06
C ARG B 352 -1.18 -16.24 -38.35
N GLU B 353 -1.31 -17.56 -38.37
CA GLU B 353 -1.73 -18.25 -39.62
C GLU B 353 -3.17 -17.88 -40.03
N MET B 354 -3.95 -17.39 -39.09
CA MET B 354 -5.34 -16.99 -39.34
C MET B 354 -5.53 -15.48 -39.40
N ARG B 355 -4.42 -14.76 -39.47
CA ARG B 355 -4.46 -13.31 -39.51
C ARG B 355 -3.86 -12.87 -40.85
N ALA B 356 -4.46 -11.86 -41.48
CA ALA B 356 -4.11 -11.51 -42.86
C ALA B 356 -2.73 -10.89 -42.98
N THR B 357 -2.30 -10.19 -41.95
CA THR B 357 -0.97 -9.62 -41.89
C THR B 357 -0.52 -9.80 -40.46
N SER B 358 0.74 -9.48 -40.25
CA SER B 358 1.40 -9.50 -38.97
C SER B 358 0.80 -8.47 -38.01
N ALA B 359 0.46 -7.31 -38.56
CA ALA B 359 -0.02 -6.14 -37.79
C ALA B 359 -1.48 -6.23 -37.39
N THR B 360 -2.32 -6.86 -38.22
CA THR B 360 -3.75 -6.97 -37.89
C THR B 360 -4.00 -7.83 -36.67
N ARG B 361 -4.98 -7.41 -35.86
CA ARG B 361 -5.41 -8.12 -34.66
C ARG B 361 -6.71 -8.84 -34.95
N LEU B 362 -7.13 -8.86 -36.22
CA LEU B 362 -8.40 -9.51 -36.58
C LEU B 362 -8.22 -10.91 -37.20
N LEU B 363 -8.90 -11.90 -36.65
CA LEU B 363 -8.79 -13.26 -37.19
C LEU B 363 -9.78 -13.44 -38.35
N GLY B 364 -9.35 -14.10 -39.43
CA GLY B 364 -10.26 -14.44 -40.53
C GLY B 364 -9.98 -13.66 -41.79
N SER C 28 -25.33 27.97 16.74
CA SER C 28 -24.90 28.33 18.12
C SER C 28 -23.64 27.56 18.53
N THR C 29 -22.50 28.09 18.13
CA THR C 29 -21.21 27.56 18.52
C THR C 29 -20.47 28.67 19.25
N PRO C 30 -20.01 28.40 20.48
CA PRO C 30 -19.32 29.49 21.20
C PRO C 30 -18.21 30.13 20.35
N SER C 31 -18.00 31.43 20.56
CA SER C 31 -16.89 32.15 19.95
C SER C 31 -16.55 33.31 20.89
N TYR C 32 -15.37 33.88 20.68
CA TYR C 32 -14.87 34.95 21.54
C TYR C 32 -14.48 36.12 20.64
N SER C 33 -14.79 37.34 21.06
CA SER C 33 -14.43 38.54 20.31
C SER C 33 -13.50 39.43 21.15
N LEU C 34 -12.30 39.66 20.66
CA LEU C 34 -11.33 40.55 21.33
C LEU C 34 -11.84 42.00 21.43
N THR C 35 -11.69 42.62 22.59
CA THR C 35 -11.91 44.10 22.68
C THR C 35 -10.75 44.75 21.89
N PRO C 36 -10.89 46.03 21.53
CA PRO C 36 -9.76 46.72 20.89
C PRO C 36 -8.48 46.68 21.73
N ALA C 37 -8.61 46.77 23.06
CA ALA C 37 -7.46 46.68 23.96
C ALA C 37 -6.80 45.31 23.89
N GLU C 38 -7.60 44.24 23.84
CA GLU C 38 -7.07 42.88 23.65
C GLU C 38 -6.37 42.73 22.32
N ALA C 39 -7.02 43.20 21.26
CA ALA C 39 -6.44 43.14 19.90
C ALA C 39 -5.07 43.86 19.85
N SER C 40 -5.01 45.06 20.38
CA SER C 40 -3.79 45.78 20.48
C SER C 40 -2.70 45.07 21.30
N ALA C 41 -3.05 44.54 22.47
CA ALA C 41 -2.10 43.78 23.29
C ALA C 41 -1.57 42.54 22.54
N VAL C 42 -2.47 41.81 21.90
CA VAL C 42 -2.05 40.65 21.10
C VAL C 42 -1.12 41.03 19.92
N ALA C 43 -1.52 42.06 19.17
CA ALA C 43 -0.70 42.54 18.04
C ALA C 43 0.72 42.92 18.52
N GLU C 44 0.79 43.67 19.63
CA GLU C 44 2.05 44.14 20.23
C GLU C 44 2.95 42.97 20.66
N LEU C 45 2.34 41.98 21.32
CA LEU C 45 3.05 40.76 21.69
C LEU C 45 3.64 40.09 20.46
N THR C 46 2.84 39.87 19.42
CA THR C 46 3.34 39.16 18.22
C THR C 46 4.49 39.92 17.53
N LEU C 47 4.42 41.25 17.55
CA LEU C 47 5.49 42.09 17.01
C LEU C 47 6.77 41.94 17.82
N GLU C 48 6.67 41.91 19.14
CA GLU C 48 7.83 41.73 20.00
C GLU C 48 8.48 40.35 19.77
N LEU C 49 7.62 39.34 19.63
CA LEU C 49 8.14 37.99 19.41
C LEU C 49 8.76 37.88 18.04
N ALA C 50 8.16 38.51 17.03
CA ALA C 50 8.75 38.46 15.69
C ALA C 50 10.15 39.13 15.65
N ALA C 51 10.38 40.07 16.56
CA ALA C 51 11.70 40.71 16.68
C ALA C 51 12.70 39.87 17.46
N ALA C 52 12.22 38.93 18.26
CA ALA C 52 13.08 38.19 19.17
C ALA C 52 13.45 36.76 18.75
N TYR C 53 12.64 36.15 17.90
CA TYR C 53 12.90 34.78 17.43
C TYR C 53 13.14 34.75 15.91
N GLY C 54 13.89 33.77 15.40
CA GLY C 54 14.32 33.82 13.97
C GLY C 54 13.32 33.31 12.93
N SER C 55 12.50 32.34 13.33
CA SER C 55 11.56 31.70 12.42
C SER C 55 10.53 30.98 13.29
N PHE C 56 9.43 30.57 12.66
CA PHE C 56 8.40 29.79 13.36
C PHE C 56 8.87 28.36 13.67
N GLY C 57 10.04 27.95 13.13
CA GLY C 57 10.68 26.67 13.47
C GLY C 57 11.89 26.75 14.41
N ASP C 58 12.15 27.95 14.91
CA ASP C 58 13.25 28.22 15.85
C ASP C 58 13.15 27.32 17.08
N PRO C 59 14.20 26.52 17.38
CA PRO C 59 14.12 25.63 18.54
C PRO C 59 13.86 26.31 19.88
N VAL C 60 14.39 27.53 20.04
CA VAL C 60 14.16 28.25 21.27
C VAL C 60 12.71 28.73 21.40
N LEU C 61 12.15 29.18 20.30
CA LEU C 61 10.74 29.54 20.26
C LEU C 61 9.85 28.35 20.65
N LEU C 62 10.14 27.20 20.08
CA LEU C 62 9.35 26.00 20.31
C LEU C 62 9.40 25.62 21.81
N ARG C 63 10.57 25.78 22.44
CA ARG C 63 10.73 25.49 23.85
C ARG C 63 9.91 26.48 24.68
N ASP C 64 9.95 27.74 24.27
CA ASP C 64 9.31 28.81 25.00
C ASP C 64 7.80 28.96 24.77
N LEU C 65 7.27 28.30 23.73
CA LEU C 65 5.89 28.57 23.27
C LEU C 65 4.79 28.58 24.34
N PRO C 66 4.69 27.55 25.21
CA PRO C 66 3.56 27.57 26.18
C PRO C 66 3.63 28.73 27.14
N ARG C 67 4.84 29.09 27.57
CA ARG C 67 5.01 30.19 28.50
C ARG C 67 4.71 31.53 27.78
N LEU C 68 5.13 31.66 26.53
CA LEU C 68 4.80 32.82 25.73
C LEU C 68 3.30 32.91 25.51
N ALA C 69 2.62 31.76 25.32
CA ALA C 69 1.17 31.82 25.10
C ALA C 69 0.45 32.35 26.35
N ALA C 70 1.05 32.11 27.53
CA ALA C 70 0.46 32.63 28.78
C ALA C 70 0.57 34.17 28.87
N ARG C 71 1.16 34.81 27.86
CA ARG C 71 1.15 36.30 27.76
C ARG C 71 -0.04 36.84 26.98
N LEU C 72 -0.79 35.95 26.35
CA LEU C 72 -2.07 36.33 25.76
C LEU C 72 -3.04 36.74 26.86
N PRO C 73 -4.07 37.53 26.55
CA PRO C 73 -5.08 37.96 27.52
C PRO C 73 -5.63 36.75 28.25
N GLU C 74 -5.81 36.85 29.57
CA GLU C 74 -6.31 35.71 30.36
C GLU C 74 -7.61 35.15 29.82
N GLY C 75 -8.51 36.03 29.39
CA GLY C 75 -9.81 35.63 28.83
C GLY C 75 -9.66 34.75 27.59
N VAL C 76 -8.61 35.02 26.80
CA VAL C 76 -8.36 34.23 25.61
C VAL C 76 -7.89 32.84 26.01
N GLN C 77 -6.92 32.73 26.91
CA GLN C 77 -6.46 31.42 27.37
C GLN C 77 -7.62 30.59 27.95
N ASP C 78 -8.44 31.22 28.76
CA ASP C 78 -9.52 30.51 29.48
C ASP C 78 -10.56 30.03 28.46
N PHE C 79 -10.84 30.84 27.46
CA PHE C 79 -11.80 30.46 26.39
C PHE C 79 -11.38 29.24 25.59
N LEU C 80 -10.10 29.22 25.20
CA LEU C 80 -9.60 28.11 24.40
C LEU C 80 -9.45 26.87 25.26
N ARG C 81 -9.05 27.08 26.49
CA ARG C 81 -8.99 25.99 27.42
C ARG C 81 -10.33 25.34 27.67
N GLU C 82 -11.37 26.14 27.88
CA GLU C 82 -12.74 25.63 27.95
C GLU C 82 -13.15 24.81 26.74
N PHE C 83 -12.80 25.31 25.54
CA PHE C 83 -13.09 24.59 24.29
C PHE C 83 -12.41 23.22 24.27
N LYS C 84 -11.12 23.19 24.63
CA LYS C 84 -10.30 21.98 24.54
C LYS C 84 -10.84 20.96 25.54
N LEU C 85 -11.07 21.40 26.77
CA LEU C 85 -11.55 20.49 27.82
C LEU C 85 -13.03 20.06 27.65
N ALA C 86 -13.88 20.92 27.10
CA ALA C 86 -15.31 20.51 26.92
C ALA C 86 -15.47 19.34 25.98
N ASP C 87 -14.61 19.27 24.94
CA ASP C 87 -14.65 18.17 23.96
C ASP C 87 -16.09 18.03 23.52
N ARG C 88 -16.67 19.14 23.09
CA ARG C 88 -18.10 19.21 22.81
C ARG C 88 -18.44 19.77 21.42
N HIS C 89 -17.65 20.73 20.92
CA HIS C 89 -18.00 21.32 19.63
C HIS C 89 -16.91 21.10 18.62
N GLY C 90 -17.31 21.11 17.36
CA GLY C 90 -16.40 20.79 16.26
C GLY C 90 -15.45 21.93 15.91
N HIS C 91 -15.84 23.16 16.28
CA HIS C 91 -14.98 24.31 16.03
C HIS C 91 -15.25 25.44 16.96
N THR C 92 -14.35 26.42 16.99
CA THR C 92 -14.67 27.70 17.62
C THR C 92 -13.86 28.78 16.93
N VAL C 93 -14.15 30.04 17.23
CA VAL C 93 -13.49 31.16 16.53
C VAL C 93 -13.15 32.22 17.57
N ILE C 94 -11.99 32.83 17.38
CA ILE C 94 -11.65 34.03 18.14
C ILE C 94 -11.56 35.13 17.11
N ARG C 95 -12.41 36.13 17.27
CA ARG C 95 -12.58 37.17 16.24
C ARG C 95 -11.95 38.48 16.71
N GLY C 96 -11.61 39.35 15.77
CA GLY C 96 -11.26 40.71 16.11
C GLY C 96 -9.79 40.98 16.35
N HIS C 97 -8.93 40.09 15.85
CA HIS C 97 -7.51 40.36 15.87
C HIS C 97 -7.22 41.50 14.91
N ASP C 98 -6.15 42.22 15.20
CA ASP C 98 -5.64 43.25 14.33
C ASP C 98 -4.49 42.69 13.48
N PHE C 99 -4.78 42.45 12.21
CA PHE C 99 -3.83 41.91 11.22
C PHE C 99 -3.52 43.04 10.22
N ASP C 100 -2.45 43.76 10.49
CA ASP C 100 -2.07 45.00 9.80
C ASP C 100 -1.89 44.73 8.32
N GLN C 101 -2.88 45.09 7.52
CA GLN C 101 -2.84 44.79 6.10
C GLN C 101 -1.68 45.44 5.34
N ARG C 102 -1.29 46.66 5.70
CA ARG C 102 -0.16 47.33 5.04
C ARG C 102 1.10 46.50 5.28
N ARG C 103 1.36 46.16 6.56
CA ARG C 103 2.51 45.35 6.90
C ARG C 103 2.48 43.96 6.25
N ILE C 104 1.32 43.33 6.29
CA ILE C 104 1.18 41.97 5.76
C ILE C 104 1.52 41.92 4.26
N GLY C 105 1.03 42.93 3.53
CA GLY C 105 1.37 43.08 2.10
C GLY C 105 0.54 42.16 1.21
N PRO C 106 0.88 42.10 -0.09
CA PRO C 106 0.01 41.37 -0.98
C PRO C 106 0.12 39.84 -0.84
N THR C 107 -0.98 39.15 -1.15
CA THR C 107 -1.03 37.70 -1.18
C THR C 107 -0.02 37.19 -2.20
N PRO C 108 0.91 36.34 -1.76
CA PRO C 108 1.96 35.79 -2.62
C PRO C 108 1.41 34.92 -3.76
N ASP C 109 2.23 34.72 -4.78
CA ASP C 109 1.84 33.94 -5.94
C ASP C 109 2.20 32.48 -5.73
N HIS C 110 3.18 32.26 -4.86
CA HIS C 110 3.56 30.92 -4.45
C HIS C 110 4.24 30.95 -3.09
N TRP C 111 4.32 29.80 -2.44
CA TRP C 111 5.02 29.70 -1.15
C TRP C 111 6.51 29.39 -1.28
N ARG C 112 6.89 28.77 -2.38
CA ARG C 112 8.28 28.33 -2.60
C ARG C 112 9.25 29.49 -2.55
N GLY C 113 10.29 29.35 -1.75
CA GLY C 113 11.28 30.40 -1.56
C GLY C 113 10.82 31.86 -1.56
N ARG C 114 9.91 32.23 -0.65
CA ARG C 114 9.81 33.66 -0.30
C ARG C 114 10.73 33.93 0.87
N VAL C 115 11.03 35.21 1.10
CA VAL C 115 11.98 35.61 2.12
C VAL C 115 11.54 35.12 3.52
N ARG C 116 12.46 34.53 4.28
CA ARG C 116 12.21 34.18 5.68
C ARG C 116 13.00 35.11 6.61
N PRO C 117 12.31 35.71 7.61
CA PRO C 117 10.86 35.60 7.87
C PRO C 117 10.02 36.57 7.07
N GLY C 118 8.80 36.17 6.75
CA GLY C 118 7.89 37.04 6.01
C GLY C 118 7.41 38.24 6.83
N PRO C 119 6.82 39.23 6.14
CA PRO C 119 6.22 40.40 6.79
C PRO C 119 5.05 40.05 7.72
N GLU C 120 4.43 38.90 7.43
CA GLU C 120 3.33 38.34 8.23
C GLU C 120 3.81 37.39 9.35
N PHE C 121 5.12 37.39 9.62
CA PHE C 121 5.69 36.58 10.69
C PHE C 121 4.95 36.72 12.07
N PRO C 122 4.56 37.94 12.45
CA PRO C 122 3.78 38.07 13.69
C PRO C 122 2.50 37.19 13.71
N GLU C 123 1.75 37.18 12.61
CA GLU C 123 0.51 36.42 12.53
C GLU C 123 0.81 34.91 12.53
N GLU C 124 1.94 34.53 11.93
CA GLU C 124 2.42 33.14 12.04
C GLU C 124 2.73 32.77 13.50
N LEU C 125 3.43 33.66 14.21
CA LEU C 125 3.76 33.44 15.62
C LEU C 125 2.51 33.37 16.48
N LEU C 126 1.51 34.19 16.17
CA LEU C 126 0.23 34.12 16.88
C LEU C 126 -0.34 32.68 16.81
N LEU C 127 -0.31 32.12 15.63
CA LEU C 127 -0.89 30.77 15.43
C LEU C 127 -0.08 29.73 16.20
N MET C 128 1.23 29.95 16.28
CA MET C 128 2.09 29.10 17.06
C MET C 128 1.76 29.16 18.56
N LEU C 129 1.56 30.35 19.11
CA LEU C 129 1.11 30.53 20.52
C LEU C 129 -0.21 29.79 20.73
N TYR C 130 -1.18 29.97 19.85
CA TYR C 130 -2.45 29.22 20.01
C TYR C 130 -2.26 27.69 19.95
N SER C 131 -1.38 27.19 19.05
CA SER C 131 -1.10 25.73 18.98
C SER C 131 -0.60 25.20 20.29
N ALA C 132 0.20 26.00 21.01
CA ALA C 132 0.73 25.54 22.30
C ALA C 132 -0.31 25.49 23.41
N LEU C 133 -1.35 26.30 23.30
CA LEU C 133 -2.47 26.22 24.22
C LEU C 133 -3.29 24.96 23.93
N LEU C 134 -3.27 24.48 22.70
CA LEU C 134 -4.06 23.26 22.43
C LEU C 134 -3.26 21.96 22.53
N GLY C 135 -1.99 22.00 22.17
CA GLY C 135 -1.13 20.83 22.21
C GLY C 135 0.28 21.19 21.76
N GLU C 136 0.75 20.53 20.70
CA GLU C 136 2.09 20.79 20.12
C GLU C 136 1.91 21.00 18.62
N PRO C 137 2.52 22.08 18.09
CA PRO C 137 2.53 22.20 16.64
C PRO C 137 3.42 21.09 16.05
N PHE C 138 3.01 20.57 14.90
CA PHE C 138 3.79 19.60 14.15
C PHE C 138 3.47 19.76 12.66
N GLY C 139 4.21 19.05 11.82
CA GLY C 139 4.02 19.20 10.37
C GLY C 139 4.47 17.96 9.64
N TRP C 140 4.48 18.07 8.31
CA TRP C 140 4.81 16.95 7.41
C TRP C 140 6.05 17.36 6.70
N ALA C 141 7.07 16.48 6.72
CA ALA C 141 8.39 16.81 6.18
C ALA C 141 8.36 17.23 4.71
N THR C 142 7.43 16.67 3.96
CA THR C 142 7.34 16.90 2.52
C THR C 142 6.42 18.05 2.14
N GLN C 143 5.64 18.56 3.10
CA GLN C 143 4.61 19.56 2.81
C GLN C 143 5.11 20.98 3.06
N GLN C 144 4.97 21.83 2.05
CA GLN C 144 5.49 23.19 2.07
C GLN C 144 6.83 23.26 2.76
N ASP C 145 7.77 22.44 2.29
CA ASP C 145 9.18 22.43 2.77
C ASP C 145 9.35 22.19 4.26
N GLY C 146 8.38 21.50 4.87
CA GLY C 146 8.46 21.19 6.32
C GLY C 146 8.09 22.35 7.24
N HIS C 147 7.51 23.40 6.69
CA HIS C 147 7.15 24.59 7.51
C HIS C 147 6.07 24.26 8.51
N LEU C 148 6.26 24.67 9.76
CA LEU C 148 5.24 24.39 10.82
C LEU C 148 3.98 25.23 10.61
N VAL C 149 4.11 26.38 9.96
CA VAL C 149 2.96 27.15 9.56
C VAL C 149 2.84 27.17 8.02
N HIS C 150 1.70 26.73 7.51
CA HIS C 150 1.44 26.63 6.10
C HIS C 150 0.70 27.79 5.61
N ASP C 151 0.76 27.98 4.30
CA ASP C 151 -0.07 28.95 3.60
C ASP C 151 -1.26 28.29 2.95
N ILE C 152 -2.39 28.99 2.97
CA ILE C 152 -3.53 28.67 2.12
C ILE C 152 -3.88 29.91 1.29
N PHE C 153 -3.59 29.86 0.00
CA PHE C 153 -3.95 30.97 -0.92
C PHE C 153 -4.06 30.43 -2.35
N PRO C 154 -4.86 31.08 -3.22
CA PRO C 154 -5.02 30.37 -4.51
C PRO C 154 -3.76 30.49 -5.38
N ILE C 155 -3.35 29.36 -5.98
CA ILE C 155 -2.26 29.36 -6.95
C ILE C 155 -2.81 29.04 -8.36
N ARG C 156 -2.40 29.82 -9.37
CA ARG C 156 -2.91 29.65 -10.75
C ARG C 156 -2.81 28.21 -11.22
N SER C 157 -1.60 27.64 -11.12
CA SER C 157 -1.38 26.28 -11.59
C SER C 157 -2.18 25.19 -10.83
N HIS C 158 -2.75 25.55 -9.68
CA HIS C 158 -3.63 24.64 -8.92
C HIS C 158 -5.10 24.95 -9.07
N GLU C 159 -5.41 25.82 -10.04
CA GLU C 159 -6.79 26.26 -10.38
C GLU C 159 -7.89 25.20 -10.18
N ASN C 160 -7.67 24.00 -10.71
CA ASN C 160 -8.73 22.98 -10.75
C ASN C 160 -8.44 21.73 -9.94
N ASP C 161 -7.43 21.81 -9.08
CA ASP C 161 -7.06 20.71 -8.19
C ASP C 161 -7.83 20.79 -6.88
N GLN C 162 -8.08 19.63 -6.26
CA GLN C 162 -8.70 19.58 -4.95
C GLN C 162 -7.61 19.66 -3.90
N LEU C 163 -7.15 20.89 -3.66
CA LEU C 163 -6.06 21.16 -2.73
C LEU C 163 -6.37 22.47 -2.02
N GLY C 164 -5.82 22.64 -0.81
CA GLY C 164 -5.87 23.95 -0.13
C GLY C 164 -5.49 25.15 -1.04
N MET C 165 -4.57 24.94 -1.99
CA MET C 165 -4.17 26.03 -2.90
C MET C 165 -5.02 26.16 -4.15
N GLY C 166 -6.11 25.39 -4.21
CA GLY C 166 -7.05 25.48 -5.32
C GLY C 166 -8.02 26.62 -5.13
N SER C 167 -9.04 26.69 -5.98
CA SER C 167 -10.12 27.69 -5.84
C SER C 167 -11.44 27.24 -6.47
N LYS C 168 -11.43 26.95 -7.77
CA LYS C 168 -12.68 26.74 -8.52
C LYS C 168 -13.41 25.45 -8.19
N GLN C 169 -12.66 24.42 -7.82
CA GLN C 169 -13.26 23.15 -7.46
C GLN C 169 -13.58 23.14 -5.97
N LEU C 170 -14.76 22.61 -5.64
CA LEU C 170 -15.14 22.30 -4.28
C LEU C 170 -14.05 21.45 -3.61
N LEU C 171 -13.60 21.88 -2.43
CA LEU C 171 -12.75 21.00 -1.63
C LEU C 171 -13.70 20.18 -0.76
N THR C 172 -13.82 18.90 -1.11
CA THR C 172 -14.87 18.10 -0.52
C THR C 172 -14.51 17.88 0.94
N TRP C 173 -15.52 17.79 1.79
CA TRP C 173 -15.24 17.70 3.23
C TRP C 173 -14.47 16.46 3.68
N HIS C 174 -13.72 16.59 4.78
CA HIS C 174 -12.84 15.54 5.25
C HIS C 174 -12.41 15.79 6.67
N THR C 175 -12.05 14.71 7.36
CA THR C 175 -11.18 14.75 8.51
C THR C 175 -9.81 14.99 7.92
N GLU C 176 -9.01 15.89 8.50
CA GLU C 176 -7.63 16.03 8.03
C GLU C 176 -6.82 14.74 8.18
N ASP C 177 -6.17 14.30 7.09
CA ASP C 177 -5.33 13.07 7.15
C ASP C 177 -6.00 11.82 7.74
N ALA C 178 -7.23 11.59 7.26
CA ALA C 178 -8.07 10.50 7.75
C ALA C 178 -7.39 9.17 7.82
N PHE C 179 -6.63 8.87 6.77
CA PHE C 179 -5.94 7.61 6.62
C PHE C 179 -4.81 7.43 7.63
N HIS C 180 -4.31 8.53 8.19
CA HIS C 180 -3.07 8.53 9.01
C HIS C 180 -3.33 8.36 10.49
N PRO C 181 -2.66 7.39 11.15
CA PRO C 181 -2.92 7.21 12.59
C PRO C 181 -2.42 8.39 13.43
N TYR C 182 -1.45 9.16 12.92
CA TYR C 182 -0.92 10.33 13.65
C TYR C 182 -1.44 11.64 13.10
N ARG C 183 -2.63 11.62 12.49
CA ARG C 183 -3.25 12.83 11.99
C ARG C 183 -3.43 13.89 13.11
N SER C 184 -3.57 15.13 12.68
CA SER C 184 -3.86 16.25 13.58
C SER C 184 -5.01 15.99 14.56
N ASP C 185 -4.86 16.46 15.80
CA ASP C 185 -5.97 16.52 16.73
C ASP C 185 -6.77 17.80 16.52
N TYR C 186 -6.07 18.91 16.24
CA TYR C 186 -6.72 20.18 15.92
C TYR C 186 -6.06 20.84 14.71
N LEU C 187 -6.83 21.67 14.00
CA LEU C 187 -6.26 22.59 12.99
C LEU C 187 -6.58 24.02 13.38
N ILE C 188 -5.63 24.92 13.19
CA ILE C 188 -5.81 26.34 13.50
C ILE C 188 -5.66 27.11 12.19
N LEU C 189 -6.69 27.87 11.81
CA LEU C 189 -6.69 28.60 10.54
C LEU C 189 -6.82 30.08 10.86
N GLY C 190 -5.81 30.87 10.53
CA GLY C 190 -5.88 32.31 10.77
C GLY C 190 -6.12 33.03 9.44
N ALA C 191 -7.18 33.83 9.37
CA ALA C 191 -7.56 34.46 8.08
C ALA C 191 -6.89 35.84 8.01
N LEU C 192 -5.78 35.91 7.27
CA LEU C 192 -5.10 37.18 7.02
C LEU C 192 -6.04 38.08 6.20
N ARG C 193 -6.68 37.48 5.22
CA ARG C 193 -7.68 38.16 4.44
C ARG C 193 -8.61 37.15 3.78
N ASN C 194 -9.83 37.59 3.58
CA ASN C 194 -10.87 36.85 2.89
C ASN C 194 -11.91 37.87 2.35
N PRO C 195 -11.52 38.66 1.31
CA PRO C 195 -12.37 39.78 0.83
C PRO C 195 -13.74 39.33 0.31
N ASP C 196 -13.80 38.18 -0.33
CA ASP C 196 -15.09 37.72 -0.82
C ASP C 196 -15.85 36.78 0.14
N HIS C 197 -15.35 36.64 1.37
CA HIS C 197 -16.07 35.91 2.43
C HIS C 197 -16.35 34.48 2.05
N VAL C 198 -15.33 33.82 1.51
CA VAL C 198 -15.46 32.43 1.10
C VAL C 198 -15.58 31.55 2.35
N PRO C 199 -16.62 30.69 2.43
CA PRO C 199 -16.81 29.83 3.61
C PRO C 199 -15.91 28.60 3.63
N THR C 200 -15.37 28.30 4.81
CA THR C 200 -14.87 26.99 5.13
C THR C 200 -16.13 26.19 5.54
N THR C 201 -16.29 24.97 5.07
CA THR C 201 -17.40 24.18 5.54
C THR C 201 -16.95 23.38 6.75
N VAL C 202 -17.82 23.30 7.74
CA VAL C 202 -17.57 22.47 8.91
C VAL C 202 -18.83 21.74 9.40
N GLY C 203 -18.64 20.44 9.63
CA GLY C 203 -19.73 19.54 9.94
C GLY C 203 -19.42 18.73 11.19
N GLU C 204 -20.40 18.62 12.06
CA GLU C 204 -20.31 17.71 13.20
C GLU C 204 -21.04 16.39 12.93
N LEU C 205 -21.04 15.52 13.95
CA LEU C 205 -21.79 14.27 13.90
C LEU C 205 -23.09 14.39 14.68
N ASP C 206 -24.22 14.27 14.00
CA ASP C 206 -25.51 14.30 14.70
C ASP C 206 -26.07 12.87 14.72
N LEU C 207 -26.39 12.35 15.90
CA LEU C 207 -26.83 10.96 16.01
C LEU C 207 -28.39 10.79 15.88
N SER C 208 -29.11 11.87 15.60
CA SER C 208 -30.57 11.78 15.69
C SER C 208 -31.26 10.82 14.67
N SER C 209 -30.54 10.36 13.65
CA SER C 209 -31.10 9.32 12.75
C SER C 209 -30.30 8.02 12.70
N LEU C 210 -29.41 7.80 13.67
CA LEU C 210 -28.49 6.67 13.63
C LEU C 210 -28.71 5.77 14.85
N SER C 211 -28.84 4.47 14.63
CA SER C 211 -29.08 3.54 15.72
C SER C 211 -27.77 3.17 16.40
N ALA C 212 -27.87 2.62 17.62
CA ALA C 212 -26.74 1.94 18.25
C ALA C 212 -26.08 0.95 17.27
N GLU C 213 -26.91 0.21 16.55
CA GLU C 213 -26.44 -0.77 15.56
C GLU C 213 -25.59 -0.18 14.43
N ASP C 214 -26.04 0.92 13.83
CA ASP C 214 -25.28 1.56 12.77
C ASP C 214 -23.90 2.03 13.34
N ILE C 215 -23.95 2.62 14.51
CA ILE C 215 -22.69 3.11 15.15
C ILE C 215 -21.73 1.95 15.46
N ASP C 216 -22.25 0.84 16.00
CA ASP C 216 -21.45 -0.36 16.27
C ASP C 216 -20.73 -0.81 15.01
N VAL C 217 -21.44 -0.86 13.89
CA VAL C 217 -20.84 -1.28 12.61
C VAL C 217 -19.76 -0.29 12.13
N LEU C 218 -20.00 1.01 12.36
CA LEU C 218 -19.03 2.05 11.99
C LEU C 218 -17.74 2.05 12.84
N PHE C 219 -17.83 1.46 14.03
CA PHE C 219 -16.70 1.30 14.96
C PHE C 219 -15.78 0.14 14.56
N GLU C 220 -16.23 -0.69 13.63
CA GLU C 220 -15.48 -1.88 13.21
C GLU C 220 -14.59 -1.60 11.99
N PRO C 221 -13.46 -2.33 11.88
CA PRO C 221 -12.49 -2.12 10.80
C PRO C 221 -13.00 -2.74 9.48
N ARG C 222 -13.93 -2.04 8.84
CA ARG C 222 -14.64 -2.57 7.68
C ARG C 222 -14.59 -1.65 6.45
N TYR C 223 -13.85 -0.53 6.59
CA TYR C 223 -13.79 0.55 5.58
C TYR C 223 -12.41 0.84 5.08
N HIS C 224 -12.30 1.16 3.79
CA HIS C 224 -11.03 1.48 3.14
C HIS C 224 -10.93 2.99 2.96
N ILE C 225 -9.91 3.61 3.57
CA ILE C 225 -9.63 5.03 3.30
C ILE C 225 -8.20 5.11 2.78
N ALA C 226 -8.05 5.56 1.54
CA ALA C 226 -6.77 5.67 0.88
C ALA C 226 -6.07 6.98 1.31
N PRO C 227 -4.72 7.01 1.27
CA PRO C 227 -4.06 8.31 1.48
C PRO C 227 -4.19 9.21 0.27
N ASP C 228 -4.19 10.52 0.50
CA ASP C 228 -4.06 11.52 -0.58
C ASP C 228 -2.71 11.35 -1.31
N GLU C 229 -2.65 11.80 -2.57
CA GLU C 229 -1.41 11.70 -3.37
C GLU C 229 -0.14 12.25 -2.68
N SER C 230 0.75 11.33 -2.33
CA SER C 230 2.08 11.61 -1.78
C SER C 230 2.05 12.32 -0.40
N HIS C 231 2.57 11.62 0.62
CA HIS C 231 2.77 12.22 1.95
C HIS C 231 4.22 12.29 2.35
N ARG C 252 6.75 3.59 6.51
CA ARG C 252 6.40 2.17 6.62
C ARG C 252 5.56 1.71 5.43
N MET C 253 5.52 2.56 4.39
CA MET C 253 4.76 2.28 3.16
C MET C 253 3.24 2.21 3.40
N ILE C 254 2.52 1.54 2.50
CA ILE C 254 1.06 1.68 2.42
C ILE C 254 0.40 0.41 1.86
N ASP C 255 1.07 -0.16 0.85
CA ASP C 255 0.71 -1.40 0.13
C ASP C 255 -0.59 -2.10 0.49
N GLU C 256 -0.50 -3.09 1.40
CA GLU C 256 -1.67 -3.82 1.89
C GLU C 256 -2.68 -2.82 2.42
N ARG C 257 -3.87 -2.82 1.81
CA ARG C 257 -4.92 -1.88 2.17
C ARG C 257 -5.65 -2.41 3.41
N PRO C 258 -5.21 -2.02 4.63
CA PRO C 258 -5.96 -2.57 5.74
C PRO C 258 -7.33 -1.89 5.76
N LEU C 259 -8.30 -2.51 6.41
CA LEU C 259 -9.57 -1.87 6.64
C LEU C 259 -9.48 -1.26 8.00
N GLY C 260 -10.24 -0.19 8.21
CA GLY C 260 -10.23 0.54 9.47
C GLY C 260 -11.65 1.05 9.75
N PRO C 261 -11.90 1.53 10.99
CA PRO C 261 -13.19 2.09 11.40
C PRO C 261 -13.39 3.54 10.91
N LEU C 262 -14.65 4.00 10.96
CA LEU C 262 -14.98 5.38 10.62
C LEU C 262 -15.35 6.22 11.81
N LEU C 263 -15.71 5.55 12.90
CA LEU C 263 -16.01 6.20 14.15
C LEU C 263 -15.19 5.51 15.23
N TYR C 264 -14.88 6.27 16.28
CA TYR C 264 -13.99 5.74 17.33
C TYR C 264 -14.23 6.49 18.63
N GLY C 265 -13.63 6.02 19.71
CA GLY C 265 -13.81 6.71 20.98
C GLY C 265 -14.96 6.08 21.72
N SER C 266 -15.88 6.90 22.19
CA SER C 266 -17.07 6.38 22.85
C SER C 266 -18.23 6.22 21.85
N ARG C 267 -18.92 5.07 21.88
CA ARG C 267 -20.11 4.87 21.06
C ARG C 267 -21.25 5.80 21.40
N LEU C 268 -21.24 6.33 22.61
CA LEU C 268 -22.25 7.29 23.00
C LEU C 268 -22.03 8.69 22.45
N ASP C 269 -20.82 8.98 21.96
CA ASP C 269 -20.47 10.31 21.49
C ASP C 269 -19.20 10.24 20.63
N PRO C 270 -19.31 9.60 19.45
CA PRO C 270 -18.13 9.18 18.71
C PRO C 270 -17.33 10.32 18.10
N TYR C 271 -16.05 10.03 17.94
CA TYR C 271 -15.13 10.82 17.13
C TYR C 271 -15.17 10.24 15.70
N MET C 272 -14.85 11.08 14.72
CA MET C 272 -14.96 10.72 13.30
C MET C 272 -13.61 10.60 12.65
N ARG C 273 -13.52 9.69 11.68
CA ARG C 273 -12.39 9.54 10.78
C ARG C 273 -12.96 9.36 9.37
N LEU C 274 -13.18 10.46 8.65
CA LEU C 274 -13.89 10.42 7.37
C LEU C 274 -13.13 11.11 6.21
N ASP C 275 -13.19 10.51 5.03
CA ASP C 275 -12.74 11.21 3.83
C ASP C 275 -13.44 10.55 2.64
N PRO C 276 -14.69 10.96 2.37
CA PRO C 276 -15.48 10.23 1.37
C PRO C 276 -14.81 10.14 0.00
N TYR C 277 -14.09 11.16 -0.41
CA TYR C 277 -13.43 11.14 -1.75
C TYR C 277 -12.42 9.99 -1.91
N PHE C 278 -11.84 9.55 -0.79
CA PHE C 278 -10.81 8.53 -0.75
C PHE C 278 -11.30 7.25 -0.10
N THR C 279 -12.64 7.09 -0.06
CA THR C 279 -13.24 5.95 0.65
C THR C 279 -13.89 4.92 -0.33
N SER C 280 -13.69 3.64 -0.03
CA SER C 280 -14.44 2.55 -0.68
C SER C 280 -14.83 1.52 0.38
N VAL C 281 -15.85 0.70 0.09
CA VAL C 281 -16.25 -0.36 1.02
C VAL C 281 -16.32 -1.65 0.16
N PRO C 282 -15.68 -2.74 0.62
CA PRO C 282 -15.75 -4.02 -0.11
C PRO C 282 -17.22 -4.37 -0.39
N GLN C 283 -17.49 -4.72 -1.65
CA GLN C 283 -18.85 -4.98 -2.17
C GLN C 283 -19.64 -6.00 -1.34
N ASP C 284 -18.97 -7.05 -0.84
CA ASP C 284 -19.64 -8.13 -0.12
C ASP C 284 -20.17 -7.72 1.25
N ASP C 285 -19.56 -6.71 1.85
CA ASP C 285 -19.97 -6.27 3.17
C ASP C 285 -21.16 -5.32 3.08
N THR C 286 -22.32 -5.91 2.90
CA THR C 286 -23.57 -5.17 2.82
C THR C 286 -23.84 -4.26 4.03
N ASP C 287 -23.60 -4.74 5.25
CA ASP C 287 -23.90 -3.90 6.41
C ASP C 287 -23.01 -2.67 6.46
N ALA C 288 -21.71 -2.87 6.21
CA ALA C 288 -20.76 -1.77 6.18
C ALA C 288 -21.12 -0.74 5.11
N ARG C 289 -21.56 -1.21 3.92
CA ARG C 289 -21.91 -0.31 2.85
C ARG C 289 -23.11 0.56 3.26
N ARG C 290 -24.12 -0.07 3.89
CA ARG C 290 -25.30 0.66 4.34
C ARG C 290 -25.00 1.68 5.44
N ALA C 291 -24.21 1.26 6.44
CA ALA C 291 -23.89 2.12 7.57
C ALA C 291 -23.06 3.29 7.06
N TYR C 292 -22.10 3.01 6.18
CA TYR C 292 -21.30 4.10 5.64
C TYR C 292 -22.19 5.09 4.87
N ASP C 293 -23.04 4.58 3.99
CA ASP C 293 -23.89 5.46 3.17
C ASP C 293 -24.77 6.31 4.09
N ALA C 294 -25.21 5.73 5.20
CA ALA C 294 -26.02 6.50 6.13
C ALA C 294 -25.20 7.63 6.80
N LEU C 295 -24.00 7.27 7.31
CA LEU C 295 -23.12 8.26 7.95
C LEU C 295 -22.78 9.41 6.99
N PHE C 296 -22.38 9.07 5.77
CA PHE C 296 -22.15 10.11 4.77
C PHE C 296 -23.32 11.06 4.62
N LYS C 297 -24.55 10.54 4.55
CA LYS C 297 -25.70 11.43 4.29
C LYS C 297 -25.96 12.27 5.55
N VAL C 298 -25.78 11.66 6.72
CA VAL C 298 -25.93 12.38 7.97
C VAL C 298 -24.93 13.57 8.05
N VAL C 299 -23.64 13.27 7.83
CA VAL C 299 -22.62 14.31 7.94
C VAL C 299 -22.82 15.34 6.83
N ASP C 300 -23.10 14.88 5.60
CA ASP C 300 -23.28 15.83 4.50
C ASP C 300 -24.42 16.81 4.78
N SER C 301 -25.53 16.31 5.31
CA SER C 301 -26.70 17.16 5.49
C SER C 301 -26.47 18.17 6.63
N GLY C 302 -25.52 17.89 7.52
CA GLY C 302 -25.27 18.75 8.69
C GLY C 302 -24.20 19.80 8.48
N MET C 303 -23.56 19.80 7.32
CA MET C 303 -22.45 20.73 7.06
C MET C 303 -22.94 22.18 7.18
N ARG C 304 -22.15 22.99 7.85
CA ARG C 304 -22.43 24.42 7.99
C ARG C 304 -21.35 25.23 7.29
N GLU C 305 -21.65 26.49 6.96
CA GLU C 305 -20.67 27.35 6.33
C GLU C 305 -20.10 28.23 7.42
N VAL C 306 -18.78 28.26 7.54
CA VAL C 306 -18.11 29.08 8.56
C VAL C 306 -17.13 29.97 7.79
N VAL C 307 -17.38 31.28 7.80
CA VAL C 307 -16.53 32.22 7.08
C VAL C 307 -15.43 32.71 8.02
N ALA C 308 -14.18 32.40 7.71
CA ALA C 308 -13.08 32.92 8.49
C ALA C 308 -12.77 34.26 7.84
N ASP C 309 -13.22 35.35 8.47
CA ASP C 309 -13.00 36.70 7.93
C ASP C 309 -11.70 37.30 8.42
N GLN C 310 -11.23 38.36 7.76
CA GLN C 310 -9.99 39.03 8.20
C GLN C 310 -9.93 39.19 9.71
N GLY C 311 -8.82 38.77 10.32
CA GLY C 311 -8.66 38.83 11.78
C GLY C 311 -9.35 37.74 12.62
N ASP C 312 -9.90 36.72 11.97
CA ASP C 312 -10.54 35.59 12.69
C ASP C 312 -9.48 34.52 12.79
N VAL C 313 -9.43 33.82 13.93
CA VAL C 313 -8.72 32.55 13.99
C VAL C 313 -9.74 31.43 14.29
N LEU C 314 -9.84 30.53 13.32
CA LEU C 314 -10.74 29.37 13.37
C LEU C 314 -10.01 28.11 13.85
N PHE C 315 -10.58 27.48 14.89
CA PHE C 315 -9.98 26.29 15.52
C PHE C 315 -10.86 25.12 15.13
N ILE C 316 -10.31 24.10 14.49
CA ILE C 316 -11.13 22.98 14.09
C ILE C 316 -10.70 21.76 14.85
N ASP C 317 -11.66 21.11 15.50
CA ASP C 317 -11.35 19.89 16.22
C ASP C 317 -11.44 18.70 15.24
N ASN C 318 -10.31 18.06 14.96
CA ASN C 318 -10.23 17.03 13.90
C ASN C 318 -10.80 15.69 14.36
N HIS C 319 -11.17 15.58 15.65
CA HIS C 319 -11.95 14.40 16.14
C HIS C 319 -13.47 14.61 15.95
N ARG C 320 -13.94 15.86 16.01
CA ARG C 320 -15.37 16.12 16.12
C ARG C 320 -15.96 16.80 14.89
N ALA C 321 -15.12 17.20 13.97
CA ALA C 321 -15.57 17.92 12.77
C ALA C 321 -14.86 17.41 11.55
N VAL C 322 -15.57 17.47 10.43
CA VAL C 322 -14.98 17.40 9.12
C VAL C 322 -15.00 18.81 8.60
N HIS C 323 -14.16 19.11 7.61
CA HIS C 323 -14.14 20.46 7.05
C HIS C 323 -13.83 20.45 5.57
N GLY C 324 -14.18 21.52 4.90
CA GLY C 324 -13.79 21.65 3.50
C GLY C 324 -13.89 23.11 3.10
N ARG C 325 -14.09 23.36 1.81
CA ARG C 325 -14.03 24.75 1.35
C ARG C 325 -14.74 24.90 0.02
N LEU C 326 -15.59 25.91 -0.07
CA LEU C 326 -16.44 26.08 -1.24
C LEU C 326 -15.64 26.63 -2.41
N PRO C 327 -16.15 26.40 -3.63
CA PRO C 327 -15.59 26.97 -4.86
C PRO C 327 -15.59 28.48 -4.77
N PHE C 328 -14.52 29.10 -5.25
CA PHE C 328 -14.45 30.55 -5.40
C PHE C 328 -13.59 30.92 -6.60
N GLN C 329 -13.81 32.14 -7.07
CA GLN C 329 -13.05 32.71 -8.17
C GLN C 329 -11.91 33.56 -7.63
N ALA C 330 -10.67 33.18 -7.93
CA ALA C 330 -9.50 33.96 -7.52
C ALA C 330 -9.16 35.03 -8.56
N ARG C 331 -8.47 36.09 -8.12
CA ARG C 331 -8.08 37.22 -8.98
C ARG C 331 -6.60 37.12 -9.36
N TYR C 332 -5.83 36.40 -8.54
CA TYR C 332 -4.37 36.25 -8.75
C TYR C 332 -3.59 37.56 -8.82
N ASP C 333 -4.09 38.59 -8.13
CA ASP C 333 -3.50 39.93 -8.19
C ASP C 333 -2.99 40.43 -6.84
N GLY C 334 -2.66 39.51 -5.94
CA GLY C 334 -2.13 39.88 -4.64
C GLY C 334 -3.18 40.32 -3.64
N THR C 335 -4.44 40.23 -4.03
CA THR C 335 -5.52 40.59 -3.14
C THR C 335 -6.37 39.35 -2.71
N ASP C 336 -5.94 38.16 -3.11
CA ASP C 336 -6.75 36.96 -2.85
C ASP C 336 -6.78 36.53 -1.35
N ARG C 337 -7.83 35.77 -1.01
CA ARG C 337 -7.96 35.07 0.29
C ARG C 337 -6.67 34.45 0.71
N TRP C 338 -6.25 34.71 1.94
CA TRP C 338 -5.00 34.17 2.44
C TRP C 338 -5.17 33.76 3.87
N LEU C 339 -5.00 32.47 4.14
CA LEU C 339 -4.98 31.98 5.53
C LEU C 339 -3.63 31.35 5.84
N LYS C 340 -3.26 31.37 7.12
CA LYS C 340 -2.17 30.58 7.65
C LYS C 340 -2.72 29.38 8.47
N ARG C 341 -1.93 28.34 8.53
CA ARG C 341 -2.47 27.11 9.10
C ARG C 341 -1.44 26.36 9.91
N VAL C 342 -1.84 25.92 11.11
CA VAL C 342 -0.93 25.16 11.95
C VAL C 342 -1.67 23.88 12.35
N CYS C 343 -0.99 22.74 12.25
CA CYS C 343 -1.55 21.45 12.71
C CYS C 343 -1.09 21.18 14.14
N VAL C 344 -2.00 20.68 14.97
CA VAL C 344 -1.73 20.49 16.40
C VAL C 344 -1.84 19.00 16.71
N THR C 345 -0.87 18.45 17.44
CA THR C 345 -0.99 17.08 17.94
C THR C 345 -1.12 17.13 19.45
N SER C 346 -2.03 16.31 19.99
CA SER C 346 -2.09 16.22 21.45
C SER C 346 -0.90 15.45 22.03
N ASP C 347 -0.31 14.54 21.28
CA ASP C 347 0.72 13.69 21.83
C ASP C 347 1.78 13.47 20.76
N LEU C 348 2.79 14.34 20.75
CA LEU C 348 3.91 14.26 19.81
C LEU C 348 4.62 12.92 19.89
N ARG C 349 4.72 12.33 21.07
CA ARG C 349 5.52 11.10 21.21
C ARG C 349 4.89 9.89 20.56
N ARG C 350 3.58 9.96 20.39
CA ARG C 350 2.86 8.85 19.76
C ARG C 350 3.31 8.59 18.31
N SER C 351 3.77 9.65 17.60
CA SER C 351 4.29 9.53 16.22
C SER C 351 5.79 9.25 16.13
N ARG C 352 6.42 8.92 17.26
CA ARG C 352 7.88 8.76 17.31
C ARG C 352 8.47 7.88 16.20
N GLU C 353 7.80 6.78 15.89
CA GLU C 353 8.31 5.85 14.88
C GLU C 353 8.38 6.54 13.50
N MET C 354 7.51 7.52 13.25
CA MET C 354 7.49 8.16 11.93
C MET C 354 8.25 9.44 11.88
N ARG C 355 9.01 9.71 12.94
CA ARG C 355 9.82 10.92 13.01
C ARG C 355 11.31 10.54 13.02
N ALA C 356 12.13 11.33 12.33
CA ALA C 356 13.58 11.05 12.17
C ALA C 356 14.38 11.02 13.49
N THR C 357 14.03 11.89 14.44
CA THR C 357 14.68 11.98 15.74
C THR C 357 13.58 12.32 16.74
N SER C 358 13.89 12.25 18.02
CA SER C 358 12.95 12.64 19.09
C SER C 358 12.60 14.11 19.00
N ALA C 359 13.59 14.93 18.60
CA ALA C 359 13.37 16.38 18.58
C ALA C 359 12.56 16.93 17.42
N THR C 360 12.57 16.28 16.26
CA THR C 360 11.85 16.80 15.08
C THR C 360 10.33 16.72 15.26
N ARG C 361 9.64 17.71 14.69
CA ARG C 361 8.18 17.78 14.76
C ARG C 361 7.57 17.43 13.42
N LEU C 362 8.42 16.99 12.49
CA LEU C 362 7.98 16.64 11.13
C LEU C 362 7.84 15.13 10.95
N LEU C 363 6.71 14.70 10.42
CA LEU C 363 6.51 13.29 10.08
C LEU C 363 6.98 13.03 8.63
N GLY C 364 7.57 11.86 8.40
CA GLY C 364 7.97 11.46 7.03
C GLY C 364 9.42 11.75 6.71
N PRO D 30 20.19 14.99 34.07
CA PRO D 30 20.14 16.37 34.55
C PRO D 30 19.06 16.56 35.62
N SER D 31 19.27 17.57 36.48
CA SER D 31 18.35 17.96 37.55
C SER D 31 18.43 19.48 37.77
N TYR D 32 17.51 20.03 38.56
CA TYR D 32 17.45 21.47 38.76
C TYR D 32 17.32 21.73 40.23
N SER D 33 18.14 22.62 40.77
CA SER D 33 18.12 22.89 42.19
C SER D 33 17.62 24.29 42.39
N LEU D 34 16.53 24.41 43.14
CA LEU D 34 15.90 25.72 43.31
C LEU D 34 16.80 26.60 44.17
N THR D 35 16.94 27.87 43.80
CA THR D 35 17.58 28.85 44.67
C THR D 35 16.63 29.18 45.82
N PRO D 36 17.16 29.76 46.92
CA PRO D 36 16.28 30.22 48.00
C PRO D 36 15.17 31.14 47.49
N ALA D 37 15.51 31.99 46.51
CA ALA D 37 14.56 32.95 45.95
C ALA D 37 13.47 32.22 45.13
N GLU D 38 13.88 31.23 44.34
CA GLU D 38 12.93 30.39 43.57
C GLU D 38 12.03 29.60 44.52
N ALA D 39 12.60 28.99 45.56
CA ALA D 39 11.77 28.18 46.48
C ALA D 39 10.77 29.05 47.18
N SER D 40 11.21 30.26 47.54
CA SER D 40 10.32 31.19 48.21
C SER D 40 9.13 31.54 47.33
N ALA D 41 9.43 31.88 46.07
CA ALA D 41 8.43 32.19 45.05
C ALA D 41 7.38 31.07 44.89
N VAL D 42 7.89 29.84 44.80
CA VAL D 42 7.03 28.67 44.58
C VAL D 42 6.13 28.42 45.79
N ALA D 43 6.74 28.47 46.97
CA ALA D 43 5.96 28.27 48.21
C ALA D 43 4.83 29.29 48.30
N GLU D 44 5.17 30.57 48.15
CA GLU D 44 4.13 31.58 48.24
C GLU D 44 3.06 31.48 47.13
N LEU D 45 3.45 31.10 45.91
CA LEU D 45 2.46 30.90 44.83
C LEU D 45 1.50 29.83 45.28
N THR D 46 2.05 28.79 45.84
CA THR D 46 1.33 27.63 46.25
C THR D 46 0.33 27.93 47.41
N LEU D 47 0.77 28.76 48.36
CA LEU D 47 -0.14 29.19 49.43
C LEU D 47 -1.26 30.07 48.89
N GLU D 48 -0.93 30.97 47.96
CA GLU D 48 -1.92 31.86 47.37
C GLU D 48 -3.01 31.06 46.65
N LEU D 49 -2.61 30.10 45.82
CA LEU D 49 -3.57 29.25 45.14
C LEU D 49 -4.37 28.37 46.10
N ALA D 50 -3.76 27.85 47.16
CA ALA D 50 -4.52 27.07 48.14
C ALA D 50 -5.67 27.90 48.79
N ALA D 51 -5.38 29.12 49.18
CA ALA D 51 -6.39 30.04 49.69
C ALA D 51 -7.41 30.45 48.61
N ALA D 52 -6.98 30.55 47.35
CA ALA D 52 -7.87 31.09 46.30
C ALA D 52 -8.87 30.05 45.77
N TYR D 53 -8.49 28.78 45.81
CA TYR D 53 -9.32 27.70 45.29
C TYR D 53 -9.73 26.75 46.42
N GLY D 54 -10.85 26.07 46.25
CA GLY D 54 -11.45 25.23 47.33
C GLY D 54 -10.84 23.84 47.49
N SER D 55 -10.78 23.11 46.39
CA SER D 55 -10.19 21.79 46.34
C SER D 55 -10.07 21.52 44.86
N PHE D 56 -9.63 20.32 44.50
CA PHE D 56 -9.60 19.93 43.10
C PHE D 56 -11.00 19.66 42.56
N GLY D 57 -11.97 19.66 43.47
CA GLY D 57 -13.39 19.56 43.14
C GLY D 57 -13.85 20.82 42.42
N ASP D 58 -12.95 21.79 42.32
CA ASP D 58 -13.21 22.97 41.50
C ASP D 58 -12.85 22.66 40.04
N PRO D 59 -13.89 22.56 39.19
CA PRO D 59 -13.62 22.45 37.75
C PRO D 59 -12.81 23.67 37.24
N VAL D 60 -12.97 24.83 37.91
CA VAL D 60 -12.27 26.06 37.49
C VAL D 60 -10.77 25.96 37.75
N LEU D 61 -10.39 25.35 38.86
CA LEU D 61 -8.99 25.12 39.09
C LEU D 61 -8.36 24.23 38.00
N LEU D 62 -9.04 23.13 37.65
CA LEU D 62 -8.46 22.25 36.64
C LEU D 62 -8.28 23.00 35.31
N ARG D 63 -9.24 23.88 35.00
CA ARG D 63 -9.20 24.71 33.81
C ARG D 63 -7.98 25.66 33.87
N ASP D 64 -7.78 26.29 35.02
CA ASP D 64 -6.75 27.33 35.11
C ASP D 64 -5.34 26.77 35.23
N LEU D 65 -5.20 25.48 35.48
CA LEU D 65 -3.89 24.88 35.81
C LEU D 65 -2.73 25.30 34.90
N PRO D 66 -2.87 25.20 33.56
CA PRO D 66 -1.70 25.56 32.74
C PRO D 66 -1.33 27.05 32.85
N ARG D 67 -2.34 27.92 32.95
CA ARG D 67 -2.08 29.36 33.06
C ARG D 67 -1.42 29.65 34.41
N LEU D 68 -1.93 28.99 35.44
CA LEU D 68 -1.36 29.12 36.77
C LEU D 68 0.08 28.62 36.82
N ALA D 69 0.37 27.53 36.09
CA ALA D 69 1.73 27.01 36.10
C ALA D 69 2.73 27.98 35.45
N ALA D 70 2.24 28.84 34.55
CA ALA D 70 3.14 29.83 33.93
C ALA D 70 3.55 30.92 34.92
N ARG D 71 3.00 30.88 36.14
CA ARG D 71 3.48 31.72 37.23
C ARG D 71 4.64 31.14 38.00
N LEU D 72 4.99 29.88 37.73
CA LEU D 72 6.18 29.29 38.33
C LEU D 72 7.45 30.02 37.83
N PRO D 73 8.58 29.87 38.53
CA PRO D 73 9.79 30.54 38.04
C PRO D 73 10.10 30.12 36.60
N GLU D 74 10.58 31.08 35.82
CA GLU D 74 10.86 30.83 34.42
C GLU D 74 11.86 29.71 34.20
N GLY D 75 12.92 29.70 35.02
CA GLY D 75 13.96 28.68 34.97
C GLY D 75 13.36 27.27 35.08
N VAL D 76 12.38 27.14 35.97
CA VAL D 76 11.72 25.86 36.26
C VAL D 76 10.89 25.41 35.07
N GLN D 77 10.06 26.33 34.55
CA GLN D 77 9.23 26.03 33.36
C GLN D 77 10.09 25.57 32.18
N ASP D 78 11.18 26.30 31.94
CA ASP D 78 12.05 25.94 30.84
C ASP D 78 12.76 24.62 31.08
N PHE D 79 13.12 24.33 32.32
CA PHE D 79 13.81 23.08 32.63
C PHE D 79 12.89 21.88 32.36
N LEU D 80 11.66 21.99 32.84
CA LEU D 80 10.69 20.89 32.65
C LEU D 80 10.34 20.75 31.18
N ARG D 81 10.24 21.89 30.47
CA ARG D 81 9.92 21.83 29.06
C ARG D 81 11.04 21.13 28.27
N GLU D 82 12.29 21.42 28.63
CA GLU D 82 13.42 20.76 27.96
C GLU D 82 13.46 19.25 28.15
N PHE D 83 13.15 18.80 29.36
CA PHE D 83 13.06 17.38 29.72
C PHE D 83 11.96 16.74 28.85
N LYS D 84 10.78 17.36 28.84
CA LYS D 84 9.62 16.87 28.04
C LYS D 84 9.96 16.74 26.53
N LEU D 85 10.55 17.79 25.94
CA LEU D 85 10.78 17.78 24.48
C LEU D 85 12.03 16.95 24.13
N ALA D 86 13.00 16.91 25.02
CA ALA D 86 14.17 16.07 24.79
C ALA D 86 13.78 14.62 24.53
N ASP D 87 12.80 14.12 25.27
CA ASP D 87 12.44 12.69 25.12
C ASP D 87 13.70 11.82 25.12
N ARG D 88 14.54 12.03 26.12
CA ARG D 88 15.86 11.43 26.19
C ARG D 88 16.03 10.65 27.50
N HIS D 89 15.66 11.24 28.64
CA HIS D 89 15.97 10.62 29.93
C HIS D 89 14.75 10.09 30.62
N GLY D 90 14.93 9.01 31.37
CA GLY D 90 13.80 8.37 32.09
C GLY D 90 13.24 9.16 33.25
N HIS D 91 14.01 10.09 33.80
CA HIS D 91 13.53 10.89 34.92
C HIS D 91 14.30 12.18 35.03
N THR D 92 13.72 13.14 35.75
CA THR D 92 14.42 14.29 36.37
C THR D 92 13.89 14.60 37.75
N VAL D 93 14.59 15.51 38.44
CA VAL D 93 14.27 15.97 39.76
C VAL D 93 14.41 17.49 39.81
N ILE D 94 13.44 18.14 40.44
CA ILE D 94 13.58 19.51 40.84
C ILE D 94 13.73 19.44 42.35
N ARG D 95 14.92 19.81 42.81
CA ARG D 95 15.25 19.74 44.24
C ARG D 95 15.07 21.09 44.89
N GLY D 96 14.86 21.07 46.21
CA GLY D 96 15.01 22.25 47.04
C GLY D 96 13.77 23.07 47.26
N HIS D 97 12.59 22.44 47.19
CA HIS D 97 11.33 23.13 47.49
C HIS D 97 11.22 23.33 48.98
N ASP D 98 10.51 24.38 49.37
CA ASP D 98 10.20 24.67 50.76
C ASP D 98 8.89 23.99 51.17
N PHE D 99 9.01 22.78 51.70
CA PHE D 99 7.82 22.08 52.19
C PHE D 99 7.71 22.24 53.73
N ASP D 100 7.00 23.28 54.13
CA ASP D 100 6.82 23.65 55.55
C ASP D 100 6.30 22.47 56.39
N GLN D 101 7.19 21.85 57.16
CA GLN D 101 6.82 20.64 57.94
C GLN D 101 5.72 20.88 59.00
N ARG D 102 5.77 22.00 59.71
CA ARG D 102 4.76 22.28 60.74
C ARG D 102 3.37 22.36 60.15
N ARG D 103 3.22 23.14 59.08
CA ARG D 103 1.97 23.28 58.34
C ARG D 103 1.52 21.93 57.78
N ILE D 104 2.41 21.26 57.06
CA ILE D 104 2.06 19.94 56.48
C ILE D 104 1.54 18.97 57.56
N GLY D 105 2.25 18.97 58.70
CA GLY D 105 1.87 18.12 59.82
C GLY D 105 2.21 16.65 59.65
N PRO D 106 1.64 15.80 60.53
CA PRO D 106 2.00 14.39 60.64
C PRO D 106 1.50 13.52 59.49
N THR D 107 2.34 12.56 59.10
CA THR D 107 2.03 11.54 58.09
C THR D 107 0.78 10.79 58.54
N PRO D 108 -0.29 10.79 57.71
CA PRO D 108 -1.53 10.16 58.14
C PRO D 108 -1.39 8.66 58.36
N ASP D 109 -2.39 8.06 59.01
CA ASP D 109 -2.44 6.60 59.20
C ASP D 109 -3.09 5.90 58.04
N HIS D 110 -3.91 6.63 57.29
CA HIS D 110 -4.64 6.09 56.15
C HIS D 110 -5.16 7.25 55.34
N TRP D 111 -5.48 7.02 54.08
CA TRP D 111 -5.94 8.10 53.22
C TRP D 111 -7.42 8.26 53.33
N ARG D 112 -8.11 7.15 53.61
CA ARG D 112 -9.57 7.10 53.50
C ARG D 112 -10.23 7.99 54.54
N GLY D 113 -11.24 8.74 54.10
CA GLY D 113 -11.81 9.79 54.94
C GLY D 113 -10.90 10.99 54.81
N ARG D 114 -10.05 11.22 55.82
CA ARG D 114 -9.20 12.44 55.94
C ARG D 114 -9.93 13.71 55.52
N VAL D 115 -9.85 14.76 56.34
CA VAL D 115 -10.41 16.04 55.93
C VAL D 115 -9.73 16.42 54.59
N ARG D 116 -10.52 16.60 53.54
CA ARG D 116 -9.98 16.87 52.21
C ARG D 116 -10.42 18.23 51.66
N PRO D 117 -9.48 19.08 51.24
CA PRO D 117 -8.01 18.93 51.31
C PRO D 117 -7.42 19.28 52.67
N GLY D 118 -6.28 18.67 52.98
CA GLY D 118 -5.57 18.97 54.21
C GLY D 118 -4.64 20.17 54.15
N PRO D 119 -3.90 20.40 55.24
CA PRO D 119 -2.95 21.50 55.38
C PRO D 119 -1.86 21.45 54.30
N GLU D 120 -1.64 20.25 53.74
CA GLU D 120 -0.67 20.04 52.65
C GLU D 120 -1.22 20.32 51.24
N PHE D 121 -2.44 20.85 51.16
CA PHE D 121 -3.03 21.27 49.89
C PHE D 121 -2.04 22.04 49.00
N PRO D 122 -1.26 22.99 49.58
CA PRO D 122 -0.35 23.75 48.70
C PRO D 122 0.59 22.86 47.89
N GLU D 123 1.13 21.83 48.53
CA GLU D 123 2.02 20.88 47.89
C GLU D 123 1.29 20.01 46.87
N GLU D 124 0.03 19.68 47.10
CA GLU D 124 -0.80 18.96 46.11
C GLU D 124 -0.99 19.84 44.86
N LEU D 125 -1.34 21.11 45.09
CA LEU D 125 -1.45 22.11 44.01
C LEU D 125 -0.18 22.25 43.23
N LEU D 126 0.98 22.32 43.90
CA LEU D 126 2.26 22.33 43.19
C LEU D 126 2.36 21.22 42.17
N LEU D 127 2.09 20.00 42.60
CA LEU D 127 2.22 18.84 41.68
C LEU D 127 1.20 18.91 40.53
N MET D 128 0.04 19.47 40.81
CA MET D 128 -0.93 19.71 39.74
C MET D 128 -0.43 20.76 38.73
N LEU D 129 0.23 21.81 39.26
CA LEU D 129 0.84 22.80 38.36
C LEU D 129 1.85 22.13 37.46
N TYR D 130 2.75 21.35 38.06
CA TYR D 130 3.73 20.56 37.30
C TYR D 130 3.08 19.63 36.29
N SER D 131 1.96 19.00 36.67
CA SER D 131 1.32 18.04 35.76
C SER D 131 0.81 18.75 34.50
N ALA D 132 0.33 19.98 34.66
CA ALA D 132 -0.17 20.74 33.51
C ALA D 132 0.95 21.18 32.60
N LEU D 133 2.17 21.26 33.11
CA LEU D 133 3.33 21.57 32.28
C LEU D 133 3.69 20.37 31.42
N LEU D 134 3.48 19.17 31.97
CA LEU D 134 3.76 17.96 31.21
C LEU D 134 2.64 17.42 30.34
N GLY D 135 1.40 17.63 30.75
CA GLY D 135 0.23 17.12 30.02
C GLY D 135 -1.05 17.43 30.75
N GLU D 136 -1.79 16.39 31.14
CA GLU D 136 -3.04 16.58 31.89
C GLU D 136 -3.04 15.63 33.07
N PRO D 137 -3.32 16.15 34.29
CA PRO D 137 -3.50 15.16 35.34
C PRO D 137 -4.77 14.29 35.09
N PHE D 138 -4.66 13.00 35.43
CA PHE D 138 -5.81 12.11 35.35
C PHE D 138 -5.65 11.08 36.46
N GLY D 139 -6.69 10.28 36.67
CA GLY D 139 -6.70 9.30 37.75
C GLY D 139 -7.62 8.13 37.42
N TRP D 140 -7.88 7.30 38.44
CA TRP D 140 -8.70 6.08 38.30
C TRP D 140 -9.79 6.15 39.30
N ALA D 141 -11.03 5.90 38.86
CA ALA D 141 -12.20 6.10 39.71
C ALA D 141 -12.09 5.33 41.03
N THR D 142 -11.48 4.16 40.97
CA THR D 142 -11.54 3.21 42.09
C THR D 142 -10.31 3.26 42.96
N GLN D 143 -9.43 4.21 42.66
CA GLN D 143 -8.17 4.30 43.38
C GLN D 143 -8.18 5.51 44.26
N GLN D 144 -7.94 5.29 45.55
CA GLN D 144 -7.99 6.36 46.55
C GLN D 144 -9.16 7.34 46.38
N ASP D 145 -10.38 6.78 46.27
CA ASP D 145 -11.63 7.56 46.10
C ASP D 145 -11.56 8.52 44.90
N GLY D 146 -10.80 8.15 43.87
CA GLY D 146 -10.64 8.98 42.67
C GLY D 146 -9.94 10.34 42.78
N HIS D 147 -9.19 10.56 43.86
CA HIS D 147 -8.36 11.75 43.99
C HIS D 147 -7.31 11.80 42.90
N LEU D 148 -7.10 13.01 42.37
CA LEU D 148 -6.10 13.21 41.31
C LEU D 148 -4.68 13.24 41.89
N VAL D 149 -4.57 13.62 43.17
CA VAL D 149 -3.27 13.57 43.83
C VAL D 149 -3.31 12.43 44.85
N HIS D 150 -2.47 11.42 44.67
CA HIS D 150 -2.50 10.22 45.51
C HIS D 150 -1.55 10.40 46.65
N ASP D 151 -1.84 9.71 47.75
CA ASP D 151 -0.89 9.54 48.86
C ASP D 151 -0.04 8.29 48.74
N ILE D 152 1.22 8.40 49.17
CA ILE D 152 2.12 7.26 49.32
C ILE D 152 2.74 7.36 50.72
N PHE D 153 2.26 6.50 51.62
CA PHE D 153 2.81 6.43 52.99
C PHE D 153 2.54 5.05 53.58
N PRO D 154 3.41 4.57 54.50
CA PRO D 154 3.19 3.21 55.01
C PRO D 154 1.92 3.12 55.87
N ILE D 155 1.15 2.07 55.60
CA ILE D 155 -0.06 1.75 56.38
C ILE D 155 0.17 0.36 57.02
N ARG D 156 -0.07 0.26 58.33
CA ARG D 156 0.16 -0.98 59.10
C ARG D 156 -0.34 -2.21 58.33
N SER D 157 -1.65 -2.24 58.06
CA SER D 157 -2.30 -3.39 57.41
C SER D 157 -1.76 -3.80 56.04
N HIS D 158 -0.95 -2.95 55.41
CA HIS D 158 -0.40 -3.21 54.07
C HIS D 158 1.09 -3.50 54.10
N GLU D 159 1.63 -3.77 55.29
CA GLU D 159 3.07 -3.94 55.50
C GLU D 159 3.76 -5.02 54.63
N ASN D 160 3.05 -6.09 54.32
CA ASN D 160 3.65 -7.22 53.59
C ASN D 160 3.28 -7.35 52.11
N ASP D 161 2.55 -6.36 51.60
CA ASP D 161 2.14 -6.35 50.20
C ASP D 161 3.08 -5.54 49.31
N GLN D 162 3.00 -5.82 48.02
CA GLN D 162 3.65 -5.04 46.96
C GLN D 162 2.74 -3.89 46.56
N LEU D 163 2.61 -2.89 47.43
CA LEU D 163 1.78 -1.74 47.15
C LEU D 163 2.54 -0.46 47.45
N GLY D 164 2.10 0.65 46.85
CA GLY D 164 2.63 1.97 47.22
C GLY D 164 2.60 2.18 48.74
N MET D 165 1.54 1.70 49.39
CA MET D 165 1.36 1.92 50.85
C MET D 165 2.12 0.89 51.74
N GLY D 166 2.93 0.03 51.12
CA GLY D 166 3.75 -0.95 51.84
C GLY D 166 5.05 -0.37 52.38
N SER D 167 5.99 -1.23 52.77
CA SER D 167 7.28 -0.77 53.31
C SER D 167 8.31 -1.89 53.42
N LYS D 168 7.99 -2.89 54.27
CA LYS D 168 8.88 -4.03 54.55
C LYS D 168 9.32 -4.80 53.32
N GLN D 169 8.37 -5.03 52.41
CA GLN D 169 8.61 -5.78 51.19
C GLN D 169 9.10 -4.89 50.04
N LEU D 170 10.12 -5.35 49.32
CA LEU D 170 10.59 -4.70 48.08
C LEU D 170 9.42 -4.46 47.15
N LEU D 171 9.32 -3.26 46.59
CA LEU D 171 8.34 -3.00 45.53
C LEU D 171 9.05 -3.24 44.19
N THR D 172 8.75 -4.34 43.52
CA THR D 172 9.56 -4.73 42.38
C THR D 172 9.31 -3.70 41.24
N TRP D 173 10.33 -3.45 40.41
CA TRP D 173 10.21 -2.37 39.44
C TRP D 173 9.25 -2.67 38.33
N HIS D 174 8.67 -1.61 37.75
CA HIS D 174 7.56 -1.73 36.83
C HIS D 174 7.39 -0.44 36.02
N THR D 175 6.82 -0.58 34.82
CA THR D 175 6.15 0.53 34.14
C THR D 175 4.83 0.69 34.91
N GLU D 176 4.40 1.93 35.18
CA GLU D 176 3.08 2.08 35.81
C GLU D 176 1.98 1.61 34.87
N ASP D 177 1.11 0.73 35.37
CA ASP D 177 -0.03 0.20 34.57
C ASP D 177 0.39 -0.32 33.20
N ALA D 178 1.46 -1.13 33.20
CA ALA D 178 2.08 -1.65 32.01
C ALA D 178 1.05 -2.30 31.12
N PHE D 179 0.10 -3.01 31.72
CA PHE D 179 -0.97 -3.70 31.00
C PHE D 179 -1.94 -2.79 30.22
N HIS D 180 -2.02 -1.51 30.61
CA HIS D 180 -3.16 -0.63 30.22
C HIS D 180 -2.81 0.26 29.05
N PRO D 181 -3.65 0.27 27.99
CA PRO D 181 -3.31 1.11 26.83
C PRO D 181 -3.31 2.61 27.21
N TYR D 182 -4.05 2.96 28.24
CA TYR D 182 -4.13 4.37 28.66
C TYR D 182 -3.35 4.64 29.95
N ARG D 183 -2.29 3.87 30.14
CA ARG D 183 -1.40 4.11 31.26
C ARG D 183 -0.82 5.50 31.21
N SER D 184 -0.31 5.95 32.37
CA SER D 184 0.38 7.24 32.49
C SER D 184 1.48 7.38 31.43
N ASP D 185 1.63 8.62 30.97
CA ASP D 185 2.82 9.00 30.19
C ASP D 185 3.96 9.46 31.08
N TYR D 186 3.64 10.19 32.17
CA TYR D 186 4.60 10.59 33.20
C TYR D 186 4.00 10.37 34.59
N LEU D 187 4.90 10.22 35.55
N LEU D 187 4.87 10.17 35.57
CA LEU D 187 4.53 10.14 36.97
CA LEU D 187 4.41 10.21 36.96
C LEU D 187 5.24 11.28 37.69
C LEU D 187 5.20 11.29 37.66
N ILE D 188 4.52 11.97 38.57
CA ILE D 188 5.13 13.04 39.37
C ILE D 188 5.06 12.60 40.84
N LEU D 189 6.23 12.47 41.47
CA LEU D 189 6.33 12.12 42.90
C LEU D 189 6.96 13.26 43.69
N GLY D 190 6.18 13.81 44.63
CA GLY D 190 6.65 14.93 45.42
C GLY D 190 6.90 14.41 46.84
N ALA D 191 8.10 14.63 47.36
CA ALA D 191 8.45 14.06 48.68
C ALA D 191 8.15 15.07 49.78
N LEU D 192 7.03 14.88 50.48
CA LEU D 192 6.69 15.74 51.61
C LEU D 192 7.73 15.53 52.72
N ARG D 193 8.13 14.27 52.89
CA ARG D 193 9.23 13.90 53.78
C ARG D 193 9.71 12.51 53.44
N ASN D 194 10.96 12.25 53.81
CA ASN D 194 11.59 10.96 53.62
C ASN D 194 12.78 10.90 54.58
N PRO D 195 12.51 10.90 55.90
CA PRO D 195 13.59 11.07 56.90
C PRO D 195 14.70 10.01 56.82
N ASP D 196 14.34 8.77 56.51
CA ASP D 196 15.33 7.73 56.37
C ASP D 196 15.90 7.52 54.96
N HIS D 197 15.60 8.45 54.05
CA HIS D 197 16.18 8.48 52.70
C HIS D 197 15.99 7.20 51.89
N VAL D 198 14.78 6.63 51.98
CA VAL D 198 14.39 5.44 51.25
C VAL D 198 14.40 5.77 49.75
N PRO D 199 15.18 5.01 48.97
CA PRO D 199 15.29 5.26 47.53
C PRO D 199 14.11 4.71 46.71
N THR D 200 13.71 5.49 45.71
CA THR D 200 12.87 5.02 44.63
C THR D 200 13.85 4.42 43.64
N THR D 201 13.57 3.24 43.10
CA THR D 201 14.48 2.75 42.09
C THR D 201 13.98 3.23 40.76
N VAL D 202 14.91 3.64 39.89
CA VAL D 202 14.55 4.09 38.55
C VAL D 202 15.54 3.51 37.57
N GLY D 203 15.04 2.92 36.49
CA GLY D 203 15.92 2.36 35.45
C GLY D 203 15.50 2.60 34.00
N GLU D 204 16.52 2.81 33.16
CA GLU D 204 16.34 3.06 31.74
C GLU D 204 16.72 1.86 30.90
N LEU D 205 16.55 1.98 29.58
CA LEU D 205 16.87 0.91 28.64
C LEU D 205 18.19 1.17 27.96
N ASP D 206 19.17 0.29 28.19
CA ASP D 206 20.45 0.40 27.49
C ASP D 206 20.38 -0.47 26.25
N LEU D 207 20.06 0.16 25.13
CA LEU D 207 19.78 -0.55 23.88
C LEU D 207 20.98 -1.38 23.43
N SER D 208 22.18 -0.87 23.72
CA SER D 208 23.43 -1.42 23.17
C SER D 208 23.75 -2.84 23.67
N SER D 209 23.22 -3.19 24.83
CA SER D 209 23.47 -4.49 25.45
C SER D 209 22.72 -5.66 24.78
N LEU D 210 21.81 -5.33 23.86
CA LEU D 210 20.88 -6.30 23.30
C LEU D 210 21.08 -6.51 21.81
N SER D 211 21.09 -7.78 21.39
CA SER D 211 21.09 -8.13 19.96
C SER D 211 19.88 -7.53 19.22
N ALA D 212 20.05 -7.29 17.93
CA ALA D 212 18.98 -6.70 17.10
C ALA D 212 17.86 -7.71 16.83
N GLU D 213 18.21 -8.99 16.98
CA GLU D 213 17.26 -10.08 16.88
C GLU D 213 16.29 -10.01 18.07
N ASP D 214 16.83 -9.96 19.29
CA ASP D 214 16.01 -9.79 20.51
C ASP D 214 15.17 -8.53 20.47
N ILE D 215 15.77 -7.40 20.10
CA ILE D 215 14.97 -6.19 19.95
C ILE D 215 13.75 -6.48 19.06
N ASP D 216 13.96 -7.07 17.88
CA ASP D 216 12.85 -7.33 16.95
C ASP D 216 11.72 -8.16 17.59
N VAL D 217 12.09 -9.23 18.29
CA VAL D 217 11.08 -10.10 18.92
C VAL D 217 10.36 -9.34 20.05
N LEU D 218 11.10 -8.48 20.76
CA LEU D 218 10.49 -7.64 21.81
C LEU D 218 9.44 -6.65 21.27
N PHE D 219 9.57 -6.28 19.99
CA PHE D 219 8.61 -5.37 19.34
C PHE D 219 7.35 -6.11 18.94
N GLU D 220 7.38 -7.44 19.03
CA GLU D 220 6.24 -8.25 18.56
C GLU D 220 5.31 -8.67 19.72
N PRO D 221 4.03 -8.89 19.41
CA PRO D 221 3.01 -9.19 20.43
C PRO D 221 3.11 -10.64 20.96
N ARG D 222 4.09 -10.88 21.79
CA ARG D 222 4.39 -12.23 22.18
C ARG D 222 4.34 -12.46 23.70
N TYR D 223 3.94 -11.42 24.44
CA TYR D 223 4.11 -11.45 25.92
C TYR D 223 2.79 -11.21 26.65
N HIS D 224 2.59 -11.88 27.78
CA HIS D 224 1.40 -11.68 28.60
C HIS D 224 1.74 -10.75 29.74
N ILE D 225 1.12 -9.58 29.83
CA ILE D 225 1.21 -8.75 31.03
C ILE D 225 -0.20 -8.61 31.60
N ALA D 226 -0.38 -9.14 32.81
CA ALA D 226 -1.66 -9.13 33.51
C ALA D 226 -1.90 -7.82 34.29
N PRO D 227 -3.17 -7.45 34.52
CA PRO D 227 -3.49 -6.30 35.37
C PRO D 227 -3.23 -6.55 36.86
N ASP D 228 -2.95 -5.49 37.63
CA ASP D 228 -3.11 -5.56 39.09
C ASP D 228 -4.54 -5.93 39.43
N GLU D 229 -4.71 -6.66 40.53
CA GLU D 229 -6.04 -6.87 41.10
C GLU D 229 -6.76 -5.51 41.23
N SER D 230 -6.03 -4.49 41.71
CA SER D 230 -6.44 -3.08 41.68
C SER D 230 -7.49 -2.81 40.59
N HIS D 231 -7.15 -3.11 39.34
CA HIS D 231 -8.05 -2.86 38.22
C HIS D 231 -8.91 -4.07 37.94
N MET D 253 -11.37 -8.17 29.04
CA MET D 253 -10.06 -7.52 29.23
C MET D 253 -9.00 -8.55 29.65
N ILE D 254 -9.20 -9.11 30.83
CA ILE D 254 -8.54 -10.33 31.30
C ILE D 254 -9.06 -11.54 30.49
N ASP D 255 -10.20 -11.34 29.81
CA ASP D 255 -10.98 -12.43 29.23
C ASP D 255 -10.59 -12.88 27.82
N GLU D 256 -9.87 -12.04 27.08
CA GLU D 256 -9.28 -12.44 25.79
C GLU D 256 -7.83 -12.91 26.04
N ARG D 257 -7.17 -12.23 26.97
CA ARG D 257 -5.77 -12.52 27.37
C ARG D 257 -4.78 -12.33 26.20
N PRO D 258 -4.81 -11.14 25.56
CA PRO D 258 -3.98 -10.91 24.37
C PRO D 258 -2.50 -10.85 24.71
N LEU D 259 -1.67 -11.19 23.74
CA LEU D 259 -0.26 -11.01 23.89
C LEU D 259 0.04 -9.62 23.34
N GLY D 260 1.08 -8.98 23.88
CA GLY D 260 1.53 -7.69 23.39
C GLY D 260 3.05 -7.61 23.48
N PRO D 261 3.64 -6.53 22.93
CA PRO D 261 5.06 -6.24 22.92
C PRO D 261 5.53 -5.62 24.24
N LEU D 262 6.83 -5.71 24.49
CA LEU D 262 7.50 -5.05 25.60
C LEU D 262 8.20 -3.76 25.19
N LEU D 263 8.50 -3.65 23.91
CA LEU D 263 9.14 -2.47 23.37
C LEU D 263 8.29 -1.94 22.22
N TYR D 264 8.31 -0.62 22.05
CA TYR D 264 7.47 0.00 21.04
C TYR D 264 8.02 1.38 20.67
N GLY D 265 7.45 2.00 19.64
CA GLY D 265 7.97 3.29 19.16
C GLY D 265 9.06 3.03 18.12
N SER D 266 10.16 3.79 18.21
CA SER D 266 11.23 3.68 17.24
C SER D 266 12.12 2.53 17.59
N ARG D 267 12.32 1.63 16.63
CA ARG D 267 13.24 0.51 16.80
C ARG D 267 14.62 0.97 17.19
N LEU D 268 14.96 2.16 16.74
CA LEU D 268 16.25 2.76 17.02
C LEU D 268 16.37 3.27 18.46
N ASP D 269 15.24 3.59 19.08
CA ASP D 269 15.27 4.26 20.36
C ASP D 269 13.94 3.96 21.10
N PRO D 270 13.81 2.72 21.61
CA PRO D 270 12.48 2.25 21.99
C PRO D 270 11.97 2.76 23.33
N TYR D 271 10.66 2.89 23.38
CA TYR D 271 9.96 3.03 24.64
C TYR D 271 9.71 1.62 25.18
N MET D 272 9.46 1.49 26.47
CA MET D 272 9.25 0.15 26.99
C MET D 272 7.98 0.05 27.84
N ARG D 273 7.44 -1.17 27.95
CA ARG D 273 6.40 -1.43 28.94
C ARG D 273 6.65 -2.77 29.60
N LEU D 274 7.01 -2.71 30.87
CA LEU D 274 7.47 -3.87 31.60
C LEU D 274 6.79 -3.95 32.96
N ASP D 275 6.53 -5.18 33.44
CA ASP D 275 6.06 -5.35 34.82
C ASP D 275 6.29 -6.84 35.11
N PRO D 276 7.53 -7.18 35.48
CA PRO D 276 7.92 -8.60 35.55
C PRO D 276 7.04 -9.41 36.48
N TYR D 277 6.60 -8.80 37.59
CA TYR D 277 5.79 -9.50 38.56
C TYR D 277 4.48 -10.02 37.96
N PHE D 278 3.96 -9.32 36.93
CA PHE D 278 2.72 -9.68 36.29
C PHE D 278 2.89 -10.19 34.85
N THR D 279 4.10 -10.65 34.53
CA THR D 279 4.43 -11.09 33.19
C THR D 279 4.62 -12.61 33.08
N SER D 280 4.04 -13.19 32.04
CA SER D 280 4.44 -14.54 31.64
C SER D 280 4.69 -14.63 30.15
N VAL D 281 5.37 -15.69 29.71
CA VAL D 281 5.67 -15.87 28.29
C VAL D 281 5.27 -17.30 27.89
N PRO D 282 4.49 -17.44 26.79
CA PRO D 282 4.04 -18.78 26.37
C PRO D 282 5.22 -19.75 26.20
N GLN D 283 5.06 -20.94 26.77
CA GLN D 283 6.18 -21.86 26.90
C GLN D 283 6.85 -22.18 25.57
N ASP D 284 6.04 -22.37 24.54
CA ASP D 284 6.56 -22.75 23.23
C ASP D 284 7.48 -21.67 22.66
N ASP D 285 7.25 -20.42 23.01
CA ASP D 285 7.90 -19.30 22.32
C ASP D 285 9.32 -19.08 22.83
N THR D 286 10.21 -19.97 22.41
CA THR D 286 11.60 -19.98 22.86
C THR D 286 12.31 -18.67 22.57
N ASP D 287 12.03 -18.07 21.41
CA ASP D 287 12.64 -16.79 21.08
C ASP D 287 12.15 -15.67 22.02
N ALA D 288 10.84 -15.60 22.25
CA ALA D 288 10.28 -14.57 23.15
C ALA D 288 10.81 -14.75 24.57
N ARG D 289 10.91 -15.99 25.04
CA ARG D 289 11.49 -16.23 26.36
C ARG D 289 12.95 -15.82 26.43
N ARG D 290 13.71 -16.12 25.38
CA ARG D 290 15.13 -15.71 25.38
C ARG D 290 15.22 -14.19 25.43
N ALA D 291 14.43 -13.51 24.61
CA ALA D 291 14.58 -12.06 24.47
C ALA D 291 14.12 -11.34 25.74
N TYR D 292 13.12 -11.92 26.40
CA TYR D 292 12.60 -11.32 27.61
C TYR D 292 13.62 -11.45 28.73
N ASP D 293 14.17 -12.65 28.93
CA ASP D 293 15.19 -12.86 29.97
C ASP D 293 16.35 -11.88 29.74
N ALA D 294 16.77 -11.70 28.49
CA ALA D 294 17.83 -10.73 28.18
C ALA D 294 17.42 -9.30 28.56
N LEU D 295 16.19 -8.91 28.18
CA LEU D 295 15.68 -7.56 28.51
C LEU D 295 15.64 -7.38 30.01
N PHE D 296 15.09 -8.36 30.72
CA PHE D 296 15.01 -8.25 32.15
C PHE D 296 16.39 -8.00 32.76
N LYS D 297 17.37 -8.77 32.34
CA LYS D 297 18.70 -8.69 32.98
C LYS D 297 19.35 -7.29 32.78
N VAL D 298 19.16 -6.74 31.59
CA VAL D 298 19.66 -5.42 31.24
C VAL D 298 18.97 -4.35 32.07
N VAL D 299 17.65 -4.37 32.11
CA VAL D 299 16.93 -3.40 32.92
C VAL D 299 17.28 -3.58 34.41
N ASP D 300 17.29 -4.82 34.91
CA ASP D 300 17.53 -5.01 36.35
C ASP D 300 18.95 -4.56 36.72
N SER D 301 19.94 -4.89 35.90
CA SER D 301 21.32 -4.50 36.23
C SER D 301 21.50 -2.99 36.15
N GLY D 302 20.68 -2.32 35.36
CA GLY D 302 20.80 -0.88 35.14
C GLY D 302 20.06 0.00 36.12
N MET D 303 19.32 -0.60 37.07
CA MET D 303 18.54 0.15 38.06
C MET D 303 19.40 1.08 38.91
N ARG D 304 18.93 2.32 39.11
CA ARG D 304 19.59 3.29 40.00
C ARG D 304 18.71 3.66 41.19
N GLU D 305 19.37 3.96 42.31
CA GLU D 305 18.68 4.45 43.46
C GLU D 305 18.54 5.97 43.34
N VAL D 306 17.30 6.44 43.39
CA VAL D 306 17.03 7.87 43.36
C VAL D 306 16.28 8.18 44.62
N VAL D 307 16.91 8.94 45.51
CA VAL D 307 16.29 9.30 46.79
C VAL D 307 15.51 10.59 46.58
N ALA D 308 14.19 10.51 46.76
CA ALA D 308 13.38 11.73 46.76
C ALA D 308 13.37 12.22 48.19
N ASP D 309 14.20 13.22 48.47
CA ASP D 309 14.29 13.79 49.79
C ASP D 309 13.23 14.87 49.96
N GLN D 310 12.92 15.21 51.21
CA GLN D 310 11.98 16.29 51.50
C GLN D 310 12.25 17.47 50.58
N GLY D 311 11.20 17.97 49.93
CA GLY D 311 11.31 19.12 49.01
C GLY D 311 11.77 18.77 47.60
N ASP D 312 11.91 17.49 47.32
CA ASP D 312 12.28 16.99 45.99
C ASP D 312 10.98 16.60 45.25
N VAL D 313 10.93 16.90 43.94
CA VAL D 313 9.86 16.41 43.06
C VAL D 313 10.55 15.63 41.94
N LEU D 314 10.24 14.34 41.89
CA LEU D 314 10.78 13.43 40.92
C LEU D 314 9.75 13.19 39.83
N PHE D 315 10.21 13.37 38.60
CA PHE D 315 9.40 13.25 37.37
C PHE D 315 9.91 12.01 36.68
N ILE D 316 9.01 11.04 36.48
CA ILE D 316 9.35 9.78 35.83
C ILE D 316 8.63 9.73 34.48
N ASP D 317 9.38 9.46 33.42
CA ASP D 317 8.84 9.25 32.10
C ASP D 317 8.43 7.79 32.01
N ASN D 318 7.12 7.53 31.95
CA ASN D 318 6.63 6.14 32.00
C ASN D 318 6.88 5.36 30.70
N HIS D 319 7.40 6.04 29.67
CA HIS D 319 7.83 5.35 28.46
C HIS D 319 9.28 4.99 28.44
N ARG D 320 10.09 5.70 29.18
CA ARG D 320 11.52 5.45 29.13
C ARG D 320 12.15 4.89 30.39
N ALA D 321 11.36 4.77 31.46
CA ALA D 321 11.84 4.28 32.75
C ALA D 321 10.84 3.32 33.39
N VAL D 322 11.40 2.32 34.08
CA VAL D 322 10.67 1.54 35.09
C VAL D 322 11.05 2.09 36.46
N HIS D 323 10.20 1.87 37.47
CA HIS D 323 10.51 2.37 38.80
C HIS D 323 9.98 1.41 39.84
N GLY D 324 10.50 1.56 41.06
CA GLY D 324 10.14 0.69 42.18
C GLY D 324 10.57 1.39 43.45
N ARG D 325 10.61 0.66 44.57
CA ARG D 325 10.97 1.30 45.83
C ARG D 325 11.59 0.23 46.74
N LEU D 326 12.62 0.59 47.48
CA LEU D 326 13.33 -0.42 48.30
C LEU D 326 12.63 -0.74 49.62
N PRO D 327 12.93 -1.93 50.21
CA PRO D 327 12.35 -2.25 51.53
C PRO D 327 12.68 -1.18 52.55
N PHE D 328 11.78 -0.89 53.46
CA PHE D 328 12.13 -0.05 54.58
C PHE D 328 11.29 -0.33 55.82
N GLN D 329 11.75 0.18 56.96
CA GLN D 329 11.03 0.04 58.22
C GLN D 329 10.21 1.28 58.56
N ALA D 330 8.89 1.09 58.70
CA ALA D 330 7.99 2.16 59.13
C ALA D 330 7.79 2.20 60.66
N ARG D 331 7.52 3.39 61.18
CA ARG D 331 7.33 3.59 62.63
C ARG D 331 5.86 3.65 62.99
N TYR D 332 5.06 4.21 62.07
CA TYR D 332 3.61 4.33 62.25
C TYR D 332 3.24 5.35 63.33
N ASP D 333 4.06 6.39 63.45
CA ASP D 333 3.87 7.38 64.50
C ASP D 333 3.56 8.78 63.96
N GLY D 334 3.37 8.90 62.64
CA GLY D 334 3.18 10.21 62.01
C GLY D 334 4.45 10.89 61.51
N THR D 335 5.57 10.17 61.50
CA THR D 335 6.84 10.74 61.00
C THR D 335 7.34 10.03 59.74
N ASP D 336 6.56 9.05 59.26
CA ASP D 336 6.95 8.19 58.17
C ASP D 336 7.07 8.96 56.84
N ARG D 337 7.88 8.41 55.95
CA ARG D 337 8.05 8.91 54.58
C ARG D 337 6.68 9.17 53.94
N TRP D 338 6.52 10.31 53.29
CA TRP D 338 5.25 10.66 52.69
C TRP D 338 5.49 11.35 51.37
N LEU D 339 5.01 10.74 50.29
CA LEU D 339 5.06 11.36 48.95
C LEU D 339 3.64 11.56 48.49
N LYS D 340 3.46 12.57 47.64
CA LYS D 340 2.27 12.75 46.90
C LYS D 340 2.58 12.32 45.45
N ARG D 341 1.58 11.80 44.77
CA ARG D 341 1.74 11.37 43.41
C ARG D 341 0.59 11.82 42.47
N VAL D 342 0.98 12.29 41.27
CA VAL D 342 0.02 12.64 40.19
C VAL D 342 0.37 11.84 38.93
N CYS D 343 -0.62 11.21 38.31
CA CYS D 343 -0.41 10.60 36.97
C CYS D 343 -0.71 11.61 35.88
N VAL D 344 0.09 11.58 34.82
CA VAL D 344 -0.08 12.55 33.73
C VAL D 344 -0.32 11.80 32.42
N THR D 345 -1.34 12.23 31.67
CA THR D 345 -1.53 11.78 30.30
C THR D 345 -1.23 12.89 29.28
N SER D 346 -0.57 12.54 28.20
CA SER D 346 -0.35 13.53 27.13
C SER D 346 -1.64 13.79 26.37
N ASP D 347 -2.53 12.80 26.32
CA ASP D 347 -3.75 12.96 25.53
C ASP D 347 -4.98 12.34 26.25
N LEU D 348 -5.71 13.17 26.95
CA LEU D 348 -6.88 12.74 27.74
C LEU D 348 -7.92 12.14 26.83
N ARG D 349 -8.03 12.64 25.58
CA ARG D 349 -9.08 12.11 24.70
C ARG D 349 -8.84 10.70 24.23
N ARG D 350 -7.61 10.23 24.24
CA ARG D 350 -7.33 8.84 23.87
C ARG D 350 -8.11 7.83 24.76
N SER D 351 -8.35 8.20 26.02
CA SER D 351 -9.04 7.29 26.97
C SER D 351 -10.54 7.48 27.02
N ARG D 352 -11.08 8.22 26.04
CA ARG D 352 -12.49 8.62 26.11
C ARG D 352 -13.49 7.45 26.33
N GLU D 353 -13.26 6.34 25.66
CA GLU D 353 -14.11 5.17 25.82
C GLU D 353 -14.16 4.66 27.28
N MET D 354 -13.11 4.91 28.07
CA MET D 354 -13.07 4.43 29.46
C MET D 354 -13.46 5.47 30.50
N ARG D 355 -13.92 6.62 30.05
CA ARG D 355 -14.28 7.69 30.95
C ARG D 355 -15.78 7.88 30.86
N ALA D 356 -16.41 8.14 32.01
CA ALA D 356 -17.89 8.23 32.08
C ALA D 356 -18.45 9.39 31.27
N THR D 357 -17.69 10.48 31.23
CA THR D 357 -18.13 11.68 30.51
C THR D 357 -16.89 12.23 29.77
N SER D 358 -17.08 13.17 28.85
CA SER D 358 -15.90 13.89 28.30
C SER D 358 -15.15 14.69 29.36
N ALA D 359 -15.88 15.26 30.32
CA ALA D 359 -15.28 16.14 31.34
C ALA D 359 -14.43 15.42 32.40
N THR D 360 -14.77 14.19 32.74
CA THR D 360 -14.12 13.55 33.88
C THR D 360 -12.72 13.17 33.48
N ARG D 361 -11.80 13.29 34.43
CA ARG D 361 -10.40 12.81 34.24
C ARG D 361 -10.17 11.43 34.86
N LEU D 362 -11.24 10.74 35.26
CA LEU D 362 -11.07 9.44 35.91
C LEU D 362 -11.49 8.34 34.99
N LEU D 363 -10.62 7.35 34.85
CA LEU D 363 -10.91 6.12 34.12
C LEU D 363 -11.64 5.10 34.98
N GLY D 364 -12.69 4.50 34.40
CA GLY D 364 -13.49 3.45 35.07
C GLY D 364 -14.87 3.94 35.48
FE FE E . 20.73 -21.11 -26.32
FE FE F . 16.67 -26.77 -22.85
C1 AKG G . 21.92 -19.35 -24.26
O1 AKG G . 20.81 -19.83 -24.58
O2 AKG G . 22.08 -18.66 -23.23
C2 AKG G . 23.09 -19.62 -25.11
O5 AKG G . 22.97 -20.41 -26.05
C3 AKG G . 24.43 -18.93 -24.87
C4 AKG G . 24.49 -17.58 -25.57
C5 AKG G . 25.72 -16.75 -25.22
O3 AKG G . 26.48 -17.14 -24.32
O4 AKG G . 25.96 -15.68 -25.86
FE FE H . -20.23 -15.29 -25.01
FE FE I . -17.67 -17.02 -31.91
C1 AKG J . -20.67 -12.49 -24.86
O1 AKG J . -19.77 -13.37 -25.15
O2 AKG J . -20.60 -11.26 -25.11
C2 AKG J . -21.90 -12.93 -24.22
O5 AKG J . -22.08 -14.12 -24.09
C3 AKG J . -22.95 -11.93 -23.73
C4 AKG J . -22.83 -11.70 -22.22
C5 AKG J . -23.81 -10.63 -21.74
O3 AKG J . -24.49 -9.98 -22.56
O4 AKG J . -23.87 -10.42 -20.52
FE FE K . -8.32 20.13 5.21
FE FE L . -2.57 15.46 4.19
C1 AKG M . -7.21 22.79 5.23
O1 AKG M . -6.98 21.71 5.83
O2 AKG M . -6.42 23.75 5.38
C2 AKG M . -8.37 22.89 4.34
O5 AKG M . -9.04 21.89 4.14
C3 AKG M . -8.74 24.20 3.68
C4 AKG M . -9.67 25.04 4.55
C5 AKG M . -9.94 26.43 4.00
O3 AKG M . -9.35 26.83 2.97
O4 AKG M . -10.74 27.20 4.60
FE FE N . 4.63 2.55 40.57
FE FE O . -2.25 0.42 38.76
C1 AKG P . 4.37 4.53 42.57
O1 AKG P . 4.00 4.22 41.41
O2 AKG P . 3.95 5.55 43.19
C2 AKG P . 5.35 3.61 43.17
O5 AKG P . 5.66 2.61 42.53
C3 AKG P . 5.96 3.93 44.51
C4 AKG P . 7.29 4.66 44.34
C5 AKG P . 7.78 5.25 45.66
O3 AKG P . 8.85 5.87 45.65
O4 AKG P . 7.11 5.13 46.74
#